data_7PJN
#
_entry.id   7PJN
#
_cell.length_a   80.180
_cell.length_b   153.050
_cell.length_c   164.010
_cell.angle_alpha   90.000
_cell.angle_beta   90.000
_cell.angle_gamma   90.000
#
_symmetry.space_group_name_H-M   'P 21 21 21'
#
loop_
_entity.id
_entity.type
_entity.pdbx_description
1 polymer 'Isocitrate dehydrogenase [NADP] cytoplasmic'
2 polymer 'Isocitrate dehydrogenase [NADP] cytoplasmic'
3 non-polymer '(E)-3-(1-(5-(2-fluoropropan-2-yl)-3-(2,4,6-trichlorophenyl)isoxazole-4-carbonyl)-3-methyl-1H-indol-4-yl)acrylic acid'
4 non-polymer 'CITRIC ACID'
5 non-polymer GLYCEROL
6 non-polymer 'NADPH DIHYDRO-NICOTINAMIDE-ADENINE-DINUCLEOTIDE PHOSPHATE'
7 water water
#
loop_
_entity_poly.entity_id
_entity_poly.type
_entity_poly.pdbx_seq_one_letter_code
_entity_poly.pdbx_strand_id
1 'polypeptide(L)'
;MSKKISGGSVVEMQGDEMTRIIWELIKEKLIFPYVELDLHSYDLGIENRDATNDQVTKDAAEAIKKHNVGVKCATITPDE
KRVEEFKLKQMWKSPNGTIRNILGGTVFREAIICKNIPRLVSGWVKPIIIGCHAYGDQYRATDFVVPGPGKVEITYTPSD
GTQKVTYLVHNFEEGGGVAMGMYNQDKSIEDFAHSSFQMALSKGWPLYLSTKNTILKKYDGRFKDIFQEIYDKQYKSQFE
AQKIWYEHRLIDDMVAQAMKSEGGFIWACKNYDGDVQSDFVAQGYGSLGMMTSVLVCPDGKTVEAEAAHGTVTRHYRMYQ
KGQETSTNPIASIFAWTRGLAHRAKLDNNKELAFFANALEEVSIETIEAGFMTKDLAACIKGLPNVQRSDYLNTFEFMDK
LGENLKIKLAQAKLLEHHHHHH
;
A,C,D
2 'polypeptide(L)'
;MSKKISGGSVVEMQGDEMTRIIWELIKEKLIFPYVELDLHSYDLGIENRDATNDQVTKDAAEAIKKHNVGVKCATITPDE
KRVEEFKLKQMWKSPNGTIRNILGGTVFREAIICKNIPRLVSGWVKPIIIGCHAYGDQYRATDFVVPGPGKVEITYTPSD
GTQKVTYLVHNFEEGGGVAMGMYNQDKSIEDFAHSSFQMALSKGWPLYLSTKNTILKKYDGRFKDIFQEIYDKQYKSQFE
AQKIWYEHRLIDDMVAQAMKSEGGFIWACKNYDGDVQSDFVAQGYGSLGMMTSVLVCPDGKTVEAEAAHGTVTRHYRMYQ
KGQETSTNPIASIFAWTRGLAHRAKLDNNKELAFFANALEEVSIETIEAGFMTKDLAA(CSD)IKGLPNVQRSDYLNTFE
FMDKLGENLKIKLAQAKLLEHHHHHH
;
B
#
# COMPACT_ATOMS: atom_id res chain seq x y z
N LYS A 3 -10.82 -24.22 35.88
CA LYS A 3 -9.61 -24.31 35.06
C LYS A 3 -8.58 -25.11 35.82
N LYS A 4 -7.42 -25.31 35.20
CA LYS A 4 -6.40 -26.17 35.75
C LYS A 4 -5.47 -25.38 36.69
N ILE A 5 -4.53 -26.08 37.29
CA ILE A 5 -3.59 -25.46 38.22
C ILE A 5 -2.39 -24.93 37.45
N SER A 6 -1.90 -23.76 37.86
CA SER A 6 -0.66 -23.23 37.34
C SER A 6 0.49 -23.90 38.08
N GLY A 7 1.25 -24.73 37.37
CA GLY A 7 2.27 -25.51 38.03
C GLY A 7 3.66 -24.90 38.02
N GLY A 8 3.92 -24.01 37.08
CA GLY A 8 5.22 -23.37 36.98
C GLY A 8 6.24 -24.17 36.18
N SER A 9 7.50 -23.87 36.46
CA SER A 9 8.62 -24.35 35.67
C SER A 9 9.07 -25.73 36.16
N VAL A 10 9.01 -26.73 35.26
CA VAL A 10 9.38 -28.11 35.58
C VAL A 10 10.14 -28.71 34.40
N VAL A 11 11.29 -29.30 34.68
CA VAL A 11 12.09 -29.97 33.65
C VAL A 11 11.72 -31.44 33.63
N GLU A 12 11.40 -31.96 32.47
CA GLU A 12 10.97 -33.33 32.30
C GLU A 12 11.93 -34.02 31.37
N MET A 13 12.25 -35.27 31.66
CA MET A 13 13.16 -36.05 30.83
C MET A 13 12.46 -37.35 30.46
N GLN A 14 12.17 -37.51 29.19
CA GLN A 14 11.57 -38.73 28.67
C GLN A 14 12.62 -39.81 28.52
N GLY A 15 12.20 -41.06 28.72
CA GLY A 15 13.13 -42.16 28.77
C GLY A 15 12.86 -43.25 27.75
N ASP A 16 12.95 -44.51 28.17
CA ASP A 16 13.03 -45.62 27.25
C ASP A 16 12.11 -46.77 27.64
N GLU A 17 11.79 -47.59 26.64
CA GLU A 17 11.13 -48.88 26.83
C GLU A 17 9.91 -48.77 27.74
N MET A 18 9.74 -49.72 28.67
CA MET A 18 8.47 -49.81 29.36
C MET A 18 8.20 -48.55 30.17
N THR A 19 9.23 -47.94 30.76
CA THR A 19 8.99 -46.73 31.54
C THR A 19 8.54 -45.59 30.65
N ARG A 20 9.01 -45.53 29.41
CA ARG A 20 8.54 -44.49 28.49
C ARG A 20 7.03 -44.58 28.27
N ILE A 21 6.50 -45.79 28.19
CA ILE A 21 5.06 -45.95 28.01
C ILE A 21 4.31 -45.50 29.27
N ILE A 22 4.73 -45.99 30.43
CA ILE A 22 4.10 -45.57 31.68
C ILE A 22 4.18 -44.06 31.83
N TRP A 23 5.30 -43.47 31.44
CA TRP A 23 5.51 -42.03 31.60
C TRP A 23 4.42 -41.24 30.89
N GLU A 24 4.17 -41.56 29.62
CA GLU A 24 3.12 -40.88 28.87
C GLU A 24 1.76 -41.16 29.49
N LEU A 25 1.53 -42.39 29.96
CA LEU A 25 0.26 -42.68 30.61
C LEU A 25 0.09 -41.81 31.85
N ILE A 26 1.16 -41.63 32.63
CA ILE A 26 1.08 -40.79 33.83
C ILE A 26 0.76 -39.36 33.45
N LYS A 27 1.42 -38.85 32.41
CA LYS A 27 1.22 -37.45 32.02
C LYS A 27 -0.19 -37.23 31.52
N GLU A 28 -0.64 -38.10 30.61
CA GLU A 28 -1.93 -37.90 29.96
C GLU A 28 -3.09 -38.11 30.93
N LYS A 29 -2.97 -39.06 31.86
CA LYS A 29 -4.07 -39.47 32.72
C LYS A 29 -4.05 -38.86 34.12
N LEU A 30 -2.88 -38.51 34.65
CA LEU A 30 -2.79 -38.08 36.05
C LEU A 30 -2.31 -36.65 36.24
N ILE A 31 -1.53 -36.09 35.30
CA ILE A 31 -0.94 -34.76 35.45
C ILE A 31 -1.67 -33.72 34.59
N PHE A 32 -1.62 -33.90 33.26
CA PHE A 32 -2.10 -32.85 32.37
C PHE A 32 -3.60 -32.55 32.52
N PRO A 33 -4.46 -33.48 32.91
CA PRO A 33 -5.88 -33.09 33.13
C PRO A 33 -6.05 -32.07 34.24
N TYR A 34 -5.07 -31.93 35.14
CA TYR A 34 -5.22 -31.12 36.32
C TYR A 34 -4.19 -30.01 36.47
N VAL A 35 -3.08 -30.05 35.73
CA VAL A 35 -2.01 -29.08 35.90
C VAL A 35 -1.46 -28.64 34.55
N GLU A 36 -1.36 -27.31 34.37
CA GLU A 36 -0.58 -26.72 33.29
C GLU A 36 0.82 -26.46 33.80
N LEU A 37 1.83 -26.84 33.01
CA LEU A 37 3.22 -26.68 33.40
C LEU A 37 3.97 -25.89 32.33
N ASP A 38 4.87 -25.01 32.77
CA ASP A 38 5.88 -24.46 31.88
C ASP A 38 6.95 -25.54 31.73
N LEU A 39 6.69 -26.46 30.82
CA LEU A 39 7.43 -27.72 30.74
C LEU A 39 8.69 -27.54 29.88
N HIS A 40 9.85 -27.69 30.51
CA HIS A 40 11.12 -27.74 29.80
C HIS A 40 11.38 -29.22 29.54
N SER A 41 10.90 -29.71 28.41
CA SER A 41 10.91 -31.14 28.13
C SER A 41 12.08 -31.50 27.22
N TYR A 42 12.82 -32.54 27.59
CA TYR A 42 13.97 -33.06 26.87
C TYR A 42 13.81 -34.55 26.68
N ASP A 43 14.08 -35.05 25.47
CA ASP A 43 13.84 -36.45 25.14
C ASP A 43 15.15 -37.21 25.27
N LEU A 44 15.28 -37.98 26.35
CA LEU A 44 16.49 -38.79 26.57
C LEU A 44 16.29 -40.22 26.10
N GLY A 45 15.34 -40.45 25.21
CA GLY A 45 15.25 -41.76 24.58
C GLY A 45 16.58 -42.09 23.95
N ILE A 46 16.89 -43.38 23.83
CA ILE A 46 18.24 -43.74 23.37
C ILE A 46 18.46 -43.28 21.94
N GLU A 47 17.41 -43.29 21.11
CA GLU A 47 17.59 -42.86 19.72
C GLU A 47 17.87 -41.36 19.63
N ASN A 48 17.18 -40.55 20.43
CA ASN A 48 17.43 -39.11 20.36
C ASN A 48 18.78 -38.75 20.94
N ARG A 49 19.24 -39.49 21.96
CA ARG A 49 20.59 -39.28 22.46
C ARG A 49 21.61 -39.57 21.37
N ASP A 50 21.45 -40.70 20.66
CA ASP A 50 22.33 -41.01 19.56
C ASP A 50 22.32 -39.91 18.51
N ALA A 51 21.15 -39.38 18.18
CA ALA A 51 21.06 -38.42 17.09
C ALA A 51 21.66 -37.07 17.46
N THR A 52 21.57 -36.67 18.72
CA THR A 52 22.16 -35.43 19.18
C THR A 52 23.54 -35.63 19.77
N ASN A 53 24.13 -36.82 19.56
CA ASN A 53 25.41 -37.17 20.15
C ASN A 53 25.44 -36.84 21.65
N ASP A 54 24.38 -37.25 22.34
CA ASP A 54 24.23 -37.11 23.79
C ASP A 54 24.11 -35.66 24.23
N GLN A 55 24.02 -34.71 23.30
CA GLN A 55 23.91 -33.31 23.71
C GLN A 55 22.63 -33.05 24.47
N VAL A 56 21.54 -33.71 24.08
CA VAL A 56 20.26 -33.51 24.76
C VAL A 56 20.41 -33.82 26.25
N THR A 57 21.16 -34.87 26.58
CA THR A 57 21.36 -35.24 27.97
C THR A 57 21.99 -34.10 28.75
N LYS A 58 23.05 -33.51 28.21
CA LYS A 58 23.71 -32.42 28.90
C LYS A 58 22.82 -31.19 28.96
N ASP A 59 22.06 -30.92 27.89
CA ASP A 59 21.14 -29.78 27.92
C ASP A 59 20.13 -29.92 29.04
N ALA A 60 19.63 -31.15 29.25
CA ALA A 60 18.65 -31.40 30.31
C ALA A 60 19.23 -31.09 31.69
N ALA A 61 20.47 -31.53 31.94
CA ALA A 61 21.08 -31.28 33.25
C ALA A 61 21.21 -29.79 33.50
N GLU A 62 21.69 -29.06 32.49
CA GLU A 62 21.77 -27.61 32.62
C GLU A 62 20.39 -27.00 32.88
N ALA A 63 19.35 -27.60 32.32
CA ALA A 63 18.00 -27.09 32.54
C ALA A 63 17.57 -27.29 33.99
N ILE A 64 17.80 -28.50 34.52
CA ILE A 64 17.50 -28.78 35.93
C ILE A 64 18.18 -27.76 36.82
N LYS A 65 19.46 -27.46 36.54
CA LYS A 65 20.18 -26.54 37.40
C LYS A 65 19.59 -25.14 37.30
N LYS A 66 19.09 -24.75 36.13
CA LYS A 66 18.51 -23.43 35.97
C LYS A 66 17.14 -23.34 36.62
N HIS A 67 16.31 -24.37 36.45
CA HIS A 67 14.92 -24.30 36.88
C HIS A 67 14.62 -25.06 38.17
N ASN A 68 15.60 -25.76 38.72
CA ASN A 68 15.64 -26.30 40.08
C ASN A 68 14.85 -27.59 40.26
N VAL A 69 13.98 -27.97 39.32
CA VAL A 69 13.09 -29.11 39.50
C VAL A 69 13.11 -29.95 38.24
N GLY A 70 13.55 -31.19 38.37
CA GLY A 70 13.54 -32.14 37.27
C GLY A 70 12.85 -33.42 37.66
N VAL A 71 12.11 -33.98 36.73
CA VAL A 71 11.51 -35.31 36.87
C VAL A 71 12.01 -36.12 35.70
N LYS A 72 12.65 -37.25 35.98
CA LYS A 72 13.29 -38.05 34.95
C LYS A 72 12.68 -39.43 34.85
N CYS A 73 12.52 -39.88 33.61
CA CYS A 73 12.10 -41.22 33.26
C CYS A 73 13.32 -42.11 33.10
N ALA A 74 13.18 -43.39 33.43
CA ALA A 74 14.32 -44.28 33.32
C ALA A 74 14.80 -44.37 31.88
N THR A 75 16.12 -44.47 31.71
CA THR A 75 16.77 -44.45 30.41
C THR A 75 17.65 -45.68 30.24
N ILE A 76 17.95 -46.01 28.98
CA ILE A 76 18.85 -47.10 28.67
C ILE A 76 20.28 -46.59 28.79
N THR A 77 21.07 -47.24 29.64
CA THR A 77 22.50 -46.99 29.65
C THR A 77 23.17 -47.97 28.69
N PRO A 78 23.77 -47.50 27.61
CA PRO A 78 24.25 -48.43 26.59
C PRO A 78 25.40 -49.29 27.06
N ASP A 79 25.37 -50.55 26.67
CA ASP A 79 26.50 -51.46 26.74
C ASP A 79 26.75 -52.01 25.32
N GLU A 80 27.65 -53.00 25.23
CA GLU A 80 28.00 -53.54 23.93
C GLU A 80 26.78 -54.05 23.18
N LYS A 81 25.83 -54.65 23.90
CA LYS A 81 24.66 -55.22 23.25
C LYS A 81 23.70 -54.13 22.78
N ARG A 82 23.50 -53.08 23.59
CA ARG A 82 22.65 -51.99 23.16
C ARG A 82 23.23 -51.31 21.92
N VAL A 83 24.54 -51.21 21.84
CA VAL A 83 25.15 -50.67 20.62
C VAL A 83 24.75 -51.51 19.43
N GLU A 84 24.79 -52.84 19.56
CA GLU A 84 24.32 -53.67 18.46
C GLU A 84 22.82 -53.51 18.26
N GLU A 85 22.06 -53.49 19.35
CA GLU A 85 20.60 -53.44 19.24
C GLU A 85 20.16 -52.18 18.50
N PHE A 86 20.69 -51.02 18.87
CA PHE A 86 20.24 -49.75 18.31
C PHE A 86 21.19 -49.18 17.27
N LYS A 87 22.25 -49.91 16.89
CA LYS A 87 23.26 -49.42 15.95
C LYS A 87 23.73 -48.03 16.36
N LEU A 88 24.21 -47.93 17.60
CA LEU A 88 24.60 -46.65 18.16
C LEU A 88 25.97 -46.22 17.64
N LYS A 89 26.18 -44.89 17.63
CA LYS A 89 27.44 -44.36 17.11
C LYS A 89 28.58 -44.67 18.05
N GLN A 90 28.32 -44.65 19.36
CA GLN A 90 29.31 -45.01 20.35
C GLN A 90 28.57 -45.35 21.64
N MET A 91 29.29 -45.93 22.59
CA MET A 91 28.67 -46.39 23.83
C MET A 91 28.49 -45.19 24.75
N TRP A 92 27.38 -44.49 24.58
CA TRP A 92 27.16 -43.26 25.32
C TRP A 92 27.19 -43.54 26.81
N LYS A 93 27.81 -42.63 27.57
CA LYS A 93 27.84 -42.76 29.02
C LYS A 93 26.42 -42.65 29.58
N SER A 94 26.28 -43.08 30.82
CA SER A 94 24.97 -43.12 31.45
C SER A 94 24.39 -41.72 31.53
N PRO A 95 23.11 -41.52 31.17
CA PRO A 95 22.49 -40.21 31.41
C PRO A 95 22.45 -39.81 32.87
N ASN A 96 22.30 -40.78 33.77
CA ASN A 96 22.26 -40.49 35.20
C ASN A 96 23.63 -40.04 35.70
N GLY A 97 24.69 -40.75 35.29
CA GLY A 97 26.03 -40.29 35.62
C GLY A 97 26.28 -38.87 35.13
N THR A 98 25.92 -38.59 33.88
CA THR A 98 26.14 -37.26 33.31
C THR A 98 25.36 -36.20 34.10
N ILE A 99 24.12 -36.49 34.45
CA ILE A 99 23.32 -35.50 35.17
C ILE A 99 23.88 -35.26 36.56
N ARG A 100 24.11 -36.34 37.31
CA ARG A 100 24.62 -36.21 38.68
C ARG A 100 25.99 -35.56 38.70
N ASN A 101 26.81 -35.81 37.68
CA ASN A 101 28.11 -35.14 37.60
C ASN A 101 27.95 -33.63 37.47
N ILE A 102 26.98 -33.19 36.67
CA ILE A 102 26.76 -31.76 36.47
C ILE A 102 26.13 -31.14 37.71
N LEU A 103 25.16 -31.82 38.31
CA LEU A 103 24.40 -31.23 39.40
C LEU A 103 25.12 -31.35 40.74
N GLY A 104 25.76 -32.48 41.00
CA GLY A 104 26.16 -32.79 42.34
C GLY A 104 24.93 -33.11 43.16
N GLY A 105 25.13 -33.31 44.45
CA GLY A 105 24.05 -33.65 45.34
C GLY A 105 24.10 -35.11 45.76
N THR A 106 23.05 -35.52 46.46
CA THR A 106 22.98 -36.86 47.06
C THR A 106 21.68 -37.53 46.65
N VAL A 107 21.78 -38.78 46.22
CA VAL A 107 20.60 -39.55 45.86
C VAL A 107 19.99 -40.12 47.14
N PHE A 108 18.71 -39.85 47.35
CA PHE A 108 17.99 -40.38 48.49
C PHE A 108 16.92 -41.36 48.00
N ARG A 109 16.96 -42.57 48.55
CA ARG A 109 16.04 -43.64 48.19
C ARG A 109 15.01 -43.83 49.30
N GLU A 110 13.75 -44.07 48.92
CA GLU A 110 12.71 -44.26 49.91
C GLU A 110 11.65 -45.21 49.38
N ALA A 111 11.29 -46.21 50.19
CA ALA A 111 10.23 -47.12 49.83
C ALA A 111 8.88 -46.52 50.20
N ILE A 112 7.92 -46.65 49.30
CA ILE A 112 6.56 -46.21 49.58
C ILE A 112 5.84 -47.30 50.35
N ILE A 113 5.15 -46.89 51.42
CA ILE A 113 4.52 -47.81 52.36
C ILE A 113 3.02 -47.86 52.10
N CYS A 114 2.48 -49.09 52.06
CA CYS A 114 1.04 -49.31 52.01
C CYS A 114 0.67 -50.29 53.12
N LYS A 115 -0.45 -50.02 53.80
CA LYS A 115 -0.91 -50.87 54.89
C LYS A 115 -0.73 -52.36 54.61
N ASN A 116 -1.14 -52.78 53.41
CA ASN A 116 -1.32 -54.19 53.08
C ASN A 116 -0.12 -54.79 52.35
N ILE A 117 0.97 -54.05 52.19
CA ILE A 117 2.19 -54.56 51.58
C ILE A 117 3.23 -54.74 52.70
N PRO A 118 3.64 -55.95 53.00
CA PRO A 118 4.62 -56.12 54.07
C PRO A 118 5.97 -55.59 53.61
N ARG A 119 6.73 -55.09 54.57
CA ARG A 119 8.03 -54.51 54.29
C ARG A 119 9.13 -55.50 54.56
N LEU A 120 10.31 -55.18 54.04
CA LEU A 120 11.49 -56.03 54.21
C LEU A 120 11.64 -56.51 55.65
N VAL A 121 11.38 -55.64 56.62
CA VAL A 121 11.44 -55.98 58.04
C VAL A 121 10.08 -55.66 58.65
N SER A 122 9.47 -56.67 59.28
CA SER A 122 8.11 -56.52 59.78
C SER A 122 7.99 -55.45 60.85
N GLY A 123 9.06 -55.22 61.62
CA GLY A 123 9.00 -54.27 62.71
C GLY A 123 9.01 -52.82 62.27
N TRP A 124 9.32 -52.54 61.01
CA TRP A 124 9.39 -51.16 60.56
C TRP A 124 7.98 -50.61 60.43
N VAL A 125 7.77 -49.39 60.94
CA VAL A 125 6.48 -48.72 60.94
C VAL A 125 6.55 -47.40 60.19
N LYS A 126 7.53 -46.55 60.54
CA LYS A 126 7.77 -45.27 59.90
C LYS A 126 8.74 -45.44 58.73
N PRO A 127 8.73 -44.53 57.77
CA PRO A 127 9.57 -44.71 56.57
C PRO A 127 11.05 -44.61 56.90
N ILE A 128 11.87 -45.06 55.95
CA ILE A 128 13.32 -44.98 56.05
C ILE A 128 13.87 -44.43 54.74
N ILE A 129 14.81 -43.51 54.83
CA ILE A 129 15.36 -42.82 53.67
C ILE A 129 16.87 -43.03 53.67
N ILE A 130 17.39 -43.53 52.55
CA ILE A 130 18.78 -43.96 52.43
C ILE A 130 19.49 -43.02 51.48
N GLY A 131 20.50 -42.33 51.99
CA GLY A 131 21.37 -41.53 51.16
C GLY A 131 22.76 -42.14 51.09
N CYS A 132 23.04 -42.88 50.04
CA CYS A 132 24.33 -43.54 49.88
C CYS A 132 25.16 -42.75 48.86
N HIS A 133 26.42 -42.49 49.22
CA HIS A 133 27.32 -41.68 48.42
C HIS A 133 27.64 -42.29 47.05
N ALA A 134 27.51 -43.60 46.92
CA ALA A 134 27.70 -44.26 45.63
C ALA A 134 26.39 -44.25 44.83
N TYR A 139 33.22 -46.01 41.37
CA TYR A 139 32.54 -45.18 40.37
C TYR A 139 33.57 -44.41 39.53
N ARG A 140 34.27 -43.48 40.17
CA ARG A 140 35.31 -42.68 39.54
C ARG A 140 36.67 -43.09 40.09
N ALA A 141 37.10 -44.29 39.69
CA ALA A 141 38.36 -44.87 40.14
C ALA A 141 39.15 -45.29 38.92
N THR A 142 40.44 -45.56 39.14
CA THR A 142 41.34 -45.97 38.07
C THR A 142 42.00 -47.28 38.47
N ASP A 143 41.66 -48.35 37.76
CA ASP A 143 42.17 -49.68 38.04
C ASP A 143 42.97 -50.16 36.84
N PHE A 144 43.92 -51.05 37.10
CA PHE A 144 44.77 -51.56 36.04
C PHE A 144 45.24 -52.96 36.42
N VAL A 145 45.84 -53.64 35.45
CA VAL A 145 46.41 -54.96 35.66
C VAL A 145 47.88 -54.82 36.02
N VAL A 146 48.31 -55.56 37.03
CA VAL A 146 49.72 -55.64 37.42
C VAL A 146 50.33 -56.83 36.65
N PRO A 147 51.13 -56.58 35.61
CA PRO A 147 51.54 -57.70 34.74
C PRO A 147 52.40 -58.74 35.45
N GLY A 148 53.28 -58.31 36.33
CA GLY A 148 54.15 -59.22 37.03
C GLY A 148 54.73 -58.61 38.28
N PRO A 149 55.68 -59.29 38.91
CA PRO A 149 56.30 -58.76 40.12
C PRO A 149 56.78 -57.33 39.93
N GLY A 150 56.66 -56.54 41.00
CA GLY A 150 56.94 -55.13 40.92
C GLY A 150 56.25 -54.39 42.04
N LYS A 151 56.50 -53.09 42.08
CA LYS A 151 56.06 -52.23 43.17
C LYS A 151 54.96 -51.30 42.68
N VAL A 152 53.86 -51.23 43.43
CA VAL A 152 52.76 -50.29 43.16
C VAL A 152 52.70 -49.30 44.32
N GLU A 153 52.84 -48.01 43.99
CA GLU A 153 52.86 -46.93 44.96
C GLU A 153 51.84 -45.86 44.59
N ILE A 154 51.29 -45.21 45.61
CA ILE A 154 50.35 -44.11 45.42
C ILE A 154 50.98 -42.86 46.03
N THR A 155 51.12 -41.82 45.23
CA THR A 155 51.86 -40.62 45.61
C THR A 155 50.96 -39.39 45.58
N TYR A 156 51.35 -38.38 46.35
CA TYR A 156 50.66 -37.10 46.41
C TYR A 156 51.67 -36.01 46.17
N THR A 157 51.42 -35.15 45.18
CA THR A 157 52.33 -34.06 44.85
C THR A 157 51.63 -32.73 45.07
N PRO A 158 51.93 -32.00 46.14
CA PRO A 158 51.23 -30.74 46.40
C PRO A 158 51.40 -29.76 45.26
N SER A 159 50.32 -29.02 44.99
CA SER A 159 50.38 -27.95 44.00
C SER A 159 51.34 -26.84 44.40
N ASP A 160 51.54 -26.62 45.70
CA ASP A 160 52.34 -25.50 46.17
C ASP A 160 53.83 -25.83 46.24
N GLY A 161 54.24 -27.00 45.75
CA GLY A 161 55.64 -27.33 45.65
C GLY A 161 56.26 -27.92 46.90
N THR A 162 55.49 -28.08 47.97
CA THR A 162 56.01 -28.73 49.15
C THR A 162 56.23 -30.22 48.86
N GLN A 163 56.67 -30.94 49.90
CA GLN A 163 57.24 -32.28 49.72
C GLN A 163 56.24 -33.27 49.14
N LYS A 164 56.61 -33.87 48.02
CA LYS A 164 55.88 -35.02 47.48
C LYS A 164 55.91 -36.19 48.47
N VAL A 165 54.80 -36.90 48.56
CA VAL A 165 54.64 -37.98 49.54
C VAL A 165 54.29 -39.27 48.80
N THR A 166 54.88 -40.37 49.26
CA THR A 166 54.73 -41.67 48.62
C THR A 166 54.31 -42.72 49.65
N TYR A 167 53.22 -43.42 49.36
CA TYR A 167 52.75 -44.52 50.16
C TYR A 167 52.90 -45.80 49.35
N LEU A 168 53.28 -46.89 50.01
CA LEU A 168 53.41 -48.17 49.34
C LEU A 168 52.07 -48.88 49.34
N VAL A 169 51.58 -49.25 48.15
CA VAL A 169 50.37 -50.06 48.09
C VAL A 169 50.71 -51.52 48.31
N HIS A 170 51.69 -52.03 47.56
CA HIS A 170 52.09 -53.43 47.73
C HIS A 170 53.34 -53.73 46.93
N ASN A 171 54.21 -54.55 47.51
CA ASN A 171 55.30 -55.19 46.78
C ASN A 171 54.77 -56.50 46.21
N PHE A 172 54.77 -56.63 44.89
CA PHE A 172 54.41 -57.89 44.24
C PHE A 172 55.68 -58.71 44.11
N GLU A 173 55.96 -59.53 45.13
CA GLU A 173 57.22 -60.27 45.15
C GLU A 173 57.18 -61.43 44.16
N GLU A 174 56.02 -62.06 44.01
CA GLU A 174 55.82 -63.15 43.05
C GLU A 174 54.58 -62.86 42.24
N GLY A 175 54.65 -63.13 40.94
CA GLY A 175 53.52 -62.92 40.05
C GLY A 175 52.98 -61.50 40.06
N GLY A 176 51.82 -61.35 39.42
CA GLY A 176 51.16 -60.06 39.33
C GLY A 176 49.77 -60.03 39.93
N GLY A 177 48.86 -59.30 39.29
CA GLY A 177 47.50 -59.18 39.79
C GLY A 177 46.84 -57.90 39.33
N VAL A 178 46.18 -57.19 40.24
CA VAL A 178 45.49 -55.95 39.92
C VAL A 178 45.71 -54.94 41.03
N ALA A 179 45.52 -53.66 40.70
CA ALA A 179 45.61 -52.58 41.67
C ALA A 179 44.72 -51.44 41.19
N MET A 180 44.33 -50.58 42.14
CA MET A 180 43.52 -49.42 41.78
C MET A 180 43.70 -48.29 42.78
N GLY A 181 43.41 -47.08 42.30
CA GLY A 181 43.41 -45.90 43.14
C GLY A 181 42.03 -45.27 43.16
N MET A 182 41.69 -44.66 44.30
CA MET A 182 40.38 -44.08 44.52
C MET A 182 40.55 -42.78 45.28
N TYR A 183 39.58 -41.87 45.13
CA TYR A 183 39.71 -40.55 45.74
C TYR A 183 38.34 -40.01 46.09
N ASN A 184 38.34 -38.99 46.95
CA ASN A 184 37.14 -38.24 47.28
C ASN A 184 37.57 -36.85 47.71
N GLN A 185 36.77 -35.85 47.38
CA GLN A 185 37.08 -34.47 47.69
C GLN A 185 36.31 -34.04 48.92
N ASP A 186 36.98 -33.29 49.80
CA ASP A 186 36.31 -32.79 50.99
C ASP A 186 34.98 -32.14 50.64
N LYS A 187 34.99 -31.29 49.61
CA LYS A 187 33.78 -30.60 49.17
C LYS A 187 32.66 -31.59 48.90
N SER A 188 32.96 -32.74 48.29
CA SER A 188 31.92 -33.73 48.03
C SER A 188 31.39 -34.31 49.33
N ILE A 189 32.27 -34.56 50.29
CA ILE A 189 31.82 -35.04 51.59
C ILE A 189 30.96 -33.98 52.26
N GLU A 190 31.37 -32.72 52.14
CA GLU A 190 30.62 -31.63 52.77
C GLU A 190 29.22 -31.53 52.17
N ASP A 191 29.12 -31.53 50.85
CA ASP A 191 27.81 -31.52 50.21
C ASP A 191 26.96 -32.71 50.65
N PHE A 192 27.58 -33.90 50.68
CA PHE A 192 26.93 -35.08 51.25
C PHE A 192 26.38 -34.77 52.65
N ALA A 193 27.22 -34.18 53.50
CA ALA A 193 26.79 -33.87 54.85
C ALA A 193 25.59 -32.93 54.85
N HIS A 194 25.70 -31.80 54.16
CA HIS A 194 24.65 -30.78 54.22
C HIS A 194 23.33 -31.32 53.68
N SER A 195 23.36 -32.02 52.54
CA SER A 195 22.13 -32.60 52.01
C SER A 195 21.45 -33.50 53.04
N SER A 196 22.24 -34.26 53.80
CA SER A 196 21.68 -35.25 54.71
C SER A 196 21.05 -34.58 55.94
N PHE A 197 21.73 -33.58 56.51
CA PHE A 197 21.15 -32.88 57.65
C PHE A 197 19.89 -32.15 57.24
N GLN A 198 19.90 -31.54 56.06
CA GLN A 198 18.73 -30.81 55.61
C GLN A 198 17.58 -31.76 55.31
N MET A 199 17.89 -32.98 54.85
CA MET A 199 16.85 -33.98 54.64
C MET A 199 16.24 -34.41 55.96
N ALA A 200 17.07 -34.59 56.99
CA ALA A 200 16.56 -34.99 58.29
C ALA A 200 15.62 -33.93 58.88
N LEU A 201 16.03 -32.66 58.82
CA LEU A 201 15.19 -31.59 59.35
C LEU A 201 13.95 -31.39 58.47
N SER A 202 14.11 -31.51 57.16
CA SER A 202 12.96 -31.48 56.27
C SER A 202 11.91 -32.50 56.69
N LYS A 203 12.30 -33.78 56.73
CA LYS A 203 11.37 -34.85 57.06
C LYS A 203 11.08 -34.96 58.55
N GLY A 204 11.94 -34.40 59.40
CA GLY A 204 11.71 -34.47 60.84
C GLY A 204 12.18 -35.76 61.48
N TRP A 205 13.11 -36.46 60.87
CA TRP A 205 13.67 -37.69 61.39
C TRP A 205 15.09 -37.47 61.91
N PRO A 206 15.58 -38.34 62.80
CA PRO A 206 17.00 -38.34 63.13
C PRO A 206 17.83 -38.86 61.97
N LEU A 207 19.13 -38.60 62.05
CA LEU A 207 20.08 -38.94 60.98
C LEU A 207 21.18 -39.82 61.54
N TYR A 208 21.50 -40.88 60.83
CA TYR A 208 22.65 -41.73 61.11
C TYR A 208 23.57 -41.75 59.91
N LEU A 209 24.87 -41.75 60.16
CA LEU A 209 25.89 -41.97 59.15
C LEU A 209 26.60 -43.27 59.48
N SER A 210 26.71 -44.16 58.49
CA SER A 210 27.38 -45.44 58.67
C SER A 210 28.64 -45.50 57.82
N THR A 211 29.74 -45.93 58.43
CA THR A 211 31.01 -46.08 57.72
C THR A 211 31.68 -47.36 58.18
N LYS A 212 32.83 -47.65 57.57
CA LYS A 212 33.72 -48.69 58.06
C LYS A 212 35.04 -48.07 58.48
N ASN A 213 34.97 -47.04 59.34
CA ASN A 213 36.16 -46.28 59.71
C ASN A 213 37.09 -47.03 60.66
N THR A 214 36.77 -48.28 61.00
CA THR A 214 37.73 -49.10 61.72
C THR A 214 38.76 -49.70 60.76
N ILE A 215 38.39 -49.91 59.51
CA ILE A 215 39.30 -50.43 58.49
C ILE A 215 39.94 -49.25 57.76
N LEU A 216 39.12 -48.43 57.11
CA LEU A 216 39.60 -47.23 56.43
C LEU A 216 39.60 -46.06 57.43
N LYS A 217 40.47 -46.16 58.44
CA LYS A 217 40.48 -45.17 59.50
C LYS A 217 40.60 -43.76 58.94
N LYS A 218 41.32 -43.59 57.85
CA LYS A 218 41.56 -42.25 57.30
C LYS A 218 40.57 -41.88 56.21
N TYR A 219 40.28 -42.79 55.27
CA TYR A 219 39.30 -42.48 54.24
C TYR A 219 37.91 -42.30 54.83
N ASP A 220 37.40 -43.33 55.49
CA ASP A 220 36.09 -43.21 56.11
C ASP A 220 36.11 -42.25 57.29
N GLY A 221 37.23 -42.19 58.03
CA GLY A 221 37.33 -41.24 59.12
C GLY A 221 37.09 -39.80 58.69
N ARG A 222 37.48 -39.46 57.46
CA ARG A 222 37.20 -38.12 56.94
C ARG A 222 35.71 -37.86 56.84
N PHE A 223 34.93 -38.83 56.35
CA PHE A 223 33.48 -38.70 56.32
C PHE A 223 32.92 -38.46 57.72
N LYS A 224 33.38 -39.24 58.70
CA LYS A 224 32.90 -39.09 60.08
C LYS A 224 33.25 -37.71 60.64
N ASP A 225 34.50 -37.27 60.45
CA ASP A 225 34.93 -36.00 61.01
C ASP A 225 34.17 -34.84 60.36
N ILE A 226 34.02 -34.87 59.04
CA ILE A 226 33.35 -33.77 58.35
C ILE A 226 31.88 -33.70 58.75
N PHE A 227 31.19 -34.84 58.72
CA PHE A 227 29.81 -34.89 59.20
C PHE A 227 29.68 -34.34 60.61
N GLN A 228 30.67 -34.59 61.46
CA GLN A 228 30.52 -34.21 62.86
C GLN A 228 30.77 -32.72 63.05
N GLU A 229 31.76 -32.17 62.35
CA GLU A 229 32.00 -30.73 62.39
C GLU A 229 30.78 -29.97 61.91
N ILE A 230 30.23 -30.38 60.76
CA ILE A 230 29.11 -29.65 60.18
C ILE A 230 27.89 -29.76 61.05
N TYR A 231 27.65 -30.94 61.64
CA TYR A 231 26.53 -31.08 62.56
C TYR A 231 26.69 -30.14 63.74
N ASP A 232 27.86 -30.17 64.39
CA ASP A 232 28.02 -29.46 65.65
C ASP A 232 27.90 -27.96 65.46
N LYS A 233 28.49 -27.44 64.37
CA LYS A 233 28.57 -26.00 64.17
C LYS A 233 27.35 -25.42 63.46
N GLN A 234 26.68 -26.21 62.64
CA GLN A 234 25.69 -25.67 61.72
C GLN A 234 24.30 -26.31 61.80
N TYR A 235 24.12 -27.41 62.54
CA TYR A 235 22.80 -28.04 62.57
C TYR A 235 22.38 -28.55 63.93
N LYS A 236 23.29 -28.80 64.88
CA LYS A 236 22.89 -29.43 66.14
C LYS A 236 21.71 -28.69 66.77
N SER A 237 21.77 -27.36 66.82
CA SER A 237 20.72 -26.60 67.48
C SER A 237 19.36 -26.83 66.82
N GLN A 238 19.31 -26.75 65.49
CA GLN A 238 18.05 -26.97 64.80
C GLN A 238 17.53 -28.39 65.06
N PHE A 239 18.41 -29.38 65.00
CA PHE A 239 18.01 -30.75 65.34
C PHE A 239 17.35 -30.81 66.72
N GLU A 240 18.09 -30.39 67.75
CA GLU A 240 17.55 -30.47 69.11
C GLU A 240 16.23 -29.72 69.23
N ALA A 241 16.06 -28.64 68.46
CA ALA A 241 14.79 -27.93 68.45
C ALA A 241 13.66 -28.85 67.99
N GLN A 242 13.93 -29.70 67.00
CA GLN A 242 12.94 -30.65 66.51
C GLN A 242 13.03 -32.01 67.21
N LYS A 243 13.71 -32.07 68.36
CA LYS A 243 13.80 -33.30 69.14
C LYS A 243 14.35 -34.47 68.32
N ILE A 244 15.22 -34.17 67.36
CA ILE A 244 15.93 -35.20 66.61
C ILE A 244 17.41 -35.16 66.97
N TRP A 245 18.22 -35.94 66.26
CA TRP A 245 19.62 -36.07 66.63
C TRP A 245 20.40 -36.67 65.47
N TYR A 246 21.73 -36.50 65.53
CA TYR A 246 22.65 -37.12 64.59
C TYR A 246 23.64 -37.98 65.36
N GLU A 247 23.94 -39.16 64.82
CA GLU A 247 24.95 -40.03 65.40
C GLU A 247 25.68 -40.76 64.26
N HIS A 248 26.98 -40.94 64.44
CA HIS A 248 27.73 -41.85 63.59
C HIS A 248 27.56 -43.27 64.12
N ARG A 249 27.63 -44.24 63.22
CA ARG A 249 27.54 -45.65 63.60
C ARG A 249 28.43 -46.48 62.68
N LEU A 250 29.20 -47.39 63.25
CA LEU A 250 29.84 -48.41 62.45
C LEU A 250 28.79 -49.13 61.62
N ILE A 251 29.14 -49.51 60.40
CA ILE A 251 28.17 -50.17 59.53
C ILE A 251 27.73 -51.50 60.13
N ASP A 252 28.64 -52.19 60.83
CA ASP A 252 28.28 -53.43 61.51
C ASP A 252 27.13 -53.21 62.48
N ASP A 253 27.21 -52.15 63.28
CA ASP A 253 26.16 -51.87 64.26
C ASP A 253 24.91 -51.30 63.61
N MET A 254 25.08 -50.46 62.58
CA MET A 254 23.92 -49.81 61.98
C MET A 254 22.95 -50.84 61.41
N VAL A 255 23.47 -51.87 60.73
CA VAL A 255 22.59 -52.90 60.19
C VAL A 255 21.78 -53.55 61.30
N ALA A 256 22.43 -53.85 62.44
CA ALA A 256 21.71 -54.39 63.57
C ALA A 256 20.72 -53.38 64.16
N GLN A 257 21.16 -52.12 64.31
CA GLN A 257 20.26 -51.10 64.82
C GLN A 257 19.04 -50.94 63.91
N ALA A 258 19.24 -50.91 62.60
CA ALA A 258 18.12 -50.66 61.69
C ALA A 258 17.07 -51.76 61.78
N MET A 259 17.52 -53.02 61.82
CA MET A 259 16.58 -54.14 61.78
C MET A 259 15.77 -54.25 63.06
N LYS A 260 16.27 -53.73 64.17
CA LYS A 260 15.52 -53.67 65.42
C LYS A 260 14.77 -52.35 65.58
N SER A 261 14.92 -51.41 64.65
CA SER A 261 14.29 -50.11 64.77
C SER A 261 12.83 -50.17 64.34
N GLU A 262 12.10 -49.12 64.68
CA GLU A 262 10.74 -48.94 64.19
C GLU A 262 10.68 -48.07 62.94
N GLY A 263 11.82 -47.83 62.30
CA GLY A 263 11.87 -46.92 61.18
C GLY A 263 11.86 -45.47 61.64
N GLY A 264 11.76 -44.57 60.65
CA GLY A 264 11.65 -43.15 60.92
C GLY A 264 13.00 -42.47 61.06
N PHE A 265 13.94 -42.76 60.16
CA PHE A 265 15.24 -42.11 60.24
C PHE A 265 15.80 -41.94 58.84
N ILE A 266 16.75 -41.00 58.73
CA ILE A 266 17.59 -40.83 57.57
C ILE A 266 18.87 -41.64 57.79
N TRP A 267 19.34 -42.30 56.74
CA TRP A 267 20.49 -43.18 56.81
C TRP A 267 21.47 -42.72 55.73
N ALA A 268 22.36 -41.81 56.09
CA ALA A 268 23.48 -41.46 55.24
C ALA A 268 24.47 -42.61 55.26
N CYS A 269 24.77 -43.17 54.10
CA CYS A 269 25.56 -44.39 54.02
C CYS A 269 26.73 -44.19 53.08
N LYS A 270 27.91 -44.59 53.52
CA LYS A 270 29.12 -44.57 52.71
C LYS A 270 29.60 -46.01 52.57
N ASN A 271 29.45 -46.58 51.37
CA ASN A 271 29.90 -47.93 51.07
C ASN A 271 30.87 -47.89 49.90
N TYR A 272 31.61 -48.99 49.73
CA TYR A 272 32.54 -49.11 48.62
C TYR A 272 31.77 -49.19 47.30
N ASP A 273 32.52 -49.25 46.20
CA ASP A 273 31.92 -49.19 44.87
C ASP A 273 31.25 -50.50 44.45
N GLY A 274 31.49 -51.60 45.17
CA GLY A 274 30.93 -52.89 44.78
C GLY A 274 30.08 -53.57 45.82
N ASP A 275 29.64 -52.82 46.84
CA ASP A 275 28.79 -53.39 47.88
C ASP A 275 27.38 -53.60 47.36
N VAL A 276 26.56 -54.28 48.17
CA VAL A 276 25.16 -54.43 47.82
C VAL A 276 24.45 -53.11 48.05
N GLN A 277 23.59 -52.74 47.11
CA GLN A 277 22.84 -51.50 47.18
C GLN A 277 21.38 -51.81 47.48
N SER A 278 20.72 -50.87 48.14
CA SER A 278 19.31 -51.07 48.50
C SER A 278 18.44 -51.35 47.27
N ASP A 279 18.83 -50.88 46.08
CA ASP A 279 18.11 -51.24 44.87
C ASP A 279 18.03 -52.74 44.70
N PHE A 280 19.20 -53.41 44.73
CA PHE A 280 19.25 -54.83 44.41
C PHE A 280 18.37 -55.64 45.36
N VAL A 281 18.36 -55.28 46.64
CA VAL A 281 17.56 -56.01 47.63
C VAL A 281 16.08 -55.78 47.37
N ALA A 282 15.68 -54.51 47.22
CA ALA A 282 14.31 -54.21 46.85
C ALA A 282 13.89 -55.01 45.61
N GLN A 283 14.77 -55.09 44.61
CA GLN A 283 14.45 -55.87 43.43
C GLN A 283 14.24 -57.33 43.77
N GLY A 284 15.11 -57.89 44.62
CA GLY A 284 14.92 -59.27 45.05
C GLY A 284 13.68 -59.47 45.88
N TYR A 285 13.38 -58.53 46.78
CA TYR A 285 12.17 -58.61 47.59
C TYR A 285 10.90 -58.34 46.77
N GLY A 286 11.02 -57.76 45.59
CA GLY A 286 9.84 -57.47 44.77
C GLY A 286 9.20 -56.12 45.03
N SER A 287 9.95 -55.17 45.59
CA SER A 287 9.42 -53.86 45.98
C SER A 287 10.06 -52.72 45.20
N LEU A 288 10.88 -53.04 44.20
CA LEU A 288 11.58 -51.98 43.46
C LEU A 288 10.61 -51.08 42.71
N GLY A 289 9.48 -51.61 42.25
CA GLY A 289 8.45 -50.76 41.67
C GLY A 289 7.86 -49.75 42.64
N MET A 290 8.21 -49.82 43.93
CA MET A 290 7.73 -48.88 44.93
C MET A 290 8.86 -48.03 45.50
N MET A 291 10.05 -48.10 44.92
N MET A 291 10.05 -48.09 44.90
CA MET A 291 11.23 -47.41 45.43
CA MET A 291 11.23 -47.40 45.41
C MET A 291 11.40 -46.09 44.69
C MET A 291 11.39 -46.07 44.66
N THR A 292 11.26 -44.98 45.41
N THR A 292 11.25 -44.97 45.39
CA THR A 292 11.47 -43.66 44.84
CA THR A 292 11.46 -43.65 44.83
C THR A 292 12.91 -43.23 45.03
C THR A 292 12.91 -43.22 45.04
N SER A 293 13.31 -42.23 44.26
CA SER A 293 14.66 -41.71 44.31
C SER A 293 14.58 -40.20 44.10
N VAL A 294 15.46 -39.48 44.77
CA VAL A 294 15.51 -38.03 44.58
C VAL A 294 16.95 -37.58 44.81
N LEU A 295 17.45 -36.76 43.91
CA LEU A 295 18.79 -36.20 44.00
C LEU A 295 18.66 -34.81 44.58
N VAL A 296 19.30 -34.58 45.72
CA VAL A 296 19.14 -33.33 46.46
C VAL A 296 20.49 -32.65 46.50
N CYS A 297 20.58 -31.49 45.85
CA CYS A 297 21.80 -30.73 45.84
C CYS A 297 22.02 -30.09 47.20
N PRO A 298 23.26 -29.71 47.52
CA PRO A 298 23.54 -29.19 48.86
C PRO A 298 22.88 -27.86 49.14
N ASP A 299 22.46 -27.13 48.09
CA ASP A 299 21.86 -25.81 48.26
C ASP A 299 20.43 -25.87 48.78
N GLY A 300 19.83 -27.06 48.87
CA GLY A 300 18.44 -27.19 49.24
C GLY A 300 17.45 -26.71 48.20
N LYS A 301 17.91 -26.16 47.08
CA LYS A 301 17.02 -25.61 46.06
C LYS A 301 16.77 -26.57 44.91
N THR A 302 17.79 -27.26 44.41
CA THR A 302 17.66 -28.04 43.19
C THR A 302 17.44 -29.52 43.48
N VAL A 303 16.51 -30.12 42.73
CA VAL A 303 16.01 -31.47 42.98
C VAL A 303 15.76 -32.15 41.66
N GLU A 304 16.21 -33.40 41.51
CA GLU A 304 15.88 -34.25 40.38
C GLU A 304 15.27 -35.54 40.92
N ALA A 305 13.98 -35.75 40.65
CA ALA A 305 13.25 -36.90 41.14
C ALA A 305 13.10 -37.93 40.05
N GLU A 306 13.18 -39.21 40.42
CA GLU A 306 13.08 -40.29 39.46
C GLU A 306 12.61 -41.53 40.20
N ALA A 307 12.11 -42.49 39.43
CA ALA A 307 11.96 -43.84 39.98
C ALA A 307 13.34 -44.45 40.21
N ALA A 308 13.44 -45.27 41.24
CA ALA A 308 14.70 -45.92 41.51
C ALA A 308 15.01 -47.04 40.55
N HIS A 309 13.97 -47.65 39.96
CA HIS A 309 14.18 -48.76 39.04
C HIS A 309 14.59 -48.26 37.65
N GLY A 310 14.94 -49.21 36.79
CA GLY A 310 15.28 -48.93 35.41
C GLY A 310 14.08 -48.96 34.49
N THR A 311 14.32 -49.24 33.21
CA THR A 311 13.27 -49.16 32.19
C THR A 311 12.39 -50.40 32.14
N VAL A 312 12.72 -51.45 32.90
CA VAL A 312 11.93 -52.66 33.01
C VAL A 312 11.92 -53.35 31.65
N THR A 313 13.11 -53.59 31.11
CA THR A 313 13.22 -54.17 29.79
C THR A 313 12.43 -55.46 29.67
N ARG A 314 12.50 -56.33 30.68
CA ARG A 314 11.86 -57.63 30.57
C ARG A 314 10.37 -57.47 30.34
N HIS A 315 9.74 -56.49 31.01
CA HIS A 315 8.31 -56.29 30.79
C HIS A 315 8.07 -55.70 29.40
N TYR A 316 8.99 -54.87 28.93
CA TYR A 316 8.85 -54.28 27.59
C TYR A 316 8.90 -55.36 26.51
N ARG A 317 9.81 -56.34 26.66
CA ARG A 317 9.87 -57.42 25.68
C ARG A 317 8.58 -58.23 25.67
N MET A 318 8.01 -58.49 26.85
CA MET A 318 6.69 -59.11 26.91
C MET A 318 5.67 -58.30 26.11
N TYR A 319 5.69 -56.98 26.26
CA TYR A 319 4.78 -56.11 25.50
C TYR A 319 5.02 -56.25 24.00
N GLN A 320 6.29 -56.30 23.59
CA GLN A 320 6.60 -56.44 22.17
C GLN A 320 6.22 -57.81 21.62
N LYS A 321 5.96 -58.79 22.49
CA LYS A 321 5.53 -60.11 22.05
C LYS A 321 4.03 -60.31 22.20
N GLY A 322 3.28 -59.23 22.44
CA GLY A 322 1.85 -59.36 22.62
C GLY A 322 1.42 -59.96 23.93
N GLN A 323 2.31 -60.08 24.90
CA GLN A 323 1.92 -60.56 26.21
C GLN A 323 1.35 -59.42 27.04
N GLU A 324 0.48 -59.77 27.98
CA GLU A 324 -0.03 -58.81 28.94
C GLU A 324 1.04 -58.51 30.00
N THR A 325 1.19 -57.23 30.32
CA THR A 325 2.16 -56.80 31.32
C THR A 325 1.46 -56.21 32.54
N SER A 326 2.19 -56.18 33.68
CA SER A 326 1.70 -55.59 34.91
C SER A 326 2.87 -54.89 35.61
N THR A 327 3.32 -53.80 35.00
CA THR A 327 4.42 -52.99 35.51
C THR A 327 3.92 -51.97 36.54
N ASN A 328 4.63 -51.85 37.65
CA ASN A 328 4.21 -50.95 38.72
C ASN A 328 4.55 -49.51 38.36
N PRO A 329 3.58 -48.61 38.31
CA PRO A 329 3.89 -47.20 37.97
C PRO A 329 4.10 -46.28 39.17
N ILE A 330 4.02 -46.79 40.39
CA ILE A 330 3.99 -45.93 41.56
C ILE A 330 5.29 -45.14 41.69
N ALA A 331 6.43 -45.82 41.55
CA ALA A 331 7.71 -45.13 41.68
C ALA A 331 7.80 -43.95 40.71
N SER A 332 7.38 -44.16 39.46
CA SER A 332 7.40 -43.08 38.49
C SER A 332 6.41 -41.99 38.84
N ILE A 333 5.26 -42.36 39.41
CA ILE A 333 4.28 -41.36 39.80
C ILE A 333 4.86 -40.50 40.93
N PHE A 334 5.57 -41.12 41.86
CA PHE A 334 6.14 -40.34 42.96
C PHE A 334 7.31 -39.47 42.50
N ALA A 335 7.92 -39.78 41.37
CA ALA A 335 8.88 -38.84 40.80
C ALA A 335 8.17 -37.54 40.45
N TRP A 336 7.00 -37.64 39.82
CA TRP A 336 6.21 -36.45 39.52
C TRP A 336 5.72 -35.76 40.80
N THR A 337 5.24 -36.52 41.79
CA THR A 337 4.68 -35.87 42.98
C THR A 337 5.76 -35.21 43.81
N ARG A 338 6.97 -35.79 43.84
CA ARG A 338 8.04 -35.18 44.63
C ARG A 338 8.59 -33.94 43.94
N GLY A 339 8.79 -33.99 42.62
CA GLY A 339 9.16 -32.79 41.90
C GLY A 339 8.11 -31.70 42.05
N LEU A 340 6.86 -32.04 41.78
CA LEU A 340 5.81 -31.03 41.88
C LEU A 340 5.68 -30.51 43.31
N ALA A 341 5.80 -31.39 44.30
CA ALA A 341 5.74 -30.91 45.67
C ALA A 341 6.90 -29.97 45.97
N HIS A 342 8.06 -30.19 45.35
CA HIS A 342 9.18 -29.29 45.57
C HIS A 342 8.97 -27.97 44.85
N ARG A 343 8.50 -28.03 43.59
CA ARG A 343 8.08 -26.82 42.91
C ARG A 343 7.12 -26.01 43.76
N ALA A 344 6.13 -26.69 44.36
CA ALA A 344 5.17 -25.98 45.20
C ALA A 344 5.86 -25.31 46.37
N LYS A 345 6.84 -25.99 46.98
CA LYS A 345 7.56 -25.38 48.10
C LYS A 345 8.32 -24.15 47.64
N LEU A 346 8.99 -24.23 46.50
CA LEU A 346 9.75 -23.09 46.02
C LEU A 346 8.82 -21.92 45.69
N ASP A 347 7.72 -22.19 45.00
CA ASP A 347 6.85 -21.14 44.49
C ASP A 347 5.70 -20.80 45.44
N ASN A 348 5.65 -21.43 46.62
CA ASN A 348 4.57 -21.18 47.58
C ASN A 348 3.21 -21.48 46.96
N ASN A 349 3.13 -22.53 46.15
CA ASN A 349 1.91 -22.87 45.42
C ASN A 349 1.08 -23.83 46.27
N LYS A 350 0.14 -23.27 47.04
CA LYS A 350 -0.69 -24.11 47.91
C LYS A 350 -1.48 -25.12 47.09
N GLU A 351 -2.00 -24.70 45.93
CA GLU A 351 -2.83 -25.59 45.14
C GLU A 351 -2.01 -26.73 44.53
N LEU A 352 -0.80 -26.45 44.07
CA LEU A 352 0.04 -27.50 43.51
C LEU A 352 0.50 -28.46 44.60
N ALA A 353 0.81 -27.94 45.78
CA ALA A 353 1.11 -28.81 46.91
C ALA A 353 -0.04 -29.75 47.21
N PHE A 354 -1.27 -29.23 47.18
CA PHE A 354 -2.42 -30.09 47.44
C PHE A 354 -2.49 -31.22 46.42
N PHE A 355 -2.30 -30.89 45.15
CA PHE A 355 -2.35 -31.92 44.11
C PHE A 355 -1.28 -32.99 44.35
N ALA A 356 -0.05 -32.57 44.63
CA ALA A 356 1.03 -33.54 44.81
C ALA A 356 0.68 -34.54 45.91
N ASN A 357 0.25 -34.03 47.07
CA ASN A 357 -0.14 -34.92 48.15
C ASN A 357 -1.36 -35.77 47.78
N ALA A 358 -2.32 -35.18 47.06
CA ALA A 358 -3.54 -35.91 46.74
C ALA A 358 -3.25 -37.08 45.80
N LEU A 359 -2.36 -36.90 44.83
CA LEU A 359 -2.00 -38.02 43.96
C LEU A 359 -1.20 -39.07 44.71
N GLU A 360 -0.41 -38.67 45.71
CA GLU A 360 0.27 -39.68 46.52
C GLU A 360 -0.73 -40.50 47.32
N GLU A 361 -1.74 -39.83 47.90
CA GLU A 361 -2.69 -40.55 48.74
C GLU A 361 -3.55 -41.48 47.90
N VAL A 362 -3.93 -41.04 46.69
CA VAL A 362 -4.73 -41.90 45.82
C VAL A 362 -3.93 -43.12 45.41
N SER A 363 -2.63 -42.95 45.14
CA SER A 363 -1.79 -44.11 44.83
C SER A 363 -1.83 -45.12 45.98
N ILE A 364 -1.61 -44.64 47.20
CA ILE A 364 -1.54 -45.53 48.35
C ILE A 364 -2.91 -46.10 48.68
N GLU A 365 -3.95 -45.27 48.62
CA GLU A 365 -5.30 -45.77 48.91
C GLU A 365 -5.72 -46.83 47.91
N THR A 366 -5.42 -46.61 46.63
CA THR A 366 -5.76 -47.59 45.61
C THR A 366 -5.18 -48.96 45.94
N ILE A 367 -3.87 -49.00 46.19
CA ILE A 367 -3.23 -50.27 46.51
C ILE A 367 -3.82 -50.85 47.79
N GLU A 368 -3.99 -50.02 48.82
CA GLU A 368 -4.54 -50.51 50.08
C GLU A 368 -5.98 -51.00 49.95
N ALA A 369 -6.71 -50.54 48.93
CA ALA A 369 -8.05 -51.04 48.71
C ALA A 369 -8.07 -52.39 47.99
N GLY A 370 -6.93 -52.89 47.54
CA GLY A 370 -6.86 -54.20 46.90
C GLY A 370 -6.51 -54.19 45.43
N PHE A 371 -6.33 -53.01 44.84
CA PHE A 371 -6.08 -52.87 43.41
C PHE A 371 -4.60 -52.60 43.22
N MET A 372 -3.89 -53.54 42.60
CA MET A 372 -2.44 -53.47 42.53
C MET A 372 -1.93 -54.25 41.34
N THR A 373 -0.73 -53.92 40.91
CA THR A 373 -0.06 -54.65 39.86
C THR A 373 0.49 -55.96 40.42
N LYS A 374 0.95 -56.83 39.52
CA LYS A 374 1.26 -58.20 39.88
C LYS A 374 2.38 -58.29 40.91
N ASP A 375 3.36 -57.38 40.82
CA ASP A 375 4.48 -57.44 41.75
C ASP A 375 4.03 -57.20 43.19
N LEU A 376 3.03 -56.35 43.40
CA LEU A 376 2.56 -56.13 44.76
C LEU A 376 1.75 -57.30 45.28
N ALA A 377 1.02 -57.98 44.39
CA ALA A 377 0.29 -59.17 44.80
C ALA A 377 1.25 -60.30 45.17
N ALA A 378 2.33 -60.47 44.40
CA ALA A 378 3.31 -61.48 44.74
C ALA A 378 4.02 -61.16 46.05
N CYS A 379 4.19 -59.86 46.35
N CYS A 379 4.21 -59.87 46.35
CA CYS A 379 4.83 -59.48 47.60
CA CYS A 379 4.83 -59.49 47.61
C CYS A 379 3.95 -59.81 48.79
C CYS A 379 3.95 -59.85 48.79
N ILE A 380 2.63 -59.86 48.60
CA ILE A 380 1.73 -60.22 49.68
C ILE A 380 1.67 -61.74 49.84
N LYS A 381 1.51 -62.44 48.73
CA LYS A 381 1.15 -63.86 48.74
C LYS A 381 2.28 -64.78 48.28
N GLY A 382 3.35 -64.23 47.73
CA GLY A 382 4.36 -65.04 47.10
C GLY A 382 3.97 -65.38 45.68
N LEU A 383 4.88 -65.17 44.73
CA LEU A 383 4.58 -65.37 43.32
C LEU A 383 3.88 -66.68 43.02
N PRO A 384 4.32 -67.83 43.54
CA PRO A 384 3.69 -69.10 43.13
C PRO A 384 2.18 -69.12 43.26
N ASN A 385 1.62 -68.45 44.27
CA ASN A 385 0.18 -68.50 44.52
C ASN A 385 -0.57 -67.32 43.92
N VAL A 386 0.05 -66.56 43.03
CA VAL A 386 -0.58 -65.38 42.45
C VAL A 386 -1.43 -65.78 41.26
N GLN A 387 -2.73 -65.49 41.35
CA GLN A 387 -3.67 -65.71 40.26
C GLN A 387 -3.95 -64.39 39.56
N ARG A 388 -4.48 -64.49 38.33
CA ARG A 388 -4.73 -63.30 37.55
C ARG A 388 -5.70 -62.35 38.26
N SER A 389 -6.69 -62.91 38.96
CA SER A 389 -7.68 -62.08 39.63
C SER A 389 -7.12 -61.35 40.84
N ASP A 390 -5.87 -61.63 41.23
CA ASP A 390 -5.25 -60.94 42.35
C ASP A 390 -4.71 -59.56 41.98
N TYR A 391 -4.60 -59.23 40.70
CA TYR A 391 -3.93 -58.01 40.32
C TYR A 391 -4.54 -57.45 39.04
N LEU A 392 -4.04 -56.30 38.62
CA LEU A 392 -4.47 -55.61 37.41
C LEU A 392 -3.27 -55.44 36.48
N ASN A 393 -3.54 -55.42 35.17
CA ASN A 393 -2.46 -55.21 34.22
C ASN A 393 -2.08 -53.74 34.19
N THR A 394 -1.05 -53.41 33.39
CA THR A 394 -0.48 -52.07 33.45
C THR A 394 -1.55 -51.02 33.14
N PHE A 395 -2.41 -51.30 32.18
CA PHE A 395 -3.38 -50.29 31.75
C PHE A 395 -4.59 -50.31 32.65
N GLU A 396 -5.03 -51.49 33.08
CA GLU A 396 -6.11 -51.56 34.06
C GLU A 396 -5.74 -50.78 35.32
N PHE A 397 -4.48 -50.85 35.74
CA PHE A 397 -4.11 -50.18 36.99
C PHE A 397 -4.02 -48.68 36.79
N MET A 398 -3.51 -48.20 35.65
CA MET A 398 -3.47 -46.77 35.41
C MET A 398 -4.87 -46.20 35.31
N ASP A 399 -5.77 -46.92 34.63
CA ASP A 399 -7.17 -46.50 34.58
C ASP A 399 -7.76 -46.38 35.97
N LYS A 400 -7.43 -47.32 36.87
CA LYS A 400 -7.98 -47.29 38.22
C LYS A 400 -7.48 -46.08 38.99
N LEU A 401 -6.18 -45.83 38.95
CA LEU A 401 -5.63 -44.63 39.60
C LEU A 401 -6.30 -43.39 39.03
N GLY A 402 -6.46 -43.33 37.71
CA GLY A 402 -7.07 -42.17 37.11
C GLY A 402 -8.46 -41.92 37.63
N GLU A 403 -9.25 -43.00 37.73
CA GLU A 403 -10.63 -42.85 38.19
C GLU A 403 -10.68 -42.39 39.64
N ASN A 404 -9.79 -42.91 40.49
CA ASN A 404 -9.78 -42.48 41.89
C ASN A 404 -9.24 -41.06 42.04
N LEU A 405 -8.29 -40.65 41.20
CA LEU A 405 -7.77 -39.30 41.30
C LEU A 405 -8.84 -38.28 40.95
N LYS A 406 -9.63 -38.57 39.92
CA LYS A 406 -10.69 -37.65 39.54
C LYS A 406 -11.69 -37.49 40.68
N ILE A 407 -12.01 -38.58 41.37
CA ILE A 407 -12.95 -38.51 42.47
C ILE A 407 -12.33 -37.73 43.63
N LYS A 408 -11.07 -38.02 43.95
CA LYS A 408 -10.40 -37.30 45.02
C LYS A 408 -10.50 -35.80 44.80
N LEU A 409 -10.07 -35.33 43.63
CA LEU A 409 -9.99 -33.90 43.40
C LEU A 409 -11.37 -33.29 43.19
N ALA A 410 -12.33 -34.08 42.72
CA ALA A 410 -13.70 -33.58 42.60
C ALA A 410 -14.24 -33.12 43.94
N GLN A 411 -13.71 -33.65 45.04
CA GLN A 411 -13.96 -33.10 46.38
C GLN A 411 -12.92 -32.00 46.63
N ALA A 412 -13.36 -30.75 46.52
CA ALA A 412 -12.49 -29.58 46.63
C ALA A 412 -11.55 -29.48 45.43
N SER B 2 35.69 -41.71 5.41
CA SER B 2 35.83 -42.27 6.74
C SER B 2 34.93 -41.54 7.74
N LYS B 3 35.52 -41.09 8.85
CA LYS B 3 34.76 -40.39 9.88
C LYS B 3 34.12 -39.12 9.30
N LYS B 4 33.06 -38.67 9.95
CA LYS B 4 32.28 -37.53 9.49
C LYS B 4 32.87 -36.22 10.02
N ILE B 5 32.46 -35.13 9.38
CA ILE B 5 32.84 -33.80 9.84
C ILE B 5 32.31 -33.58 11.25
N SER B 6 33.16 -33.02 12.11
CA SER B 6 32.76 -32.59 13.45
C SER B 6 32.22 -31.17 13.33
N GLY B 7 30.88 -31.04 13.27
CA GLY B 7 30.28 -29.75 12.97
C GLY B 7 30.10 -28.82 14.15
N GLY B 8 30.19 -29.34 15.37
CA GLY B 8 30.04 -28.48 16.52
C GLY B 8 28.60 -28.24 16.92
N SER B 9 28.37 -27.11 17.59
CA SER B 9 27.16 -26.86 18.35
C SER B 9 26.15 -26.10 17.50
N VAL B 10 25.01 -26.73 17.22
CA VAL B 10 23.98 -26.15 16.36
C VAL B 10 22.64 -26.28 17.05
N VAL B 11 21.88 -25.19 17.05
CA VAL B 11 20.53 -25.19 17.62
C VAL B 11 19.55 -25.44 16.48
N GLU B 12 18.78 -26.52 16.58
CA GLU B 12 17.79 -26.90 15.59
C GLU B 12 16.38 -26.70 16.17
N MET B 13 15.46 -26.18 15.35
CA MET B 13 14.06 -26.08 15.73
C MET B 13 13.20 -26.81 14.70
N GLN B 14 12.48 -27.82 15.15
CA GLN B 14 11.61 -28.60 14.27
C GLN B 14 10.27 -27.91 14.16
N GLY B 15 9.62 -28.11 13.02
CA GLY B 15 8.42 -27.38 12.69
C GLY B 15 7.20 -28.23 12.35
N ASP B 16 6.39 -27.74 11.41
CA ASP B 16 5.05 -28.27 11.21
C ASP B 16 4.81 -28.60 9.75
N GLU B 17 3.74 -29.36 9.53
CA GLU B 17 3.20 -29.70 8.21
C GLU B 17 4.27 -30.01 7.17
N MET B 18 4.12 -29.49 5.95
CA MET B 18 4.98 -29.98 4.87
C MET B 18 6.45 -29.72 5.17
N THR B 19 6.76 -28.61 5.82
CA THR B 19 8.18 -28.32 6.03
C THR B 19 8.79 -29.28 7.04
N ARG B 20 7.99 -29.85 7.95
CA ARG B 20 8.54 -30.82 8.90
C ARG B 20 9.02 -32.06 8.17
N ILE B 21 8.26 -32.51 7.17
CA ILE B 21 8.69 -33.66 6.39
C ILE B 21 9.98 -33.36 5.64
N ILE B 22 10.07 -32.17 5.04
CA ILE B 22 11.25 -31.79 4.27
C ILE B 22 12.44 -31.63 5.20
N TRP B 23 12.21 -31.08 6.40
CA TRP B 23 13.28 -30.90 7.36
C TRP B 23 13.98 -32.22 7.65
N GLU B 24 13.19 -33.26 7.96
CA GLU B 24 13.77 -34.55 8.32
C GLU B 24 14.49 -35.16 7.13
N LEU B 25 13.89 -35.11 5.95
CA LEU B 25 14.58 -35.59 4.76
C LEU B 25 15.93 -34.91 4.61
N ILE B 26 15.97 -33.60 4.87
CA ILE B 26 17.24 -32.87 4.73
C ILE B 26 18.27 -33.42 5.70
N LYS B 27 17.86 -33.67 6.94
CA LYS B 27 18.80 -34.18 7.93
C LYS B 27 19.24 -35.59 7.58
N GLU B 28 18.31 -36.46 7.22
CA GLU B 28 18.66 -37.86 7.01
C GLU B 28 19.49 -38.06 5.74
N LYS B 29 19.22 -37.27 4.70
CA LYS B 29 19.83 -37.48 3.39
C LYS B 29 21.00 -36.57 3.10
N LEU B 30 20.95 -35.31 3.56
CA LEU B 30 21.94 -34.32 3.16
C LEU B 30 22.92 -33.94 4.26
N ILE B 31 22.53 -34.00 5.53
CA ILE B 31 23.34 -33.50 6.65
C ILE B 31 24.00 -34.66 7.39
N PHE B 32 23.19 -35.46 8.07
CA PHE B 32 23.71 -36.47 8.98
C PHE B 32 24.67 -37.47 8.33
N PRO B 33 24.50 -37.90 7.09
CA PRO B 33 25.48 -38.84 6.52
C PRO B 33 26.88 -38.28 6.50
N TYR B 34 27.05 -36.96 6.59
CA TYR B 34 28.36 -36.35 6.42
C TYR B 34 28.81 -35.49 7.59
N VAL B 35 27.92 -35.10 8.49
CA VAL B 35 28.23 -34.15 9.56
C VAL B 35 27.67 -34.69 10.86
N GLU B 36 28.49 -34.67 11.92
CA GLU B 36 28.06 -34.97 13.28
C GLU B 36 27.95 -33.67 14.05
N LEU B 37 26.79 -33.43 14.67
CA LEU B 37 26.53 -32.18 15.37
C LEU B 37 26.27 -32.43 16.86
N ASP B 38 26.75 -31.49 17.67
CA ASP B 38 26.30 -31.36 19.07
C ASP B 38 24.97 -30.61 18.99
N LEU B 39 23.91 -31.36 18.70
CA LEU B 39 22.64 -30.79 18.29
C LEU B 39 21.76 -30.44 19.49
N HIS B 40 21.47 -29.15 19.64
CA HIS B 40 20.52 -28.69 20.65
C HIS B 40 19.18 -28.59 19.95
N SER B 41 18.38 -29.65 20.09
CA SER B 41 17.25 -29.89 19.22
C SER B 41 15.97 -29.62 19.98
N TYR B 42 15.20 -28.64 19.53
CA TYR B 42 13.95 -28.24 20.16
C TYR B 42 12.79 -28.46 19.21
N ASP B 43 11.70 -29.06 19.70
CA ASP B 43 10.55 -29.41 18.86
C ASP B 43 9.51 -28.32 18.99
N LEU B 44 9.43 -27.46 17.96
CA LEU B 44 8.44 -26.39 17.92
C LEU B 44 7.20 -26.75 17.09
N GLY B 45 7.00 -28.04 16.82
CA GLY B 45 5.74 -28.50 16.30
C GLY B 45 4.60 -27.96 17.14
N ILE B 46 3.47 -27.63 16.49
CA ILE B 46 2.41 -26.93 17.20
C ILE B 46 1.91 -27.76 18.38
N GLU B 47 1.87 -29.08 18.24
CA GLU B 47 1.38 -29.91 19.33
C GLU B 47 2.31 -29.85 20.52
N ASN B 48 3.63 -29.84 20.28
CA ASN B 48 4.56 -29.80 21.39
C ASN B 48 4.54 -28.44 22.08
N ARG B 49 4.45 -27.36 21.30
CA ARG B 49 4.28 -26.04 21.89
C ARG B 49 3.07 -26.00 22.81
N ASP B 50 1.93 -26.55 22.35
CA ASP B 50 0.73 -26.56 23.18
C ASP B 50 0.94 -27.38 24.44
N ALA B 51 1.63 -28.51 24.33
CA ALA B 51 1.84 -29.37 25.49
C ALA B 51 2.76 -28.73 26.52
N THR B 52 3.70 -27.90 26.07
CA THR B 52 4.62 -27.24 26.97
C THR B 52 4.19 -25.81 27.29
N ASN B 53 2.99 -25.41 26.90
CA ASN B 53 2.52 -24.04 27.05
C ASN B 53 3.55 -23.06 26.48
N ASP B 54 4.05 -23.39 25.29
CA ASP B 54 4.97 -22.58 24.51
C ASP B 54 6.31 -22.37 25.22
N GLN B 55 6.59 -23.14 26.27
CA GLN B 55 7.90 -23.04 26.91
C GLN B 55 9.02 -23.47 25.97
N VAL B 56 8.77 -24.44 25.10
CA VAL B 56 9.81 -24.93 24.20
C VAL B 56 10.31 -23.80 23.31
N THR B 57 9.41 -22.89 22.91
CA THR B 57 9.81 -21.79 22.02
C THR B 57 10.82 -20.89 22.71
N LYS B 58 10.51 -20.50 23.95
CA LYS B 58 11.42 -19.64 24.70
C LYS B 58 12.74 -20.34 24.95
N ASP B 59 12.71 -21.64 25.25
CA ASP B 59 13.93 -22.38 25.53
C ASP B 59 14.84 -22.40 24.30
N ALA B 60 14.27 -22.48 23.11
CA ALA B 60 15.08 -22.55 21.89
C ALA B 60 15.64 -21.19 21.54
N ALA B 61 14.88 -20.13 21.81
CA ALA B 61 15.42 -18.79 21.65
C ALA B 61 16.64 -18.61 22.53
N GLU B 62 16.55 -19.04 23.78
CA GLU B 62 17.66 -18.93 24.72
C GLU B 62 18.84 -19.78 24.28
N ALA B 63 18.56 -20.95 23.69
CA ALA B 63 19.62 -21.80 23.19
C ALA B 63 20.36 -21.14 22.03
N ILE B 64 19.63 -20.44 21.15
CA ILE B 64 20.29 -19.72 20.08
C ILE B 64 21.18 -18.62 20.65
N LYS B 65 20.70 -17.93 21.67
CA LYS B 65 21.47 -16.87 22.29
C LYS B 65 22.76 -17.42 22.88
N LYS B 66 22.71 -18.64 23.42
CA LYS B 66 23.87 -19.21 24.09
C LYS B 66 24.85 -19.86 23.13
N HIS B 67 24.36 -20.46 22.04
CA HIS B 67 25.23 -21.19 21.12
C HIS B 67 25.43 -20.52 19.77
N ASN B 68 24.75 -19.40 19.49
CA ASN B 68 25.07 -18.49 18.38
C ASN B 68 24.56 -18.93 17.01
N VAL B 69 24.20 -20.20 16.83
CA VAL B 69 23.81 -20.69 15.52
C VAL B 69 22.49 -21.43 15.65
N GLY B 70 21.45 -20.91 15.02
CA GLY B 70 20.15 -21.55 15.01
C GLY B 70 19.66 -21.77 13.58
N VAL B 71 19.10 -22.93 13.35
CA VAL B 71 18.42 -23.25 12.10
C VAL B 71 17.02 -23.71 12.45
N LYS B 72 16.01 -23.10 11.81
CA LYS B 72 14.63 -23.28 12.21
C LYS B 72 13.75 -23.67 11.03
N CYS B 73 12.87 -24.62 11.27
CA CYS B 73 11.84 -25.05 10.32
C CYS B 73 10.59 -24.19 10.52
N ALA B 74 9.85 -24.00 9.45
CA ALA B 74 8.63 -23.22 9.53
C ALA B 74 7.65 -23.84 10.54
N THR B 75 6.90 -22.97 11.21
CA THR B 75 5.96 -23.36 12.24
C THR B 75 4.59 -22.75 11.97
N ILE B 76 3.55 -23.44 12.45
CA ILE B 76 2.20 -22.89 12.40
C ILE B 76 2.10 -21.76 13.41
N THR B 77 1.64 -20.59 12.95
CA THR B 77 1.23 -19.53 13.87
C THR B 77 -0.27 -19.65 14.09
N PRO B 78 -0.74 -19.96 15.29
CA PRO B 78 -2.17 -20.24 15.46
C PRO B 78 -3.04 -19.03 15.12
N ASP B 79 -4.19 -19.31 14.53
CA ASP B 79 -5.33 -18.41 14.47
C ASP B 79 -6.54 -19.16 14.99
N GLU B 80 -7.70 -18.50 14.95
CA GLU B 80 -8.93 -19.11 15.45
C GLU B 80 -9.19 -20.46 14.79
N LYS B 81 -8.82 -20.61 13.52
CA LYS B 81 -9.02 -21.89 12.83
C LYS B 81 -8.10 -22.96 13.38
N ARG B 82 -6.84 -22.61 13.66
CA ARG B 82 -5.91 -23.59 14.20
C ARG B 82 -6.30 -24.02 15.61
N VAL B 83 -6.70 -23.07 16.45
CA VAL B 83 -7.20 -23.42 17.77
C VAL B 83 -8.22 -24.53 17.67
N GLU B 84 -9.10 -24.45 16.67
CA GLU B 84 -10.08 -25.51 16.46
C GLU B 84 -9.43 -26.77 15.91
N GLU B 85 -8.57 -26.63 14.90
CA GLU B 85 -8.00 -27.80 14.26
C GLU B 85 -7.24 -28.67 15.27
N PHE B 86 -6.46 -28.04 16.14
CA PHE B 86 -5.62 -28.77 17.09
C PHE B 86 -6.15 -28.73 18.52
N LYS B 87 -7.34 -28.16 18.73
CA LYS B 87 -7.89 -28.00 20.07
C LYS B 87 -6.81 -27.43 21.00
N LEU B 88 -6.33 -26.24 20.64
CA LEU B 88 -5.24 -25.59 21.35
C LEU B 88 -5.75 -24.98 22.65
N LYS B 89 -4.90 -25.01 23.66
CA LYS B 89 -5.26 -24.40 24.94
C LYS B 89 -5.51 -22.90 24.78
N GLN B 90 -4.73 -22.25 23.94
CA GLN B 90 -4.91 -20.83 23.66
C GLN B 90 -4.21 -20.52 22.35
N MET B 91 -4.50 -19.34 21.82
CA MET B 91 -3.91 -18.90 20.54
C MET B 91 -2.48 -18.46 20.80
N TRP B 92 -1.55 -19.42 20.74
CA TRP B 92 -0.16 -19.15 21.02
C TRP B 92 0.38 -18.14 20.02
N LYS B 93 1.28 -17.28 20.50
CA LYS B 93 1.89 -16.26 19.65
C LYS B 93 2.92 -16.88 18.71
N SER B 94 3.19 -16.16 17.63
CA SER B 94 4.12 -16.63 16.62
C SER B 94 5.44 -17.01 17.28
N PRO B 95 5.97 -18.21 17.02
CA PRO B 95 7.31 -18.52 17.54
C PRO B 95 8.37 -17.61 16.98
N ASN B 96 8.19 -17.13 15.76
CA ASN B 96 9.16 -16.22 15.15
C ASN B 96 9.14 -14.87 15.86
N GLY B 97 7.97 -14.38 16.22
CA GLY B 97 7.91 -13.16 17.01
C GLY B 97 8.61 -13.31 18.34
N THR B 98 8.39 -14.46 19.01
CA THR B 98 9.01 -14.72 20.30
C THR B 98 10.53 -14.83 20.16
N ILE B 99 11.00 -15.55 19.14
CA ILE B 99 12.44 -15.71 18.96
C ILE B 99 13.09 -14.36 18.67
N ARG B 100 12.51 -13.60 17.75
CA ARG B 100 13.10 -12.32 17.37
C ARG B 100 13.06 -11.33 18.52
N ASN B 101 12.00 -11.36 19.33
CA ASN B 101 11.93 -10.45 20.47
C ASN B 101 13.00 -10.78 21.50
N ILE B 102 13.36 -12.06 21.62
CA ILE B 102 14.42 -12.43 22.55
C ILE B 102 15.80 -12.14 21.95
N LEU B 103 16.01 -12.45 20.67
CA LEU B 103 17.34 -12.34 20.10
C LEU B 103 17.67 -10.94 19.62
N GLY B 104 16.67 -10.16 19.27
CA GLY B 104 16.93 -8.96 18.51
C GLY B 104 17.46 -9.36 17.14
N GLY B 105 17.95 -8.37 16.41
CA GLY B 105 18.56 -8.59 15.12
C GLY B 105 17.67 -8.16 13.98
N THR B 106 18.26 -8.17 12.79
CA THR B 106 17.57 -7.81 11.55
C THR B 106 17.46 -9.03 10.64
N VAL B 107 16.32 -9.16 9.98
CA VAL B 107 16.08 -10.27 9.06
C VAL B 107 16.53 -9.85 7.67
N PHE B 108 17.30 -10.71 7.02
CA PHE B 108 17.74 -10.49 5.65
C PHE B 108 17.28 -11.66 4.79
N ARG B 109 16.60 -11.35 3.69
CA ARG B 109 16.12 -12.35 2.75
C ARG B 109 16.90 -12.25 1.46
N GLU B 110 17.08 -13.41 0.82
CA GLU B 110 17.87 -13.47 -0.40
C GLU B 110 17.32 -14.57 -1.29
N ALA B 111 16.95 -14.20 -2.51
CA ALA B 111 16.53 -15.18 -3.50
C ALA B 111 17.75 -15.98 -3.96
N ILE B 112 17.60 -17.29 -4.04
CA ILE B 112 18.67 -18.12 -4.60
C ILE B 112 18.55 -18.10 -6.11
N ILE B 113 19.68 -17.85 -6.78
CA ILE B 113 19.73 -17.61 -8.20
C ILE B 113 20.12 -18.88 -8.94
N CYS B 114 19.43 -19.15 -10.05
CA CYS B 114 19.76 -20.23 -10.98
C CYS B 114 19.62 -19.69 -12.39
N LYS B 115 20.65 -19.87 -13.21
CA LYS B 115 20.68 -19.16 -14.50
C LYS B 115 19.52 -19.55 -15.42
N ASN B 116 18.85 -20.68 -15.17
CA ASN B 116 17.73 -21.09 -15.99
C ASN B 116 16.38 -20.72 -15.37
N ILE B 117 16.36 -20.05 -14.23
CA ILE B 117 15.15 -19.59 -13.57
C ILE B 117 15.05 -18.08 -13.73
N PRO B 118 14.03 -17.54 -14.38
CA PRO B 118 13.94 -16.09 -14.51
C PRO B 118 13.77 -15.44 -13.14
N ARG B 119 14.39 -14.29 -12.97
CA ARG B 119 14.26 -13.48 -11.78
C ARG B 119 13.21 -12.39 -11.98
N LEU B 120 12.71 -11.87 -10.87
CA LEU B 120 11.62 -10.89 -10.92
C LEU B 120 11.90 -9.80 -11.94
N VAL B 121 13.16 -9.37 -12.04
CA VAL B 121 13.60 -8.38 -13.01
C VAL B 121 14.68 -9.03 -13.87
N SER B 122 14.54 -8.90 -15.19
CA SER B 122 15.35 -9.69 -16.10
C SER B 122 16.84 -9.41 -15.93
N GLY B 123 17.19 -8.12 -15.78
CA GLY B 123 18.59 -7.72 -15.81
C GLY B 123 19.43 -8.11 -14.60
N TRP B 124 18.82 -8.65 -13.55
CA TRP B 124 19.59 -9.03 -12.36
C TRP B 124 20.41 -10.30 -12.62
N VAL B 125 21.70 -10.24 -12.29
CA VAL B 125 22.57 -11.40 -12.40
C VAL B 125 23.25 -11.77 -11.10
N LYS B 126 23.39 -10.84 -10.16
CA LYS B 126 24.08 -11.10 -8.89
C LYS B 126 23.10 -11.03 -7.72
N PRO B 127 23.46 -11.57 -6.57
CA PRO B 127 22.49 -11.63 -5.46
C PRO B 127 22.05 -10.25 -4.99
N ILE B 128 20.86 -10.22 -4.40
CA ILE B 128 20.32 -9.04 -3.73
C ILE B 128 19.78 -9.51 -2.40
N ILE B 129 20.17 -8.83 -1.33
CA ILE B 129 19.88 -9.24 0.03
C ILE B 129 19.16 -8.08 0.69
N ILE B 130 17.95 -8.35 1.19
CA ILE B 130 17.03 -7.32 1.63
C ILE B 130 16.79 -7.46 3.12
N GLY B 131 17.10 -6.41 3.87
CA GLY B 131 16.83 -6.40 5.30
C GLY B 131 16.05 -5.17 5.68
N CYS B 132 14.80 -5.34 6.09
CA CYS B 132 13.99 -4.21 6.51
C CYS B 132 13.91 -4.14 8.02
N HIS B 133 13.86 -2.92 8.54
CA HIS B 133 13.83 -2.69 9.98
C HIS B 133 12.61 -3.37 10.61
N ALA B 134 12.87 -4.15 11.66
CA ALA B 134 11.82 -4.81 12.42
C ALA B 134 10.93 -3.79 13.14
N ARG B 140 5.20 -2.55 18.60
CA ARG B 140 5.77 -1.39 19.28
C ARG B 140 5.02 -0.10 18.91
N ALA B 141 3.71 -0.22 18.73
CA ALA B 141 2.89 0.90 18.29
C ALA B 141 1.50 0.79 18.90
N THR B 142 0.93 1.92 19.29
CA THR B 142 -0.36 1.95 19.98
C THR B 142 -1.37 2.73 19.14
N ASP B 143 -2.37 2.02 18.65
CA ASP B 143 -3.46 2.60 17.87
C ASP B 143 -4.75 2.52 18.68
N PHE B 144 -5.60 3.52 18.51
CA PHE B 144 -6.84 3.56 19.26
C PHE B 144 -7.93 4.24 18.44
N VAL B 145 -9.17 3.91 18.78
CA VAL B 145 -10.33 4.57 18.20
C VAL B 145 -10.56 5.89 18.93
N VAL B 146 -10.72 6.97 18.16
CA VAL B 146 -11.08 8.27 18.72
C VAL B 146 -12.61 8.34 18.78
N PRO B 147 -13.21 8.36 19.96
CA PRO B 147 -14.68 8.26 20.02
C PRO B 147 -15.41 9.46 19.45
N GLY B 148 -14.79 10.63 19.43
CA GLY B 148 -15.44 11.82 18.93
C GLY B 148 -14.54 13.04 18.94
N PRO B 149 -15.12 14.22 18.84
CA PRO B 149 -14.31 15.44 18.77
C PRO B 149 -13.36 15.57 19.96
N GLY B 150 -12.20 16.14 19.69
CA GLY B 150 -11.18 16.31 20.70
C GLY B 150 -9.80 16.25 20.10
N LYS B 151 -8.82 16.70 20.88
CA LYS B 151 -7.44 16.76 20.45
C LYS B 151 -6.74 15.44 20.73
N VAL B 152 -6.10 14.88 19.71
CA VAL B 152 -5.11 13.83 19.89
C VAL B 152 -3.74 14.50 19.82
N GLU B 153 -2.92 14.29 20.85
CA GLU B 153 -1.64 14.95 20.95
C GLU B 153 -0.58 13.96 21.38
N ILE B 154 0.65 14.16 20.90
CA ILE B 154 1.83 13.49 21.42
C ILE B 154 2.65 14.53 22.18
N THR B 155 3.04 14.20 23.40
CA THR B 155 3.91 15.08 24.17
C THR B 155 5.18 14.32 24.54
N TYR B 156 6.28 15.06 24.63
CA TYR B 156 7.57 14.53 25.06
C TYR B 156 8.05 15.34 26.26
N THR B 157 8.35 14.66 27.36
CA THR B 157 8.83 15.30 28.58
C THR B 157 10.19 14.75 28.94
N PRO B 158 11.27 15.48 28.70
CA PRO B 158 12.60 14.93 29.01
C PRO B 158 12.79 14.75 30.51
N SER B 159 13.66 13.82 30.86
CA SER B 159 13.98 13.60 32.27
C SER B 159 14.79 14.77 32.82
N ASP B 160 15.68 15.33 32.02
CA ASP B 160 16.63 16.32 32.49
C ASP B 160 16.05 17.73 32.50
N GLY B 161 14.74 17.86 32.69
CA GLY B 161 14.14 19.16 32.92
C GLY B 161 14.39 20.21 31.85
N THR B 162 14.81 19.81 30.65
CA THR B 162 14.90 20.77 29.56
C THR B 162 13.53 20.94 28.91
N GLN B 163 13.48 21.27 27.63
CA GLN B 163 12.22 21.66 27.01
C GLN B 163 11.31 20.46 26.82
N LYS B 164 10.02 20.67 27.08
CA LYS B 164 8.98 19.69 26.80
C LYS B 164 8.13 20.15 25.64
N VAL B 165 7.76 19.23 24.76
CA VAL B 165 7.05 19.55 23.53
C VAL B 165 5.73 18.80 23.50
N THR B 166 4.68 19.48 23.07
CA THR B 166 3.40 18.85 22.75
C THR B 166 3.15 19.02 21.26
N TYR B 167 2.91 17.93 20.56
CA TYR B 167 2.62 17.94 19.13
C TYR B 167 1.15 17.62 18.91
N LEU B 168 0.48 18.45 18.12
CA LEU B 168 -0.90 18.18 17.75
C LEU B 168 -0.89 17.14 16.64
N VAL B 169 -1.39 15.94 16.92
CA VAL B 169 -1.60 14.96 15.87
C VAL B 169 -2.77 15.38 14.99
N HIS B 170 -3.90 15.67 15.61
CA HIS B 170 -5.07 16.13 14.89
C HIS B 170 -6.11 16.63 15.88
N ASN B 171 -6.80 17.71 15.50
CA ASN B 171 -7.98 18.18 16.21
C ASN B 171 -9.20 17.57 15.52
N PHE B 172 -9.82 16.59 16.16
CA PHE B 172 -11.06 16.00 15.67
C PHE B 172 -12.19 16.98 15.98
N GLU B 173 -12.77 17.57 14.94
CA GLU B 173 -13.84 18.53 15.07
C GLU B 173 -15.20 17.94 14.71
N GLU B 174 -15.28 17.29 13.56
CA GLU B 174 -16.47 16.54 13.17
C GLU B 174 -16.22 15.06 13.40
N GLY B 175 -17.15 14.40 14.09
CA GLY B 175 -17.03 13.00 14.37
C GLY B 175 -15.70 12.57 14.96
N GLY B 176 -15.46 11.27 14.96
CA GLY B 176 -14.21 10.74 15.48
C GLY B 176 -13.38 10.07 14.39
N GLY B 177 -12.65 9.04 14.77
CA GLY B 177 -11.80 8.33 13.83
C GLY B 177 -10.81 7.45 14.55
N VAL B 178 -9.61 7.34 13.99
CA VAL B 178 -8.57 6.53 14.59
C VAL B 178 -7.28 7.34 14.64
N ALA B 179 -6.45 7.02 15.62
CA ALA B 179 -5.15 7.64 15.78
C ALA B 179 -4.18 6.58 16.28
N MET B 180 -2.89 6.81 16.00
CA MET B 180 -1.87 5.91 16.51
C MET B 180 -0.58 6.68 16.72
N GLY B 181 0.23 6.16 17.63
CA GLY B 181 1.59 6.62 17.79
C GLY B 181 2.54 5.45 17.79
N MET B 182 3.77 5.71 17.36
CA MET B 182 4.82 4.70 17.45
C MET B 182 6.17 5.40 17.63
N TYR B 183 7.18 4.58 17.92
CA TYR B 183 8.47 5.09 18.34
C TYR B 183 9.55 4.08 18.00
N ASN B 184 10.78 4.57 17.91
CA ASN B 184 11.97 3.73 17.86
C ASN B 184 13.05 4.34 18.72
N GLN B 185 13.70 3.53 19.53
CA GLN B 185 14.83 3.99 20.31
C GLN B 185 16.10 3.94 19.47
N ASP B 186 17.04 4.83 19.78
CA ASP B 186 18.28 4.89 19.02
C ASP B 186 18.98 3.53 18.98
N LYS B 187 19.08 2.87 20.14
CA LYS B 187 19.68 1.55 20.21
C LYS B 187 19.16 0.63 19.11
N SER B 188 17.85 0.68 18.86
CA SER B 188 17.25 -0.19 17.86
C SER B 188 17.69 0.19 16.45
N ILE B 189 17.94 1.48 16.22
CA ILE B 189 18.42 1.91 14.91
C ILE B 189 19.89 1.58 14.75
N GLU B 190 20.66 1.70 15.84
CA GLU B 190 22.07 1.31 15.82
C GLU B 190 22.23 -0.17 15.55
N ASP B 191 21.40 -1.01 16.16
CA ASP B 191 21.49 -2.45 15.91
C ASP B 191 21.15 -2.78 14.46
N PHE B 192 20.13 -2.12 13.92
CA PHE B 192 19.81 -2.27 12.50
C PHE B 192 21.02 -1.94 11.65
N ALA B 193 21.76 -0.90 12.02
CA ALA B 193 22.92 -0.50 11.22
C ALA B 193 24.07 -1.49 11.38
N HIS B 194 24.37 -1.88 12.62
CA HIS B 194 25.47 -2.81 12.82
C HIS B 194 25.23 -4.13 12.09
N SER B 195 24.00 -4.66 12.19
CA SER B 195 23.68 -5.87 11.46
C SER B 195 23.82 -5.66 9.95
N SER B 196 23.41 -4.49 9.46
CA SER B 196 23.45 -4.24 8.01
C SER B 196 24.88 -4.17 7.51
N PHE B 197 25.74 -3.39 8.18
CA PHE B 197 27.12 -3.28 7.73
C PHE B 197 27.83 -4.62 7.80
N GLN B 198 27.51 -5.44 8.80
CA GLN B 198 28.18 -6.72 8.94
C GLN B 198 27.68 -7.75 7.93
N MET B 199 26.40 -7.68 7.55
CA MET B 199 25.96 -8.45 6.39
C MET B 199 26.74 -8.04 5.15
N ALA B 200 26.93 -6.74 4.93
CA ALA B 200 27.67 -6.28 3.77
C ALA B 200 29.12 -6.74 3.78
N LEU B 201 29.77 -6.71 4.95
CA LEU B 201 31.15 -7.17 5.01
C LEU B 201 31.22 -8.68 4.86
N SER B 202 30.28 -9.39 5.46
CA SER B 202 30.28 -10.85 5.37
C SER B 202 30.10 -11.30 3.93
N LYS B 203 29.20 -10.68 3.20
CA LYS B 203 28.90 -11.06 1.82
C LYS B 203 29.82 -10.38 0.81
N GLY B 204 30.56 -9.35 1.21
CA GLY B 204 31.40 -8.63 0.28
C GLY B 204 30.62 -7.88 -0.77
N TRP B 205 29.51 -7.23 -0.36
CA TRP B 205 28.68 -6.43 -1.24
C TRP B 205 28.54 -5.01 -0.68
N PRO B 206 28.34 -4.02 -1.54
CA PRO B 206 28.00 -2.69 -1.04
C PRO B 206 26.61 -2.67 -0.44
N LEU B 207 26.41 -1.74 0.48
CA LEU B 207 25.17 -1.60 1.23
C LEU B 207 24.48 -0.29 0.87
N TYR B 208 23.16 -0.34 0.66
CA TYR B 208 22.34 0.84 0.46
C TYR B 208 21.25 0.89 1.53
N LEU B 209 21.05 2.08 2.10
CA LEU B 209 19.95 2.32 3.02
C LEU B 209 18.90 3.14 2.28
N SER B 210 17.67 2.65 2.24
CA SER B 210 16.56 3.36 1.62
C SER B 210 15.63 3.86 2.71
N THR B 211 15.26 5.13 2.64
CA THR B 211 14.24 5.67 3.53
C THR B 211 13.30 6.52 2.69
N LYS B 212 12.17 6.90 3.29
CA LYS B 212 11.27 7.88 2.69
C LYS B 212 11.56 9.26 3.27
N ASN B 213 12.82 9.65 3.10
CA ASN B 213 13.41 10.78 3.81
C ASN B 213 12.65 12.09 3.63
N THR B 214 11.84 12.21 2.59
CA THR B 214 11.23 13.50 2.27
C THR B 214 10.02 13.79 3.16
N ILE B 215 9.14 12.80 3.33
N ILE B 215 9.16 12.80 3.40
CA ILE B 215 7.94 12.98 4.14
CA ILE B 215 7.93 13.07 4.15
C ILE B 215 8.29 13.05 5.62
C ILE B 215 8.15 12.99 5.66
N LEU B 216 8.91 11.99 6.14
CA LEU B 216 9.26 11.91 7.56
C LEU B 216 10.71 12.39 7.74
N LYS B 217 10.86 13.71 7.56
CA LYS B 217 12.20 14.29 7.64
C LYS B 217 12.90 13.92 8.95
N LYS B 218 12.15 13.70 10.02
CA LYS B 218 12.76 13.44 11.32
C LYS B 218 12.88 11.95 11.61
N TYR B 219 11.80 11.19 11.40
CA TYR B 219 11.81 9.78 11.76
C TYR B 219 12.81 9.01 10.91
N ASP B 220 12.70 9.12 9.58
CA ASP B 220 13.64 8.48 8.68
C ASP B 220 15.00 9.16 8.70
N GLY B 221 15.02 10.47 8.93
CA GLY B 221 16.29 11.16 9.03
C GLY B 221 17.17 10.60 10.13
N ARG B 222 16.54 10.12 11.22
CA ARG B 222 17.31 9.53 12.30
C ARG B 222 18.04 8.28 11.83
N PHE B 223 17.36 7.46 11.02
CA PHE B 223 18.00 6.25 10.48
C PHE B 223 19.19 6.65 9.61
N LYS B 224 18.99 7.63 8.72
CA LYS B 224 20.08 8.08 7.86
C LYS B 224 21.27 8.55 8.69
N ASP B 225 21.03 9.44 9.65
CA ASP B 225 22.14 10.00 10.43
C ASP B 225 22.87 8.90 11.18
N ILE B 226 22.13 8.00 11.82
CA ILE B 226 22.76 6.98 12.66
C ILE B 226 23.51 5.96 11.80
N PHE B 227 22.95 5.58 10.65
CA PHE B 227 23.70 4.72 9.73
C PHE B 227 25.00 5.39 9.31
N GLN B 228 24.95 6.69 9.05
CA GLN B 228 26.14 7.38 8.55
C GLN B 228 27.19 7.50 9.64
N GLU B 229 26.76 7.83 10.87
CA GLU B 229 27.71 8.02 11.96
C GLU B 229 28.43 6.71 12.26
N ILE B 230 27.68 5.63 12.45
CA ILE B 230 28.28 4.34 12.73
C ILE B 230 29.20 3.91 11.60
N TYR B 231 28.81 4.19 10.35
CA TYR B 231 29.66 3.85 9.22
C TYR B 231 30.99 4.59 9.29
N ASP B 232 30.94 5.91 9.46
CA ASP B 232 32.16 6.69 9.40
C ASP B 232 33.15 6.25 10.48
N LYS B 233 32.68 5.97 11.68
CA LYS B 233 33.59 5.72 12.79
C LYS B 233 33.84 4.24 13.06
N GLN B 234 33.02 3.33 12.52
CA GLN B 234 33.19 1.92 12.85
C GLN B 234 33.37 0.99 11.66
N TYR B 235 33.09 1.44 10.43
CA TYR B 235 33.10 0.50 9.31
C TYR B 235 33.67 1.04 8.01
N LYS B 236 33.89 2.34 7.84
CA LYS B 236 34.35 2.83 6.56
C LYS B 236 35.66 2.16 6.15
N SER B 237 36.60 2.05 7.09
CA SER B 237 37.91 1.49 6.75
C SER B 237 37.79 0.06 6.27
N GLN B 238 36.97 -0.76 6.95
CA GLN B 238 36.80 -2.15 6.54
C GLN B 238 36.14 -2.25 5.18
N PHE B 239 35.16 -1.39 4.90
CA PHE B 239 34.52 -1.40 3.58
C PHE B 239 35.53 -1.10 2.48
N GLU B 240 36.31 -0.04 2.64
CA GLU B 240 37.28 0.29 1.62
C GLU B 240 38.31 -0.81 1.42
N ALA B 241 38.53 -1.66 2.44
CA ALA B 241 39.49 -2.75 2.27
C ALA B 241 38.91 -3.86 1.43
N GLN B 242 37.59 -4.06 1.48
CA GLN B 242 36.91 -4.98 0.59
C GLN B 242 36.38 -4.29 -0.66
N LYS B 243 36.70 -3.01 -0.86
CA LYS B 243 36.29 -2.25 -2.03
C LYS B 243 34.77 -2.23 -2.17
N ILE B 244 34.07 -2.11 -1.06
CA ILE B 244 32.64 -1.89 -1.07
C ILE B 244 32.39 -0.53 -0.44
N TRP B 245 31.13 -0.12 -0.32
CA TRP B 245 30.81 1.23 0.08
C TRP B 245 29.39 1.24 0.63
N TYR B 246 29.01 2.37 1.21
CA TYR B 246 27.67 2.54 1.78
C TYR B 246 27.09 3.88 1.36
N GLU B 247 25.83 3.87 0.91
CA GLU B 247 25.14 5.10 0.52
C GLU B 247 23.68 5.02 0.93
N HIS B 248 23.11 6.19 1.23
CA HIS B 248 21.69 6.33 1.49
C HIS B 248 20.98 6.69 0.19
N ARG B 249 19.74 6.24 0.06
CA ARG B 249 18.91 6.55 -1.10
C ARG B 249 17.49 6.85 -0.65
N LEU B 250 16.87 7.84 -1.26
CA LEU B 250 15.42 7.96 -1.15
C LEU B 250 14.80 6.73 -1.81
N ILE B 251 13.72 6.23 -1.22
CA ILE B 251 13.11 5.00 -1.74
C ILE B 251 12.73 5.17 -3.21
N ASP B 252 12.28 6.37 -3.60
CA ASP B 252 11.96 6.64 -5.00
C ASP B 252 13.11 6.23 -5.90
N ASP B 253 14.30 6.77 -5.64
CA ASP B 253 15.46 6.50 -6.47
C ASP B 253 15.98 5.09 -6.30
N MET B 254 15.83 4.51 -5.11
CA MET B 254 16.38 3.20 -4.85
C MET B 254 15.68 2.15 -5.70
N VAL B 255 14.35 2.21 -5.76
CA VAL B 255 13.60 1.20 -6.49
C VAL B 255 13.96 1.23 -7.97
N ALA B 256 14.08 2.43 -8.52
CA ALA B 256 14.45 2.54 -9.93
C ALA B 256 15.88 2.06 -10.15
N GLN B 257 16.81 2.47 -9.29
CA GLN B 257 18.20 2.03 -9.47
C GLN B 257 18.34 0.53 -9.23
N ALA B 258 17.49 -0.05 -8.38
CA ALA B 258 17.51 -1.51 -8.23
C ALA B 258 17.09 -2.19 -9.52
N MET B 259 16.03 -1.70 -10.17
CA MET B 259 15.53 -2.35 -11.37
C MET B 259 16.44 -2.13 -12.56
N LYS B 260 17.35 -1.17 -12.49
CA LYS B 260 18.32 -0.92 -13.55
C LYS B 260 19.68 -1.52 -13.25
N SER B 261 19.86 -2.15 -12.08
CA SER B 261 21.16 -2.69 -11.75
C SER B 261 21.24 -4.16 -12.13
N GLU B 262 22.44 -4.73 -12.00
CA GLU B 262 22.64 -6.15 -12.18
C GLU B 262 22.64 -6.90 -10.86
N GLY B 263 22.22 -6.25 -9.78
CA GLY B 263 22.25 -6.87 -8.48
C GLY B 263 23.61 -6.72 -7.81
N GLY B 264 23.84 -7.57 -6.81
CA GLY B 264 25.07 -7.52 -6.06
C GLY B 264 25.10 -6.39 -5.05
N PHE B 265 24.13 -6.35 -4.14
CA PHE B 265 24.18 -5.34 -3.09
C PHE B 265 23.28 -5.78 -1.94
N ILE B 266 23.54 -5.19 -0.79
CA ILE B 266 22.69 -5.33 0.38
C ILE B 266 21.73 -4.15 0.36
N TRP B 267 20.47 -4.40 0.68
CA TRP B 267 19.42 -3.38 0.63
C TRP B 267 18.79 -3.33 2.02
N ALA B 268 19.29 -2.43 2.84
CA ALA B 268 18.65 -2.14 4.12
C ALA B 268 17.51 -1.18 3.86
N CYS B 269 16.30 -1.60 4.16
CA CYS B 269 15.10 -0.85 3.82
C CYS B 269 14.42 -0.40 5.11
N LYS B 270 13.97 0.83 5.11
CA LYS B 270 13.20 1.38 6.22
C LYS B 270 11.79 1.60 5.70
N ASN B 271 10.91 0.63 5.95
CA ASN B 271 9.49 0.73 5.63
C ASN B 271 8.70 0.61 6.92
N TYR B 272 7.37 0.60 6.79
CA TYR B 272 6.48 0.58 7.94
C TYR B 272 5.46 -0.52 7.79
N ASP B 273 4.96 -1.00 8.93
CA ASP B 273 3.96 -2.06 8.92
C ASP B 273 2.76 -1.62 8.10
N GLY B 274 2.41 -2.44 7.12
CA GLY B 274 1.39 -2.12 6.15
C GLY B 274 1.91 -1.97 4.74
N ASP B 275 3.23 -1.85 4.56
CA ASP B 275 3.84 -1.78 3.25
C ASP B 275 4.02 -3.18 2.67
N VAL B 276 4.33 -3.23 1.39
CA VAL B 276 4.59 -4.50 0.71
C VAL B 276 5.95 -5.00 1.17
N GLN B 277 6.01 -6.29 1.50
CA GLN B 277 7.25 -6.93 1.91
C GLN B 277 7.71 -7.88 0.82
N SER B 278 9.03 -8.04 0.70
CA SER B 278 9.59 -8.78 -0.41
C SER B 278 9.03 -10.21 -0.51
N ASP B 279 8.72 -10.85 0.62
CA ASP B 279 8.23 -12.23 0.54
C ASP B 279 6.80 -12.29 0.01
N PHE B 280 5.98 -11.25 0.20
CA PHE B 280 4.66 -11.27 -0.40
C PHE B 280 4.79 -11.28 -1.92
N VAL B 281 5.76 -10.53 -2.45
CA VAL B 281 5.97 -10.45 -3.88
C VAL B 281 6.58 -11.75 -4.40
N ALA B 282 7.51 -12.35 -3.64
CA ALA B 282 8.10 -13.61 -4.08
C ALA B 282 7.04 -14.71 -4.11
N GLN B 283 6.08 -14.67 -3.18
CA GLN B 283 5.01 -15.65 -3.19
C GLN B 283 4.14 -15.49 -4.42
N GLY B 284 3.72 -14.25 -4.69
CA GLY B 284 2.92 -14.01 -5.88
C GLY B 284 3.63 -14.43 -7.15
N TYR B 285 4.94 -14.17 -7.22
CA TYR B 285 5.73 -14.50 -8.40
C TYR B 285 5.97 -16.00 -8.53
N GLY B 286 5.79 -16.76 -7.44
CA GLY B 286 6.05 -18.19 -7.47
C GLY B 286 7.45 -18.60 -7.11
N SER B 287 8.21 -17.74 -6.43
CA SER B 287 9.63 -17.97 -6.16
C SER B 287 9.93 -18.13 -4.67
N LEU B 288 8.91 -18.26 -3.83
CA LEU B 288 9.18 -18.22 -2.40
C LEU B 288 9.92 -19.47 -1.95
N GLY B 289 9.72 -20.59 -2.63
CA GLY B 289 10.47 -21.78 -2.30
C GLY B 289 11.97 -21.63 -2.49
N MET B 290 12.41 -20.57 -3.16
CA MET B 290 13.82 -20.35 -3.40
C MET B 290 14.38 -19.19 -2.60
N MET B 291 13.67 -18.74 -1.57
N MET B 291 13.67 -18.75 -1.56
CA MET B 291 14.06 -17.55 -0.83
CA MET B 291 14.03 -17.56 -0.81
C MET B 291 14.47 -17.89 0.60
C MET B 291 14.46 -17.91 0.60
N THR B 292 15.71 -17.59 0.93
CA THR B 292 16.27 -17.82 2.24
C THR B 292 16.06 -16.62 3.14
N SER B 293 16.31 -16.81 4.41
CA SER B 293 16.20 -15.74 5.38
C SER B 293 17.20 -16.02 6.48
N VAL B 294 17.76 -14.96 7.04
CA VAL B 294 18.69 -15.11 8.14
C VAL B 294 18.53 -13.93 9.09
N LEU B 295 18.28 -14.22 10.36
CA LEU B 295 18.23 -13.19 11.39
C LEU B 295 19.65 -12.96 11.88
N VAL B 296 20.15 -11.73 11.71
CA VAL B 296 21.54 -11.37 11.98
C VAL B 296 21.55 -10.43 13.18
N CYS B 297 22.03 -10.92 14.31
CA CYS B 297 22.12 -10.06 15.47
C CYS B 297 23.21 -9.02 15.28
N PRO B 298 23.15 -7.92 16.04
CA PRO B 298 24.15 -6.87 15.84
C PRO B 298 25.53 -7.23 16.39
N ASP B 299 25.63 -8.25 17.23
CA ASP B 299 26.94 -8.65 17.73
C ASP B 299 27.84 -9.24 16.65
N GLY B 300 27.29 -9.52 15.47
CA GLY B 300 28.06 -10.22 14.45
C GLY B 300 28.44 -11.64 14.79
N LYS B 301 27.88 -12.23 15.84
CA LYS B 301 28.15 -13.62 16.22
C LYS B 301 26.95 -14.53 16.07
N THR B 302 25.74 -14.06 16.37
CA THR B 302 24.58 -14.92 16.46
C THR B 302 23.72 -14.78 15.21
N VAL B 303 23.29 -15.92 14.66
CA VAL B 303 22.42 -15.95 13.49
C VAL B 303 21.36 -17.02 13.67
N GLU B 304 20.18 -16.75 13.13
CA GLU B 304 19.12 -17.73 13.05
C GLU B 304 18.71 -17.83 11.59
N ALA B 305 19.01 -18.97 10.96
CA ALA B 305 18.69 -19.19 9.55
C ALA B 305 17.39 -19.97 9.42
N GLU B 306 16.61 -19.62 8.40
CA GLU B 306 15.34 -20.27 8.16
C GLU B 306 14.96 -20.03 6.72
N ALA B 307 14.00 -20.81 6.22
CA ALA B 307 13.33 -20.45 4.99
C ALA B 307 12.44 -19.25 5.22
N ALA B 308 12.22 -18.46 4.17
CA ALA B 308 11.32 -17.33 4.27
C ALA B 308 9.86 -17.75 4.16
N HIS B 309 9.57 -18.93 3.63
CA HIS B 309 8.20 -19.38 3.46
C HIS B 309 7.67 -20.04 4.74
N GLY B 310 6.38 -20.33 4.73
CA GLY B 310 5.72 -21.02 5.82
C GLY B 310 5.75 -22.53 5.70
N THR B 311 4.80 -23.17 6.35
CA THR B 311 4.78 -24.62 6.39
C THR B 311 4.21 -25.23 5.13
N VAL B 312 3.74 -24.41 4.19
CA VAL B 312 3.21 -24.88 2.92
C VAL B 312 2.02 -25.78 3.17
N THR B 313 1.08 -25.30 3.98
CA THR B 313 -0.10 -26.07 4.35
C THR B 313 -0.80 -26.69 3.14
N ARG B 314 -0.92 -25.94 2.04
CA ARG B 314 -1.68 -26.45 0.90
C ARG B 314 -1.05 -27.71 0.35
N HIS B 315 0.28 -27.75 0.23
CA HIS B 315 0.92 -28.97 -0.22
C HIS B 315 0.79 -30.09 0.81
N TYR B 316 0.75 -29.73 2.10
CA TYR B 316 0.67 -30.74 3.14
C TYR B 316 -0.63 -31.53 3.03
N ARG B 317 -1.74 -30.86 2.70
CA ARG B 317 -3.00 -31.57 2.54
C ARG B 317 -2.93 -32.55 1.38
N MET B 318 -2.34 -32.11 0.26
CA MET B 318 -2.17 -33.01 -0.88
C MET B 318 -1.35 -34.23 -0.47
N TYR B 319 -0.27 -34.02 0.28
CA TYR B 319 0.50 -35.12 0.82
C TYR B 319 -0.35 -36.02 1.70
N GLN B 320 -1.15 -35.43 2.59
CA GLN B 320 -1.95 -36.23 3.50
C GLN B 320 -2.92 -37.13 2.76
N LYS B 321 -3.41 -36.71 1.61
CA LYS B 321 -4.30 -37.52 0.79
C LYS B 321 -3.56 -38.44 -0.16
N GLY B 322 -2.24 -38.50 -0.07
CA GLY B 322 -1.47 -39.38 -0.92
C GLY B 322 -1.35 -38.92 -2.34
N GLN B 323 -1.43 -37.61 -2.56
CA GLN B 323 -1.29 -37.04 -3.90
C GLN B 323 0.16 -36.62 -4.13
N GLU B 324 0.51 -36.53 -5.41
CA GLU B 324 1.85 -36.09 -5.79
C GLU B 324 2.09 -34.67 -5.30
N THR B 325 3.19 -34.48 -4.56
CA THR B 325 3.61 -33.15 -4.12
C THR B 325 5.00 -32.87 -4.63
N SER B 326 5.27 -31.61 -5.00
CA SER B 326 6.62 -31.17 -5.32
C SER B 326 6.80 -29.83 -4.61
N THR B 327 7.11 -29.91 -3.33
CA THR B 327 7.44 -28.73 -2.53
C THR B 327 8.93 -28.45 -2.66
N ASN B 328 9.26 -27.19 -2.92
CA ASN B 328 10.65 -26.81 -3.17
C ASN B 328 11.42 -26.81 -1.86
N PRO B 329 12.48 -27.61 -1.73
CA PRO B 329 13.23 -27.67 -0.48
C PRO B 329 14.43 -26.75 -0.38
N ILE B 330 14.71 -25.95 -1.43
CA ILE B 330 15.96 -25.21 -1.48
C ILE B 330 16.06 -24.23 -0.31
N ALA B 331 15.00 -23.48 -0.06
CA ALA B 331 15.07 -22.49 1.01
C ALA B 331 15.40 -23.16 2.33
N SER B 332 14.72 -24.27 2.64
CA SER B 332 15.00 -24.98 3.86
C SER B 332 16.44 -25.48 3.90
N ILE B 333 16.94 -26.00 2.78
CA ILE B 333 18.31 -26.51 2.74
C ILE B 333 19.29 -25.38 3.00
N PHE B 334 19.03 -24.21 2.43
CA PHE B 334 19.95 -23.10 2.62
C PHE B 334 19.89 -22.55 4.03
N ALA B 335 18.82 -22.83 4.77
CA ALA B 335 18.84 -22.52 6.19
C ALA B 335 19.95 -23.30 6.88
N TRP B 336 20.08 -24.58 6.51
CA TRP B 336 21.13 -25.40 7.09
C TRP B 336 22.52 -24.97 6.61
N THR B 337 22.68 -24.71 5.30
CA THR B 337 24.02 -24.42 4.79
C THR B 337 24.53 -23.07 5.28
N ARG B 338 23.63 -22.08 5.36
CA ARG B 338 24.03 -20.78 5.88
C ARG B 338 24.25 -20.84 7.39
N GLY B 339 23.46 -21.66 8.10
CA GLY B 339 23.72 -21.86 9.51
C GLY B 339 25.02 -22.61 9.75
N LEU B 340 25.25 -23.66 8.98
CA LEU B 340 26.50 -24.41 9.12
C LEU B 340 27.69 -23.57 8.66
N ALA B 341 27.52 -22.77 7.62
CA ALA B 341 28.61 -21.89 7.21
C ALA B 341 28.98 -20.92 8.33
N HIS B 342 27.98 -20.37 9.01
CA HIS B 342 28.28 -19.46 10.11
C HIS B 342 28.97 -20.19 11.26
N ARG B 343 28.54 -21.41 11.55
CA ARG B 343 29.24 -22.20 12.56
C ARG B 343 30.70 -22.40 12.15
N ALA B 344 30.93 -22.72 10.89
CA ALA B 344 32.30 -22.92 10.43
C ALA B 344 33.12 -21.66 10.59
N LYS B 345 32.50 -20.50 10.36
CA LYS B 345 33.21 -19.23 10.47
C LYS B 345 33.64 -19.00 11.91
N LEU B 346 32.73 -19.20 12.87
CA LEU B 346 33.09 -18.98 14.26
C LEU B 346 34.15 -19.95 14.74
N ASP B 347 34.15 -21.17 14.23
CA ASP B 347 35.02 -22.22 14.76
C ASP B 347 36.26 -22.47 13.91
N ASN B 348 36.43 -21.75 12.80
CA ASN B 348 37.51 -22.03 11.87
C ASN B 348 37.50 -23.50 11.45
N ASN B 349 36.30 -24.01 11.20
CA ASN B 349 36.09 -25.39 10.78
C ASN B 349 36.13 -25.42 9.26
N LYS B 350 37.32 -25.74 8.71
CA LYS B 350 37.49 -25.68 7.25
C LYS B 350 36.65 -26.73 6.55
N GLU B 351 36.52 -27.92 7.15
CA GLU B 351 35.76 -28.99 6.52
C GLU B 351 34.28 -28.65 6.48
N LEU B 352 33.75 -28.13 7.58
CA LEU B 352 32.35 -27.75 7.61
C LEU B 352 32.07 -26.65 6.59
N ALA B 353 33.00 -25.71 6.45
CA ALA B 353 32.80 -24.62 5.51
C ALA B 353 32.73 -25.15 4.10
N PHE B 354 33.66 -26.05 3.75
CA PHE B 354 33.61 -26.68 2.43
C PHE B 354 32.27 -27.39 2.22
N PHE B 355 31.83 -28.16 3.22
CA PHE B 355 30.59 -28.92 3.07
C PHE B 355 29.40 -27.99 2.91
N ALA B 356 29.33 -26.95 3.75
CA ALA B 356 28.23 -25.99 3.63
C ALA B 356 28.17 -25.42 2.22
N ASN B 357 29.32 -25.00 1.70
CA ASN B 357 29.33 -24.44 0.36
C ASN B 357 28.99 -25.51 -0.69
N ALA B 358 29.52 -26.72 -0.52
CA ALA B 358 29.29 -27.76 -1.52
C ALA B 358 27.81 -28.07 -1.68
N LEU B 359 27.07 -28.12 -0.57
CA LEU B 359 25.65 -28.42 -0.64
C LEU B 359 24.91 -27.32 -1.40
N GLU B 360 25.33 -26.06 -1.23
CA GLU B 360 24.72 -24.98 -1.99
C GLU B 360 24.99 -25.14 -3.48
N GLU B 361 26.24 -25.43 -3.84
CA GLU B 361 26.58 -25.66 -5.23
C GLU B 361 25.77 -26.80 -5.83
N VAL B 362 25.61 -27.89 -5.07
CA VAL B 362 24.87 -29.04 -5.58
C VAL B 362 23.42 -28.68 -5.78
N SER B 363 22.85 -27.89 -4.87
CA SER B 363 21.46 -27.46 -5.04
C SER B 363 21.28 -26.67 -6.33
N ILE B 364 22.20 -25.75 -6.61
CA ILE B 364 22.07 -24.92 -7.80
C ILE B 364 22.41 -25.69 -9.06
N GLU B 365 23.47 -26.48 -9.04
CA GLU B 365 23.85 -27.24 -10.22
C GLU B 365 22.75 -28.19 -10.65
N THR B 366 22.08 -28.81 -9.68
CA THR B 366 21.01 -29.75 -9.99
C THR B 366 19.87 -29.07 -10.73
N ILE B 367 19.41 -27.92 -10.22
CA ILE B 367 18.31 -27.21 -10.86
C ILE B 367 18.74 -26.76 -12.25
N GLU B 368 19.95 -26.18 -12.34
CA GLU B 368 20.42 -25.67 -13.62
C GLU B 368 20.58 -26.78 -14.65
N ALA B 369 20.69 -28.03 -14.20
CA ALA B 369 20.79 -29.17 -15.11
C ALA B 369 19.43 -29.66 -15.59
N GLY B 370 18.34 -29.11 -15.07
CA GLY B 370 17.00 -29.47 -15.51
C GLY B 370 16.17 -30.27 -14.52
N PHE B 371 16.68 -30.50 -13.31
CA PHE B 371 15.97 -31.25 -12.28
C PHE B 371 15.44 -30.27 -11.24
N MET B 372 14.11 -30.17 -11.13
CA MET B 372 13.51 -29.13 -10.32
C MET B 372 12.11 -29.55 -9.90
N THR B 373 11.60 -28.89 -8.86
CA THR B 373 10.23 -29.04 -8.44
C THR B 373 9.29 -28.24 -9.35
N LYS B 374 7.99 -28.41 -9.13
CA LYS B 374 7.00 -27.88 -10.06
C LYS B 374 7.02 -26.36 -10.10
N ASP B 375 7.18 -25.72 -8.93
CA ASP B 375 7.20 -24.25 -8.89
C ASP B 375 8.29 -23.68 -9.80
N LEU B 376 9.44 -24.34 -9.87
CA LEU B 376 10.52 -23.87 -10.73
C LEU B 376 10.18 -24.10 -12.21
N ALA B 377 9.62 -25.26 -12.53
CA ALA B 377 9.17 -25.49 -13.90
C ALA B 377 8.13 -24.45 -14.32
N ALA B 378 7.17 -24.16 -13.44
CA ALA B 378 6.16 -23.15 -13.71
C ALA B 378 6.80 -21.78 -13.87
N ILE B 380 9.54 -21.07 -15.19
CA ILE B 380 10.04 -20.99 -16.56
C ILE B 380 8.92 -20.92 -17.59
N LYS B 381 8.09 -21.96 -17.66
CA LYS B 381 7.15 -22.12 -18.75
C LYS B 381 5.77 -21.54 -18.47
N GLY B 382 5.51 -21.11 -17.24
CA GLY B 382 4.18 -20.71 -16.86
C GLY B 382 3.37 -21.91 -16.42
N LEU B 383 2.68 -21.80 -15.29
CA LEU B 383 2.05 -22.97 -14.68
C LEU B 383 1.12 -23.71 -15.63
N PRO B 384 0.32 -23.06 -16.48
CA PRO B 384 -0.56 -23.84 -17.37
C PRO B 384 0.20 -24.80 -18.27
N ASN B 385 1.45 -24.50 -18.63
CA ASN B 385 2.18 -25.27 -19.62
C ASN B 385 3.03 -26.39 -19.03
N VAL B 386 3.07 -26.53 -17.71
CA VAL B 386 3.90 -27.55 -17.09
C VAL B 386 3.25 -28.92 -17.30
N GLN B 387 4.06 -29.88 -17.71
CA GLN B 387 3.64 -31.28 -17.81
C GLN B 387 4.42 -32.11 -16.81
N ARG B 388 3.93 -33.33 -16.54
CA ARG B 388 4.51 -34.18 -15.51
C ARG B 388 6.02 -34.31 -15.68
N SER B 389 6.48 -34.58 -16.90
CA SER B 389 7.90 -34.77 -17.16
C SER B 389 8.73 -33.51 -16.95
N ASP B 390 8.11 -32.37 -16.67
CA ASP B 390 8.87 -31.14 -16.45
C ASP B 390 9.46 -31.04 -15.05
N TYR B 391 8.97 -31.81 -14.09
CA TYR B 391 9.41 -31.61 -12.71
C TYR B 391 9.45 -32.93 -11.96
N LEU B 392 10.22 -32.92 -10.88
CA LEU B 392 10.32 -34.02 -9.92
C LEU B 392 9.47 -33.73 -8.70
N ASN B 393 8.87 -34.80 -8.14
CA ASN B 393 8.16 -34.63 -6.89
C ASN B 393 9.16 -34.38 -5.77
N THR B 394 8.64 -34.08 -4.57
CA THR B 394 9.48 -33.68 -3.45
C THR B 394 10.56 -34.72 -3.18
N PHE B 395 10.17 -35.99 -3.08
CA PHE B 395 11.12 -37.02 -2.71
C PHE B 395 12.09 -37.29 -3.84
N GLU B 396 11.61 -37.35 -5.08
CA GLU B 396 12.50 -37.51 -6.22
C GLU B 396 13.56 -36.41 -6.25
N PHE B 397 13.18 -35.18 -5.91
CA PHE B 397 14.14 -34.10 -5.93
C PHE B 397 15.16 -34.25 -4.80
N MET B 398 14.68 -34.55 -3.58
CA MET B 398 15.59 -34.84 -2.49
C MET B 398 16.57 -35.95 -2.87
N ASP B 399 16.03 -37.04 -3.44
CA ASP B 399 16.87 -38.12 -3.94
C ASP B 399 17.95 -37.59 -4.85
N LYS B 400 17.57 -36.81 -5.86
CA LYS B 400 18.54 -36.33 -6.84
C LYS B 400 19.62 -35.50 -6.16
N LEU B 401 19.22 -34.58 -5.28
CA LEU B 401 20.22 -33.82 -4.54
C LEU B 401 21.16 -34.74 -3.79
N GLY B 402 20.62 -35.79 -3.18
CA GLY B 402 21.43 -36.66 -2.35
C GLY B 402 22.49 -37.41 -3.14
N GLU B 403 22.13 -37.89 -4.33
CA GLU B 403 23.11 -38.56 -5.16
C GLU B 403 24.10 -37.57 -5.77
N ASN B 404 23.68 -36.32 -5.97
CA ASN B 404 24.61 -35.32 -6.48
C ASN B 404 25.54 -34.83 -5.39
N LEU B 405 25.04 -34.71 -4.15
CA LEU B 405 25.91 -34.35 -3.04
C LEU B 405 26.96 -35.44 -2.81
N LYS B 406 26.53 -36.71 -2.83
CA LYS B 406 27.48 -37.79 -2.60
C LYS B 406 28.58 -37.77 -3.65
N ILE B 407 28.22 -37.51 -4.91
CA ILE B 407 29.21 -37.44 -5.97
C ILE B 407 30.11 -36.23 -5.79
N LYS B 408 29.51 -35.07 -5.53
CA LYS B 408 30.31 -33.88 -5.26
C LYS B 408 31.38 -34.15 -4.20
N LEU B 409 30.97 -34.76 -3.08
CA LEU B 409 31.85 -34.96 -1.94
C LEU B 409 32.77 -36.17 -2.08
N ALA B 410 32.93 -36.71 -3.29
CA ALA B 410 34.00 -37.67 -3.53
C ALA B 410 35.38 -37.01 -3.59
N GLN B 411 35.43 -35.68 -3.59
CA GLN B 411 36.70 -34.96 -3.74
C GLN B 411 37.19 -34.41 -2.41
N LYS C 3 -18.58 18.69 -39.37
CA LYS C 3 -19.39 19.11 -38.23
C LYS C 3 -18.86 18.33 -37.03
N LYS C 4 -18.93 18.93 -35.85
CA LYS C 4 -18.29 18.39 -34.67
C LYS C 4 -19.32 17.91 -33.64
N ILE C 5 -18.85 17.09 -32.72
CA ILE C 5 -19.69 16.53 -31.67
C ILE C 5 -19.83 17.55 -30.55
N SER C 6 -21.07 17.81 -30.14
CA SER C 6 -21.31 18.64 -28.97
C SER C 6 -20.91 17.88 -27.71
N GLY C 7 -19.96 18.42 -26.94
CA GLY C 7 -19.41 17.72 -25.82
C GLY C 7 -20.09 18.01 -24.49
N GLY C 8 -20.16 19.29 -24.14
CA GLY C 8 -20.71 19.71 -22.86
C GLY C 8 -19.67 20.45 -22.05
N SER C 9 -19.98 20.61 -20.77
CA SER C 9 -19.13 21.39 -19.88
C SER C 9 -17.96 20.55 -19.42
N VAL C 10 -16.75 21.07 -19.57
CA VAL C 10 -15.53 20.42 -19.11
C VAL C 10 -14.62 21.48 -18.53
N VAL C 11 -14.05 21.19 -17.36
CA VAL C 11 -13.10 22.08 -16.71
C VAL C 11 -11.69 21.64 -17.08
N GLU C 12 -10.96 22.50 -17.77
CA GLU C 12 -9.61 22.21 -18.20
C GLU C 12 -8.61 22.95 -17.31
N MET C 13 -7.49 22.28 -17.03
CA MET C 13 -6.41 22.87 -16.25
C MET C 13 -5.10 22.72 -17.02
N GLN C 14 -4.58 23.85 -17.50
CA GLN C 14 -3.31 23.85 -18.21
C GLN C 14 -2.16 23.76 -17.23
N GLY C 15 -1.04 23.22 -17.69
CA GLY C 15 0.06 22.84 -16.82
C GLY C 15 1.38 23.43 -17.26
N ASP C 16 2.46 22.73 -16.93
CA ASP C 16 3.80 23.23 -17.09
C ASP C 16 4.65 22.31 -17.95
N GLU C 17 5.65 22.92 -18.60
CA GLU C 17 6.81 22.24 -19.20
C GLU C 17 6.33 21.24 -20.25
N MET C 18 6.95 20.07 -20.38
CA MET C 18 6.71 19.22 -21.54
C MET C 18 5.26 18.82 -21.67
N THR C 19 4.56 18.65 -20.54
N THR C 19 4.55 18.64 -20.56
CA THR C 19 3.15 18.25 -20.60
CA THR C 19 3.16 18.23 -20.66
C THR C 19 2.29 19.33 -21.21
C THR C 19 2.27 19.34 -21.23
N ARG C 20 2.61 20.60 -20.96
CA ARG C 20 1.89 21.69 -21.60
C ARG C 20 2.04 21.61 -23.12
N ILE C 21 3.24 21.25 -23.60
CA ILE C 21 3.44 21.07 -25.04
C ILE C 21 2.57 19.92 -25.54
N ILE C 22 2.63 18.78 -24.87
CA ILE C 22 1.78 17.65 -25.23
C ILE C 22 0.31 18.06 -25.16
N TRP C 23 -0.07 18.77 -24.10
CA TRP C 23 -1.46 19.15 -23.87
C TRP C 23 -2.05 19.82 -25.10
N GLU C 24 -1.38 20.86 -25.61
CA GLU C 24 -1.90 21.59 -26.76
C GLU C 24 -1.91 20.73 -28.02
N LEU C 25 -0.85 19.94 -28.24
CA LEU C 25 -0.84 19.02 -29.37
C LEU C 25 -2.07 18.12 -29.35
N ILE C 26 -2.41 17.59 -28.18
CA ILE C 26 -3.58 16.71 -28.06
C ILE C 26 -4.84 17.47 -28.42
N LYS C 27 -4.96 18.71 -27.92
CA LYS C 27 -6.14 19.49 -28.23
C LYS C 27 -6.18 19.86 -29.72
N GLU C 28 -5.06 20.35 -30.26
CA GLU C 28 -5.08 20.87 -31.62
C GLU C 28 -5.23 19.74 -32.65
N LYS C 29 -4.77 18.53 -32.34
CA LYS C 29 -4.72 17.47 -33.34
C LYS C 29 -5.73 16.35 -33.11
N LEU C 30 -6.21 16.15 -31.89
CA LEU C 30 -7.04 15.00 -31.57
C LEU C 30 -8.42 15.36 -31.01
N ILE C 31 -8.58 16.50 -30.33
CA ILE C 31 -9.85 16.83 -29.69
C ILE C 31 -10.63 17.86 -30.51
N PHE C 32 -10.04 19.03 -30.72
CA PHE C 32 -10.78 20.13 -31.34
C PHE C 32 -11.23 19.82 -32.76
N PRO C 33 -10.47 19.10 -33.59
CA PRO C 33 -10.95 18.78 -34.93
C PRO C 33 -12.25 18.00 -34.95
N TYR C 34 -12.64 17.37 -33.83
CA TYR C 34 -13.80 16.50 -33.82
C TYR C 34 -14.84 16.84 -32.76
N VAL C 35 -14.46 17.52 -31.67
CA VAL C 35 -15.34 17.76 -30.55
C VAL C 35 -15.42 19.26 -30.28
N GLU C 36 -16.62 19.73 -29.92
CA GLU C 36 -16.87 21.12 -29.59
C GLU C 36 -17.32 21.19 -28.13
N LEU C 37 -16.46 21.69 -27.26
CA LEU C 37 -16.65 21.59 -25.82
C LEU C 37 -16.93 22.94 -25.20
N ASP C 38 -17.86 22.97 -24.24
CA ASP C 38 -18.04 24.12 -23.36
C ASP C 38 -16.88 24.09 -22.37
N LEU C 39 -15.76 24.67 -22.78
CA LEU C 39 -14.51 24.53 -22.07
C LEU C 39 -14.37 25.66 -21.06
N HIS C 40 -14.20 25.29 -19.79
CA HIS C 40 -13.93 26.23 -18.70
C HIS C 40 -12.47 26.06 -18.33
N SER C 41 -11.60 26.89 -18.89
CA SER C 41 -10.16 26.71 -18.75
C SER C 41 -9.60 27.53 -17.59
N TYR C 42 -8.72 26.91 -16.82
CA TYR C 42 -8.01 27.56 -15.73
C TYR C 42 -6.52 27.31 -15.93
N ASP C 43 -5.76 28.38 -16.11
CA ASP C 43 -4.31 28.27 -16.33
C ASP C 43 -3.64 28.01 -14.98
N LEU C 44 -3.07 26.81 -14.84
CA LEU C 44 -2.32 26.46 -13.63
C LEU C 44 -0.82 26.36 -13.91
N GLY C 45 -0.34 26.97 -14.98
CA GLY C 45 1.09 27.15 -15.14
C GLY C 45 1.68 27.90 -13.96
N ILE C 46 2.94 27.60 -13.66
CA ILE C 46 3.54 28.11 -12.43
C ILE C 46 3.57 29.63 -12.42
N GLU C 47 3.72 30.25 -13.59
CA GLU C 47 3.75 31.72 -13.66
C GLU C 47 2.36 32.32 -13.50
N ASN C 48 1.32 31.65 -13.98
CA ASN C 48 -0.04 32.16 -13.78
C ASN C 48 -0.49 31.94 -12.34
N ARG C 49 -0.15 30.78 -11.77
CA ARG C 49 -0.44 30.55 -10.36
C ARG C 49 0.18 31.62 -9.49
N ASP C 50 1.50 31.81 -9.61
CA ASP C 50 2.20 32.75 -8.75
C ASP C 50 1.73 34.17 -8.99
N ALA C 51 1.38 34.51 -10.24
CA ALA C 51 0.86 35.84 -10.52
C ALA C 51 -0.51 36.04 -9.91
N THR C 52 -1.29 34.98 -9.74
CA THR C 52 -2.61 35.02 -9.12
C THR C 52 -2.54 34.65 -7.64
N ASN C 53 -1.34 34.56 -7.07
CA ASN C 53 -1.17 34.12 -5.69
C ASN C 53 -1.88 32.79 -5.47
N ASP C 54 -1.75 31.89 -6.43
CA ASP C 54 -2.30 30.54 -6.38
C ASP C 54 -3.81 30.54 -6.18
N GLN C 55 -4.49 31.61 -6.57
CA GLN C 55 -5.95 31.63 -6.46
C GLN C 55 -6.61 30.88 -7.60
N VAL C 56 -6.01 30.86 -8.79
CA VAL C 56 -6.60 30.14 -9.91
C VAL C 56 -6.77 28.67 -9.57
N THR C 57 -5.83 28.10 -8.80
CA THR C 57 -5.92 26.70 -8.42
C THR C 57 -7.18 26.43 -7.62
N LYS C 58 -7.41 27.20 -6.56
CA LYS C 58 -8.64 27.08 -5.81
C LYS C 58 -9.86 27.30 -6.70
N ASP C 59 -9.77 28.29 -7.60
CA ASP C 59 -10.88 28.58 -8.51
C ASP C 59 -11.19 27.38 -9.39
N ALA C 60 -10.15 26.74 -9.95
CA ALA C 60 -10.39 25.59 -10.82
C ALA C 60 -11.04 24.45 -10.06
N ALA C 61 -10.69 24.28 -8.78
CA ALA C 61 -11.27 23.19 -8.01
C ALA C 61 -12.77 23.39 -7.83
N GLU C 62 -13.20 24.62 -7.54
CA GLU C 62 -14.62 24.88 -7.40
C GLU C 62 -15.36 24.70 -8.72
N ALA C 63 -14.69 24.98 -9.84
CA ALA C 63 -15.33 24.79 -11.14
C ALA C 63 -15.60 23.31 -11.41
N ILE C 64 -14.73 22.42 -10.93
CA ILE C 64 -15.00 20.98 -11.04
C ILE C 64 -16.19 20.61 -10.17
N LYS C 65 -16.26 21.17 -8.96
CA LYS C 65 -17.43 20.95 -8.10
C LYS C 65 -18.71 21.27 -8.85
N LYS C 66 -18.71 22.34 -9.64
CA LYS C 66 -19.93 22.84 -10.28
C LYS C 66 -20.26 22.05 -11.54
N HIS C 67 -19.27 21.79 -12.40
CA HIS C 67 -19.50 21.15 -13.69
C HIS C 67 -19.27 19.64 -13.67
N ASN C 68 -18.64 19.10 -12.62
CA ASN C 68 -18.51 17.68 -12.34
C ASN C 68 -17.45 16.97 -13.16
N VAL C 69 -16.80 17.63 -14.12
CA VAL C 69 -15.80 16.97 -14.96
C VAL C 69 -14.58 17.87 -15.08
N GLY C 70 -13.41 17.32 -14.74
CA GLY C 70 -12.16 18.04 -14.87
C GLY C 70 -11.05 17.21 -15.48
N VAL C 71 -10.33 17.78 -16.45
CA VAL C 71 -9.15 17.17 -17.04
C VAL C 71 -7.99 18.11 -16.77
N LYS C 72 -6.87 17.57 -16.29
CA LYS C 72 -5.78 18.37 -15.77
C LYS C 72 -4.45 17.95 -16.38
N CYS C 73 -3.63 18.95 -16.69
CA CYS C 73 -2.27 18.75 -17.15
C CYS C 73 -1.30 18.75 -15.97
N ALA C 74 -0.20 18.01 -16.13
CA ALA C 74 0.80 17.98 -15.08
C ALA C 74 1.31 19.38 -14.76
N THR C 75 1.47 19.66 -13.47
CA THR C 75 1.88 20.98 -12.99
C THR C 75 3.16 20.87 -12.17
N ILE C 76 3.96 21.94 -12.22
CA ILE C 76 5.14 22.02 -11.37
C ILE C 76 4.71 22.21 -9.93
N THR C 77 5.22 21.37 -9.04
CA THR C 77 5.16 21.64 -7.61
C THR C 77 6.42 22.40 -7.22
N PRO C 78 6.34 23.68 -6.84
CA PRO C 78 7.56 24.44 -6.58
C PRO C 78 8.28 23.91 -5.35
N ASP C 79 9.61 23.94 -5.41
CA ASP C 79 10.46 23.63 -4.27
C ASP C 79 11.54 24.69 -4.16
N GLU C 80 12.54 24.46 -3.31
CA GLU C 80 13.59 25.46 -3.15
C GLU C 80 14.24 25.80 -4.48
N LYS C 81 14.53 24.78 -5.30
CA LYS C 81 15.21 25.02 -6.56
C LYS C 81 14.33 25.83 -7.52
N ARG C 82 13.02 25.54 -7.54
CA ARG C 82 12.15 26.14 -8.54
C ARG C 82 11.65 27.53 -8.15
N VAL C 83 11.58 27.86 -6.86
CA VAL C 83 11.23 29.22 -6.49
C VAL C 83 12.28 30.19 -7.03
N GLU C 84 13.54 29.76 -7.11
CA GLU C 84 14.57 30.57 -7.73
C GLU C 84 14.39 30.65 -9.24
N GLU C 85 14.01 29.53 -9.85
CA GLU C 85 13.88 29.47 -11.31
C GLU C 85 12.95 30.56 -11.83
N PHE C 86 11.72 30.59 -11.31
CA PHE C 86 10.72 31.54 -11.75
C PHE C 86 10.69 32.81 -10.89
N LYS C 87 11.62 32.94 -9.95
CA LYS C 87 11.58 34.02 -8.98
C LYS C 87 10.18 34.12 -8.39
N LEU C 88 9.66 32.98 -7.94
CA LEU C 88 8.30 32.91 -7.43
C LEU C 88 8.26 33.39 -5.98
N LYS C 89 7.12 33.98 -5.60
CA LYS C 89 6.98 34.67 -4.33
C LYS C 89 6.23 33.79 -3.33
N GLN C 90 6.93 32.72 -2.93
CA GLN C 90 6.49 31.75 -1.91
C GLN C 90 6.45 30.35 -2.51
N MET C 91 6.82 29.34 -1.71
CA MET C 91 6.79 27.93 -2.15
C MET C 91 5.35 27.46 -2.07
N TRP C 92 4.64 27.57 -3.19
CA TRP C 92 3.23 27.22 -3.23
C TRP C 92 3.03 25.73 -2.99
N LYS C 93 1.95 25.41 -2.27
CA LYS C 93 1.59 24.02 -2.08
C LYS C 93 1.16 23.39 -3.40
N SER C 94 1.25 22.06 -3.46
CA SER C 94 0.99 21.36 -4.70
C SER C 94 -0.41 21.70 -5.21
N PRO C 95 -0.60 21.88 -6.52
CA PRO C 95 -1.96 22.07 -7.02
C PRO C 95 -2.83 20.84 -6.84
N ASN C 96 -2.26 19.64 -7.00
CA ASN C 96 -3.04 18.42 -6.84
C ASN C 96 -3.51 18.24 -5.41
N GLY C 97 -2.63 18.57 -4.44
CA GLY C 97 -3.04 18.48 -3.05
C GLY C 97 -4.14 19.48 -2.72
N THR C 98 -4.07 20.67 -3.30
CA THR C 98 -5.13 21.66 -3.11
C THR C 98 -6.46 21.14 -3.66
N ILE C 99 -6.45 20.65 -4.90
CA ILE C 99 -7.69 20.20 -5.54
C ILE C 99 -8.27 19.01 -4.79
N ARG C 100 -7.42 18.05 -4.42
CA ARG C 100 -7.90 16.85 -3.72
C ARG C 100 -8.55 17.23 -2.39
N ASN C 101 -7.95 18.18 -1.67
CA ASN C 101 -8.51 18.60 -0.39
C ASN C 101 -9.89 19.23 -0.58
N ILE C 102 -10.06 20.03 -1.64
CA ILE C 102 -11.33 20.72 -1.85
C ILE C 102 -12.39 19.74 -2.33
N LEU C 103 -12.06 18.91 -3.32
CA LEU C 103 -13.05 18.02 -3.89
C LEU C 103 -13.30 16.80 -3.01
N GLY C 104 -12.32 16.40 -2.22
CA GLY C 104 -12.39 15.10 -1.59
C GLY C 104 -12.26 14.00 -2.65
N GLY C 105 -12.50 12.78 -2.20
CA GLY C 105 -12.47 11.65 -3.11
C GLY C 105 -11.12 10.96 -3.16
N THR C 106 -11.09 9.85 -3.87
CA THR C 106 -9.94 8.97 -3.93
C THR C 106 -9.35 8.96 -5.33
N VAL C 107 -8.02 8.92 -5.40
CA VAL C 107 -7.32 8.86 -6.66
C VAL C 107 -7.11 7.40 -7.07
N PHE C 108 -7.44 7.08 -8.31
CA PHE C 108 -7.35 5.72 -8.84
C PHE C 108 -6.36 5.70 -10.00
N ARG C 109 -5.39 4.80 -9.92
CA ARG C 109 -4.38 4.64 -10.96
C ARG C 109 -4.66 3.38 -11.76
N GLU C 110 -4.37 3.45 -13.06
CA GLU C 110 -4.58 2.32 -13.95
C GLU C 110 -3.55 2.38 -15.06
N ALA C 111 -2.81 1.29 -15.25
CA ALA C 111 -1.91 1.19 -16.39
C ALA C 111 -2.70 0.84 -17.64
N ILE C 112 -2.30 1.42 -18.76
CA ILE C 112 -2.96 1.16 -20.02
C ILE C 112 -2.28 -0.01 -20.71
N ILE C 113 -3.08 -0.94 -21.23
CA ILE C 113 -2.62 -2.22 -21.71
C ILE C 113 -2.49 -2.19 -23.23
N CYS C 114 -1.29 -2.51 -23.73
CA CYS C 114 -1.07 -2.84 -25.13
C CYS C 114 -0.54 -4.27 -25.20
N LYS C 115 -1.03 -5.04 -26.19
CA LYS C 115 -0.70 -6.45 -26.24
C LYS C 115 0.78 -6.73 -26.45
N ASN C 116 1.54 -5.77 -26.99
CA ASN C 116 2.97 -5.97 -27.25
C ASN C 116 3.84 -5.32 -26.19
N ILE C 117 3.25 -4.64 -25.22
CA ILE C 117 3.98 -3.99 -24.14
C ILE C 117 3.87 -4.91 -22.92
N PRO C 118 4.94 -5.62 -22.55
CA PRO C 118 4.81 -6.60 -21.46
C PRO C 118 4.46 -5.91 -20.15
N ARG C 119 3.51 -6.50 -19.43
CA ARG C 119 3.08 -5.93 -18.17
C ARG C 119 4.01 -6.38 -17.05
N LEU C 120 3.78 -5.82 -15.86
CA LEU C 120 4.65 -6.08 -14.72
C LEU C 120 4.63 -7.56 -14.36
N VAL C 121 3.44 -8.16 -14.29
CA VAL C 121 3.26 -9.60 -14.12
C VAL C 121 2.71 -10.17 -15.42
N SER C 122 3.34 -11.23 -15.93
CA SER C 122 3.02 -11.70 -17.27
C SER C 122 1.60 -12.24 -17.36
N GLY C 123 1.13 -12.95 -16.32
CA GLY C 123 -0.21 -13.53 -16.32
C GLY C 123 -1.36 -12.54 -16.28
N TRP C 124 -1.10 -11.24 -16.18
CA TRP C 124 -2.18 -10.26 -16.16
C TRP C 124 -2.69 -10.01 -17.58
N VAL C 125 -4.02 -10.06 -17.76
CA VAL C 125 -4.60 -9.83 -19.08
C VAL C 125 -5.64 -8.72 -19.04
N LYS C 126 -6.38 -8.61 -17.94
CA LYS C 126 -7.37 -7.58 -17.75
C LYS C 126 -6.80 -6.44 -16.93
N PRO C 127 -7.45 -5.28 -16.90
CA PRO C 127 -6.91 -4.17 -16.12
C PRO C 127 -6.97 -4.41 -14.62
N ILE C 128 -6.17 -3.61 -13.92
CA ILE C 128 -6.11 -3.56 -12.47
C ILE C 128 -6.11 -2.08 -12.12
N ILE C 129 -7.09 -1.67 -11.33
CA ILE C 129 -7.26 -0.26 -10.98
C ILE C 129 -6.99 -0.14 -9.50
N ILE C 130 -6.06 0.75 -9.14
CA ILE C 130 -5.54 0.82 -7.78
C ILE C 130 -5.96 2.15 -7.17
N GLY C 131 -6.63 2.07 -6.03
N GLY C 131 -6.63 2.07 -6.03
CA GLY C 131 -7.05 3.26 -5.33
CA GLY C 131 -7.05 3.26 -5.33
C GLY C 131 -6.51 3.27 -3.93
C GLY C 131 -6.51 3.27 -3.93
N CYS C 132 -5.65 4.23 -3.62
CA CYS C 132 -5.02 4.31 -2.30
C CYS C 132 -5.46 5.58 -1.60
N HIS C 133 -5.60 5.47 -0.28
CA HIS C 133 -6.19 6.53 0.54
C HIS C 133 -5.19 7.63 0.81
N ALA C 134 -5.64 8.87 0.70
CA ALA C 134 -4.82 10.03 0.98
C ALA C 134 -5.19 10.62 2.33
C TYR C 139 0.71 13.63 4.92
N ARG C 140 -0.14 13.68 5.94
CA ARG C 140 0.02 14.61 7.07
C ARG C 140 0.15 13.77 8.34
N ALA C 141 1.39 13.48 8.71
CA ALA C 141 1.71 12.79 9.96
C ALA C 141 2.69 13.63 10.76
N THR C 142 2.69 13.39 12.07
CA THR C 142 3.56 14.11 12.99
C THR C 142 4.69 13.20 13.43
N ASP C 143 5.92 13.65 13.22
CA ASP C 143 7.10 12.89 13.58
C ASP C 143 8.15 13.86 14.11
N PHE C 144 8.94 13.39 15.06
CA PHE C 144 9.92 14.24 15.71
C PHE C 144 11.00 13.38 16.34
N VAL C 145 12.10 14.04 16.70
CA VAL C 145 13.23 13.37 17.31
C VAL C 145 13.06 13.44 18.82
N VAL C 146 13.26 12.30 19.48
CA VAL C 146 13.38 12.26 20.93
C VAL C 146 14.86 12.41 21.25
N PRO C 147 15.30 13.56 21.79
CA PRO C 147 16.75 13.80 21.90
C PRO C 147 17.43 13.08 23.05
N GLY C 148 16.68 12.59 24.03
CA GLY C 148 17.26 11.93 25.17
C GLY C 148 16.21 11.31 26.06
N PRO C 149 16.65 10.74 27.18
CA PRO C 149 15.70 10.06 28.07
C PRO C 149 14.50 10.96 28.37
N GLY C 150 13.37 10.31 28.60
CA GLY C 150 12.13 11.02 28.86
C GLY C 150 10.94 10.15 28.51
N LYS C 151 9.75 10.73 28.69
CA LYS C 151 8.50 10.03 28.46
C LYS C 151 7.83 10.58 27.21
N VAL C 152 7.30 9.69 26.39
CA VAL C 152 6.47 10.07 25.25
C VAL C 152 5.09 9.49 25.47
N GLU C 153 4.08 10.36 25.53
CA GLU C 153 2.69 9.96 25.70
C GLU C 153 1.87 10.46 24.53
N ILE C 154 0.90 9.65 24.11
CA ILE C 154 -0.14 10.12 23.18
C ILE C 154 -1.45 10.16 23.95
N THR C 155 -2.14 11.29 23.85
CA THR C 155 -3.30 11.57 24.67
C THR C 155 -4.48 11.97 23.80
N TYR C 156 -5.68 11.78 24.34
CA TYR C 156 -6.90 12.23 23.69
C TYR C 156 -7.67 13.09 24.68
N THR C 157 -7.85 14.36 24.35
CA THR C 157 -8.60 15.28 25.20
C THR C 157 -9.94 15.59 24.54
N PRO C 158 -11.05 15.04 25.01
CA PRO C 158 -12.32 15.24 24.31
C PRO C 158 -12.80 16.68 24.41
N SER C 159 -13.56 17.10 23.40
N SER C 159 -13.57 17.10 23.40
CA SER C 159 -14.10 18.46 23.38
CA SER C 159 -14.11 18.44 23.36
C SER C 159 -15.09 18.72 24.50
C SER C 159 -15.10 18.71 24.49
N ASP C 160 -15.64 17.67 25.12
CA ASP C 160 -16.65 17.82 26.17
C ASP C 160 -16.04 18.12 27.54
N GLY C 161 -14.73 18.35 27.63
CA GLY C 161 -14.11 18.78 28.85
C GLY C 161 -13.74 17.68 29.83
N THR C 162 -14.23 16.46 29.65
CA THR C 162 -13.92 15.38 30.59
C THR C 162 -12.43 15.03 30.51
N GLN C 163 -12.02 14.09 31.37
CA GLN C 163 -10.62 13.88 31.66
C GLN C 163 -9.84 13.46 30.43
N LYS C 164 -8.57 13.82 30.42
CA LYS C 164 -7.66 13.46 29.33
C LYS C 164 -7.39 11.96 29.38
N VAL C 165 -7.45 11.32 28.21
CA VAL C 165 -7.19 9.90 28.06
C VAL C 165 -5.76 9.74 27.58
N THR C 166 -5.06 8.77 28.15
CA THR C 166 -3.63 8.59 27.89
C THR C 166 -3.34 7.17 27.43
N TYR C 167 -2.61 7.06 26.32
CA TYR C 167 -1.98 5.82 25.90
C TYR C 167 -0.47 6.08 25.85
N LEU C 168 0.28 5.49 26.78
CA LEU C 168 1.73 5.64 26.72
C LEU C 168 2.23 5.10 25.39
N VAL C 169 3.15 5.82 24.78
CA VAL C 169 3.85 5.31 23.60
C VAL C 169 5.12 4.57 23.99
N HIS C 170 5.89 5.13 24.92
CA HIS C 170 7.14 4.54 25.41
C HIS C 170 7.73 5.45 26.47
N ASN C 171 8.59 4.90 27.30
CA ASN C 171 9.30 5.64 28.35
C ASN C 171 10.80 5.44 28.11
N PHE C 172 11.42 6.38 27.40
CA PHE C 172 12.84 6.30 27.07
C PHE C 172 13.69 6.38 28.33
N GLU C 173 14.24 5.25 28.76
CA GLU C 173 15.03 5.22 29.99
C GLU C 173 16.51 5.52 29.77
N GLU C 174 17.05 5.19 28.60
CA GLU C 174 18.47 5.43 28.34
C GLU C 174 18.67 5.67 26.85
N GLY C 175 18.72 6.94 26.47
CA GLY C 175 19.00 7.33 25.10
C GLY C 175 17.83 8.06 24.48
N GLY C 176 18.02 8.42 23.21
CA GLY C 176 16.97 9.07 22.47
C GLY C 176 16.38 8.17 21.40
N GLY C 177 15.83 8.77 20.36
CA GLY C 177 15.16 8.00 19.33
C GLY C 177 14.19 8.89 18.57
N VAL C 178 13.09 8.28 18.15
CA VAL C 178 12.08 8.97 17.35
C VAL C 178 10.69 8.55 17.80
N ALA C 179 9.72 9.38 17.43
CA ALA C 179 8.33 9.16 17.77
C ALA C 179 7.50 9.75 16.64
N MET C 180 6.30 9.20 16.46
N MET C 180 6.30 9.21 16.47
CA MET C 180 5.47 9.56 15.32
CA MET C 180 5.48 9.54 15.31
C MET C 180 4.02 9.39 15.71
C MET C 180 4.01 9.36 15.68
N GLY C 181 3.16 10.19 15.09
CA GLY C 181 1.73 10.11 15.29
C GLY C 181 0.96 10.28 13.99
N MET C 182 -0.10 9.48 13.82
CA MET C 182 -0.93 9.51 12.63
C MET C 182 -2.40 9.47 13.04
N TYR C 183 -3.26 9.93 12.13
CA TYR C 183 -4.69 9.92 12.39
C TYR C 183 -5.45 9.74 11.09
N ASN C 184 -6.71 9.36 11.23
CA ASN C 184 -7.65 9.39 10.12
C ASN C 184 -9.06 9.54 10.64
N GLN C 185 -9.79 10.50 10.08
CA GLN C 185 -11.17 10.74 10.48
C GLN C 185 -12.09 9.71 9.85
N ASP C 186 -13.20 9.45 10.54
CA ASP C 186 -14.17 8.50 10.00
C ASP C 186 -14.70 8.97 8.66
N LYS C 187 -14.91 10.27 8.50
CA LYS C 187 -15.48 10.77 7.26
C LYS C 187 -14.59 10.40 6.06
N SER C 188 -13.29 10.61 6.20
CA SER C 188 -12.37 10.26 5.11
C SER C 188 -12.50 8.79 4.74
N ILE C 189 -12.65 7.92 5.74
CA ILE C 189 -12.73 6.49 5.48
C ILE C 189 -14.04 6.16 4.79
N GLU C 190 -15.15 6.77 5.25
CA GLU C 190 -16.44 6.58 4.57
C GLU C 190 -16.37 7.06 3.13
N ASP C 191 -15.78 8.23 2.90
CA ASP C 191 -15.64 8.74 1.54
C ASP C 191 -14.79 7.79 0.69
N PHE C 192 -13.68 7.31 1.25
CA PHE C 192 -12.84 6.33 0.57
C PHE C 192 -13.62 5.09 0.18
N ALA C 193 -14.56 4.65 1.02
CA ALA C 193 -15.34 3.47 0.70
C ALA C 193 -16.32 3.75 -0.43
N HIS C 194 -17.10 4.82 -0.30
CA HIS C 194 -18.06 5.18 -1.34
C HIS C 194 -17.37 5.27 -2.70
N SER C 195 -16.27 6.03 -2.76
CA SER C 195 -15.57 6.18 -4.03
C SER C 195 -15.16 4.84 -4.60
N SER C 196 -14.69 3.92 -3.74
CA SER C 196 -14.22 2.61 -4.18
C SER C 196 -15.38 1.78 -4.71
N PHE C 197 -16.50 1.73 -3.99
CA PHE C 197 -17.66 0.99 -4.48
C PHE C 197 -18.20 1.62 -5.76
N GLN C 198 -18.28 2.96 -5.81
CA GLN C 198 -18.69 3.63 -7.03
C GLN C 198 -17.80 3.23 -8.20
N MET C 199 -16.48 3.18 -7.97
CA MET C 199 -15.56 2.85 -9.05
C MET C 199 -15.76 1.43 -9.54
N ALA C 200 -16.00 0.48 -8.63
CA ALA C 200 -16.21 -0.91 -9.02
C ALA C 200 -17.49 -1.05 -9.86
N LEU C 201 -18.57 -0.41 -9.41
CA LEU C 201 -19.80 -0.44 -10.19
C LEU C 201 -19.61 0.24 -11.53
N SER C 202 -18.89 1.36 -11.55
CA SER C 202 -18.63 2.05 -12.81
C SER C 202 -17.95 1.14 -13.82
N LYS C 203 -16.95 0.37 -13.38
CA LYS C 203 -16.19 -0.49 -14.26
C LYS C 203 -16.71 -1.92 -14.30
N GLY C 204 -17.63 -2.28 -13.42
CA GLY C 204 -18.14 -3.64 -13.37
C GLY C 204 -17.12 -4.69 -12.97
N TRP C 205 -16.29 -4.39 -11.98
CA TRP C 205 -15.31 -5.35 -11.48
C TRP C 205 -15.42 -5.47 -9.97
N PRO C 206 -14.95 -6.60 -9.42
CA PRO C 206 -14.99 -6.78 -7.96
C PRO C 206 -14.00 -5.86 -7.28
N LEU C 207 -14.26 -5.63 -5.99
CA LEU C 207 -13.45 -4.73 -5.18
C LEU C 207 -12.78 -5.51 -4.04
N TYR C 208 -11.52 -5.21 -3.80
CA TYR C 208 -10.78 -5.72 -2.66
C TYR C 208 -10.18 -4.55 -1.90
N LEU C 209 -10.32 -4.57 -0.58
CA LEU C 209 -9.63 -3.64 0.29
C LEU C 209 -8.51 -4.40 0.98
N SER C 210 -7.30 -3.87 0.90
CA SER C 210 -6.16 -4.43 1.61
C SER C 210 -5.86 -3.54 2.81
N THR C 211 -5.60 -4.17 3.96
CA THR C 211 -5.14 -3.48 5.15
C THR C 211 -4.16 -4.37 5.88
N LYS C 212 -3.63 -3.84 6.99
CA LYS C 212 -2.76 -4.61 7.89
C LYS C 212 -3.44 -4.72 9.25
N ASN C 213 -4.70 -5.16 9.27
CA ASN C 213 -5.46 -5.17 10.52
C ASN C 213 -4.94 -6.19 11.53
N THR C 214 -4.07 -7.11 11.13
CA THR C 214 -3.46 -8.01 12.09
C THR C 214 -2.59 -7.24 13.09
N ILE C 215 -1.83 -6.25 12.60
CA ILE C 215 -0.96 -5.44 13.43
C ILE C 215 -1.74 -4.28 14.01
N LEU C 216 -2.35 -3.47 13.15
CA LEU C 216 -3.12 -2.31 13.57
C LEU C 216 -4.58 -2.73 13.71
N LYS C 217 -4.88 -3.39 14.81
CA LYS C 217 -6.23 -3.92 15.03
C LYS C 217 -7.27 -2.81 15.03
N LYS C 218 -6.99 -1.70 15.72
CA LYS C 218 -7.98 -0.63 15.82
C LYS C 218 -7.92 0.30 14.61
N TYR C 219 -6.71 0.72 14.22
CA TYR C 219 -6.54 1.70 13.15
C TYR C 219 -6.99 1.11 11.80
N ASP C 220 -6.36 0.01 11.37
CA ASP C 220 -6.76 -0.59 10.10
C ASP C 220 -8.09 -1.32 10.23
N GLY C 221 -8.44 -1.76 11.43
CA GLY C 221 -9.72 -2.41 11.63
C GLY C 221 -10.90 -1.50 11.37
N ARG C 222 -10.74 -0.20 11.62
CA ARG C 222 -11.84 0.73 11.34
C ARG C 222 -12.10 0.81 9.84
N PHE C 223 -11.04 0.82 9.04
CA PHE C 223 -11.23 0.80 7.59
C PHE C 223 -12.06 -0.39 7.16
N LYS C 224 -11.76 -1.57 7.74
CA LYS C 224 -12.48 -2.78 7.35
C LYS C 224 -13.94 -2.72 7.79
N ASP C 225 -14.19 -2.24 9.00
CA ASP C 225 -15.57 -2.15 9.48
C ASP C 225 -16.39 -1.17 8.64
N ILE C 226 -15.83 -0.01 8.34
CA ILE C 226 -16.60 1.01 7.64
C ILE C 226 -16.91 0.57 6.21
N PHE C 227 -15.93 -0.02 5.54
CA PHE C 227 -16.18 -0.58 4.21
C PHE C 227 -17.30 -1.60 4.24
N GLN C 228 -17.21 -2.57 5.16
CA GLN C 228 -18.21 -3.62 5.24
C GLN C 228 -19.58 -3.04 5.61
N GLU C 229 -19.64 -2.19 6.62
CA GLU C 229 -20.91 -1.57 6.99
C GLU C 229 -21.54 -0.87 5.78
N ILE C 230 -20.77 -0.03 5.10
CA ILE C 230 -21.29 0.70 3.94
C ILE C 230 -21.67 -0.27 2.84
N TYR C 231 -20.83 -1.30 2.62
CA TYR C 231 -21.14 -2.27 1.58
C TYR C 231 -22.46 -2.96 1.87
N ASP C 232 -22.61 -3.52 3.07
CA ASP C 232 -23.78 -4.34 3.37
C ASP C 232 -25.07 -3.53 3.36
N LYS C 233 -25.00 -2.24 3.65
CA LYS C 233 -26.22 -1.44 3.78
C LYS C 233 -26.45 -0.48 2.62
N GLN C 234 -25.54 -0.39 1.65
CA GLN C 234 -25.74 0.55 0.55
C GLN C 234 -25.34 0.06 -0.83
N TYR C 235 -24.58 -1.02 -0.97
CA TYR C 235 -24.05 -1.39 -2.29
C TYR C 235 -24.17 -2.86 -2.64
N LYS C 236 -24.38 -3.78 -1.68
CA LYS C 236 -24.32 -5.20 -2.00
C LYS C 236 -25.34 -5.60 -3.04
N SER C 237 -26.52 -4.97 -3.06
CA SER C 237 -27.52 -5.30 -4.06
C SER C 237 -27.01 -5.00 -5.46
N GLN C 238 -26.43 -3.80 -5.65
CA GLN C 238 -25.92 -3.44 -6.97
C GLN C 238 -24.76 -4.35 -7.36
N PHE C 239 -23.87 -4.64 -6.42
CA PHE C 239 -22.74 -5.52 -6.71
C PHE C 239 -23.23 -6.88 -7.20
N GLU C 240 -24.21 -7.44 -6.51
CA GLU C 240 -24.71 -8.75 -6.91
C GLU C 240 -25.46 -8.68 -8.23
N ALA C 241 -26.08 -7.53 -8.54
CA ALA C 241 -26.78 -7.40 -9.81
C ALA C 241 -25.84 -7.41 -11.00
N GLN C 242 -24.59 -6.98 -10.81
CA GLN C 242 -23.57 -7.06 -11.84
C GLN C 242 -22.64 -8.25 -11.66
N LYS C 243 -23.00 -9.19 -10.78
CA LYS C 243 -22.20 -10.40 -10.56
C LYS C 243 -20.78 -10.05 -10.12
N ILE C 244 -20.63 -9.00 -9.32
CA ILE C 244 -19.35 -8.64 -8.73
C ILE C 244 -19.49 -8.72 -7.20
N TRP C 245 -18.41 -8.46 -6.48
CA TRP C 245 -18.41 -8.61 -5.04
C TRP C 245 -17.38 -7.68 -4.42
N TYR C 246 -17.39 -7.59 -3.09
CA TYR C 246 -16.38 -6.87 -2.34
C TYR C 246 -15.89 -7.75 -1.21
N GLU C 247 -14.57 -7.87 -1.08
CA GLU C 247 -13.97 -8.60 0.04
C GLU C 247 -12.76 -7.85 0.56
N HIS C 248 -12.60 -7.84 1.88
CA HIS C 248 -11.39 -7.34 2.50
C HIS C 248 -10.29 -8.38 2.40
N ARG C 249 -9.04 -7.91 2.36
CA ARG C 249 -7.89 -8.80 2.32
C ARG C 249 -6.77 -8.24 3.18
N LEU C 250 -6.00 -9.15 3.76
CA LEU C 250 -4.74 -8.76 4.37
C LEU C 250 -3.75 -8.44 3.27
N ILE C 251 -3.00 -7.35 3.45
CA ILE C 251 -2.08 -6.91 2.40
C ILE C 251 -1.13 -8.04 2.01
N ASP C 252 -0.61 -8.77 2.99
CA ASP C 252 0.15 -9.97 2.69
C ASP C 252 -0.86 -11.07 2.49
N ASP C 253 -1.16 -11.37 1.24
CA ASP C 253 -2.30 -12.18 0.83
C ASP C 253 -2.80 -11.55 -0.45
N MET C 254 -3.19 -10.27 -0.35
CA MET C 254 -3.65 -9.53 -1.51
C MET C 254 -2.56 -9.44 -2.57
N VAL C 255 -1.34 -9.12 -2.15
CA VAL C 255 -0.23 -9.02 -3.08
C VAL C 255 -0.08 -10.30 -3.88
N ALA C 256 -0.06 -11.45 -3.20
CA ALA C 256 0.13 -12.72 -3.89
C ALA C 256 -1.09 -13.10 -4.69
N GLN C 257 -2.27 -12.73 -4.21
CA GLN C 257 -3.49 -12.95 -4.97
C GLN C 257 -3.50 -12.09 -6.22
N ALA C 258 -3.12 -10.83 -6.10
CA ALA C 258 -3.05 -9.96 -7.25
C ALA C 258 -2.14 -10.52 -8.31
N MET C 259 -0.96 -10.98 -7.90
CA MET C 259 0.05 -11.42 -8.85
C MET C 259 -0.30 -12.75 -9.51
N LYS C 260 -1.11 -13.57 -8.85
CA LYS C 260 -1.49 -14.86 -9.42
C LYS C 260 -2.80 -14.78 -10.18
N SER C 261 -3.44 -13.64 -10.19
CA SER C 261 -4.71 -13.47 -10.86
C SER C 261 -4.54 -12.98 -12.30
N GLU C 262 -5.65 -12.96 -13.01
CA GLU C 262 -5.69 -12.49 -14.38
C GLU C 262 -5.82 -10.98 -14.47
N GLY C 263 -6.34 -10.38 -13.42
CA GLY C 263 -6.63 -8.98 -13.41
C GLY C 263 -8.12 -8.78 -13.37
N GLY C 264 -8.52 -7.53 -13.55
CA GLY C 264 -9.93 -7.20 -13.54
C GLY C 264 -10.49 -7.12 -12.14
N PHE C 265 -9.90 -6.27 -11.32
CA PHE C 265 -10.47 -6.02 -10.00
C PHE C 265 -10.08 -4.61 -9.61
N ILE C 266 -10.81 -4.07 -8.68
CA ILE C 266 -10.48 -2.79 -8.08
C ILE C 266 -9.75 -3.09 -6.78
N TRP C 267 -8.73 -2.29 -6.48
CA TRP C 267 -7.86 -2.56 -5.35
C TRP C 267 -7.81 -1.31 -4.50
N ALA C 268 -8.51 -1.33 -3.37
CA ALA C 268 -8.46 -0.25 -2.41
C ALA C 268 -7.35 -0.53 -1.42
N CYS C 269 -6.48 0.45 -1.21
CA CYS C 269 -5.24 0.23 -0.48
C CYS C 269 -5.06 1.32 0.56
N LYS C 270 -4.63 0.90 1.76
CA LYS C 270 -4.40 1.86 2.85
C LYS C 270 -3.08 2.61 2.65
N ASN C 271 -1.95 1.90 2.76
CA ASN C 271 -0.63 2.52 2.59
C ASN C 271 -0.49 3.84 3.34
N GLN C 277 3.62 5.49 -4.18
CA GLN C 277 3.97 4.12 -3.81
C GLN C 277 4.12 3.24 -5.05
N SER C 278 3.03 3.16 -5.83
CA SER C 278 3.06 2.34 -7.05
C SER C 278 3.79 3.05 -8.20
N ASP C 279 3.81 4.38 -8.21
CA ASP C 279 4.51 5.09 -9.28
C ASP C 279 5.99 4.74 -9.31
N PHE C 280 6.56 4.36 -8.16
CA PHE C 280 7.98 4.01 -8.12
C PHE C 280 8.26 2.82 -9.02
N VAL C 281 7.47 1.74 -8.86
CA VAL C 281 7.71 0.51 -9.60
C VAL C 281 7.51 0.76 -11.09
N ALA C 282 6.45 1.50 -11.45
CA ALA C 282 6.18 1.77 -12.85
C ALA C 282 7.30 2.55 -13.50
N GLN C 283 7.85 3.55 -12.79
CA GLN C 283 9.00 4.27 -13.31
C GLN C 283 10.17 3.34 -13.53
N GLY C 284 10.51 2.55 -12.51
CA GLY C 284 11.57 1.57 -12.68
C GLY C 284 11.28 0.59 -13.79
N TYR C 285 10.02 0.21 -13.94
CA TYR C 285 9.65 -0.72 -15.00
C TYR C 285 9.64 -0.05 -16.39
N GLY C 286 9.29 1.23 -16.45
CA GLY C 286 9.27 1.96 -17.69
C GLY C 286 7.90 2.15 -18.32
N SER C 287 6.82 2.13 -17.53
CA SER C 287 5.47 2.25 -18.07
C SER C 287 4.73 3.45 -17.47
N LEU C 288 5.46 4.51 -17.12
CA LEU C 288 4.85 5.64 -16.42
C LEU C 288 4.12 6.58 -17.37
N GLY C 289 4.56 6.68 -18.63
CA GLY C 289 3.77 7.38 -19.61
C GLY C 289 2.48 6.68 -19.98
N MET C 290 2.27 5.47 -19.48
CA MET C 290 1.05 4.70 -19.74
C MET C 290 0.14 4.64 -18.52
N MET C 291 0.45 5.39 -17.48
CA MET C 291 -0.24 5.27 -16.19
C MET C 291 -1.25 6.43 -16.07
N THR C 292 -2.54 6.08 -15.98
CA THR C 292 -3.59 7.06 -15.85
C THR C 292 -3.95 7.31 -14.39
N SER C 293 -4.73 8.35 -14.17
CA SER C 293 -5.18 8.71 -12.84
C SER C 293 -6.53 9.42 -12.95
N VAL C 294 -7.40 9.17 -11.99
CA VAL C 294 -8.68 9.87 -11.95
C VAL C 294 -9.13 9.96 -10.51
N LEU C 295 -9.44 11.17 -10.06
CA LEU C 295 -10.02 11.39 -8.74
C LEU C 295 -11.52 11.18 -8.82
N VAL C 296 -12.07 10.41 -7.89
CA VAL C 296 -13.47 10.04 -7.91
C VAL C 296 -14.08 10.40 -6.58
N CYS C 297 -15.00 11.34 -6.58
CA CYS C 297 -15.63 11.79 -5.35
C CYS C 297 -16.65 10.77 -4.86
N PRO C 298 -16.94 10.76 -3.56
CA PRO C 298 -17.88 9.75 -3.02
C PRO C 298 -19.24 9.76 -3.68
N ASP C 299 -19.66 10.90 -4.26
CA ASP C 299 -20.98 10.98 -4.89
C ASP C 299 -21.04 10.27 -6.24
N GLY C 300 -19.92 9.78 -6.75
CA GLY C 300 -19.91 9.15 -8.07
C GLY C 300 -20.31 10.05 -9.21
N LYS C 301 -20.30 11.37 -9.01
CA LYS C 301 -20.67 12.32 -10.05
C LYS C 301 -19.52 13.20 -10.52
N THR C 302 -18.53 13.46 -9.67
CA THR C 302 -17.47 14.43 -9.93
C THR C 302 -16.14 13.70 -10.10
N VAL C 303 -15.52 13.84 -11.27
CA VAL C 303 -14.25 13.22 -11.55
C VAL C 303 -13.27 14.27 -12.06
N GLU C 304 -12.00 14.12 -11.67
CA GLU C 304 -10.88 14.86 -12.24
C GLU C 304 -9.89 13.84 -12.77
N ALA C 305 -9.58 13.95 -14.07
CA ALA C 305 -8.69 13.01 -14.72
C ALA C 305 -7.37 13.69 -15.05
N GLU C 306 -6.28 12.94 -14.92
CA GLU C 306 -4.96 13.47 -15.21
C GLU C 306 -4.01 12.32 -15.48
N ALA C 307 -2.87 12.66 -16.05
CA ALA C 307 -1.78 11.70 -16.16
C ALA C 307 -1.15 11.49 -14.80
N ALA C 308 -0.77 10.23 -14.52
CA ALA C 308 -0.11 9.93 -13.25
C ALA C 308 1.31 10.45 -13.19
N HIS C 309 1.95 10.66 -14.33
CA HIS C 309 3.31 11.18 -14.32
C HIS C 309 3.31 12.69 -14.12
N GLY C 310 4.50 13.29 -14.19
CA GLY C 310 4.69 14.70 -13.99
C GLY C 310 4.94 15.43 -15.29
N THR C 311 5.53 16.62 -15.18
CA THR C 311 5.71 17.48 -16.34
C THR C 311 6.83 17.02 -17.27
N VAL C 312 7.57 15.98 -16.91
CA VAL C 312 8.68 15.46 -17.71
C VAL C 312 9.69 16.58 -17.95
N THR C 313 10.26 17.12 -16.87
CA THR C 313 11.16 18.26 -17.00
C THR C 313 12.33 17.93 -17.93
N ARG C 314 12.91 16.74 -17.79
CA ARG C 314 14.11 16.42 -18.57
C ARG C 314 13.85 16.59 -20.06
N HIS C 315 12.70 16.12 -20.55
CA HIS C 315 12.42 16.25 -21.97
C HIS C 315 12.17 17.70 -22.36
N TYR C 316 11.57 18.48 -21.46
CA TYR C 316 11.31 19.89 -21.77
C TYR C 316 12.61 20.64 -22.01
N ARG C 317 13.67 20.28 -21.29
CA ARG C 317 14.96 20.95 -21.50
C ARG C 317 15.45 20.72 -22.93
N MET C 318 15.40 19.47 -23.39
CA MET C 318 15.76 19.20 -24.78
C MET C 318 14.88 20.01 -25.73
N TYR C 319 13.57 20.00 -25.49
CA TYR C 319 12.66 20.76 -26.34
C TYR C 319 13.01 22.24 -26.31
N GLN C 320 13.42 22.76 -25.15
CA GLN C 320 13.85 24.15 -25.07
C GLN C 320 15.05 24.41 -25.97
N LYS C 321 15.98 23.46 -26.02
CA LYS C 321 17.17 23.57 -26.85
C LYS C 321 16.93 23.14 -28.31
N GLY C 322 15.67 23.05 -28.74
CA GLY C 322 15.37 22.72 -30.12
C GLY C 322 15.73 21.31 -30.53
N GLN C 323 16.08 20.46 -29.59
CA GLN C 323 16.49 19.09 -29.89
C GLN C 323 15.26 18.19 -30.00
N GLU C 324 15.50 16.92 -30.28
CA GLU C 324 14.43 15.97 -30.54
C GLU C 324 14.03 15.25 -29.26
N THR C 325 12.72 15.15 -29.02
CA THR C 325 12.21 14.48 -27.84
C THR C 325 11.28 13.34 -28.25
N SER C 326 11.09 12.40 -27.32
CA SER C 326 10.15 11.29 -27.52
C SER C 326 9.36 11.13 -26.22
N THR C 327 8.41 12.03 -26.00
CA THR C 327 7.59 12.03 -24.80
C THR C 327 6.27 11.31 -25.07
N ASN C 328 5.92 10.38 -24.19
CA ASN C 328 4.74 9.55 -24.38
C ASN C 328 3.48 10.33 -24.02
N PRO C 329 2.53 10.51 -24.94
CA PRO C 329 1.32 11.29 -24.64
C PRO C 329 0.13 10.47 -24.18
N ILE C 330 0.28 9.15 -24.00
CA ILE C 330 -0.87 8.29 -23.78
C ILE C 330 -1.60 8.66 -22.49
N ALA C 331 -0.86 8.79 -21.39
CA ALA C 331 -1.51 9.09 -20.12
C ALA C 331 -2.25 10.42 -20.19
N SER C 332 -1.65 11.42 -20.86
CA SER C 332 -2.34 12.70 -21.01
C SER C 332 -3.59 12.54 -21.88
N ILE C 333 -3.47 11.84 -23.01
CA ILE C 333 -4.62 11.59 -23.87
C ILE C 333 -5.74 10.92 -23.07
N PHE C 334 -5.40 9.98 -22.21
CA PHE C 334 -6.42 9.27 -21.45
C PHE C 334 -7.03 10.13 -20.36
N ALA C 335 -6.36 11.21 -19.94
CA ALA C 335 -7.04 12.15 -19.05
C ALA C 335 -8.21 12.79 -19.77
N TRP C 336 -8.01 13.15 -21.04
CA TRP C 336 -9.09 13.71 -21.85
C TRP C 336 -10.18 12.69 -22.10
N THR C 337 -9.81 11.46 -22.48
CA THR C 337 -10.86 10.51 -22.84
C THR C 337 -11.65 10.08 -21.61
N ARG C 338 -10.98 9.95 -20.46
CA ARG C 338 -11.70 9.60 -19.24
C ARG C 338 -12.58 10.74 -18.77
N GLY C 339 -12.12 11.99 -18.97
CA GLY C 339 -12.97 13.12 -18.68
C GLY C 339 -14.20 13.14 -19.56
N LEU C 340 -14.00 12.92 -20.87
CA LEU C 340 -15.11 12.97 -21.83
C LEU C 340 -16.04 11.77 -21.68
N ALA C 341 -15.49 10.59 -21.38
CA ALA C 341 -16.37 9.43 -21.18
C ALA C 341 -17.30 9.64 -20.00
N HIS C 342 -16.84 10.37 -18.97
CA HIS C 342 -17.69 10.63 -17.82
C HIS C 342 -18.67 11.75 -18.13
N ARG C 343 -18.24 12.76 -18.88
CA ARG C 343 -19.17 13.75 -19.40
C ARG C 343 -20.28 13.07 -20.19
N ALA C 344 -19.90 12.19 -21.12
CA ALA C 344 -20.89 11.51 -21.95
C ALA C 344 -21.87 10.73 -21.09
N LYS C 345 -21.39 10.14 -19.99
CA LYS C 345 -22.25 9.34 -19.13
C LYS C 345 -23.28 10.21 -18.42
N LEU C 346 -22.82 11.29 -17.80
CA LEU C 346 -23.75 12.22 -17.15
C LEU C 346 -24.77 12.77 -18.13
N ASP C 347 -24.36 13.01 -19.39
CA ASP C 347 -25.20 13.69 -20.37
C ASP C 347 -25.90 12.73 -21.32
N ASN C 348 -25.70 11.43 -21.20
CA ASN C 348 -26.23 10.46 -22.14
C ASN C 348 -25.95 10.91 -23.57
N ASN C 349 -24.70 11.31 -23.80
CA ASN C 349 -24.22 11.74 -25.12
C ASN C 349 -23.53 10.54 -25.77
N LYS C 350 -24.28 9.82 -26.61
CA LYS C 350 -23.74 8.63 -27.26
C LYS C 350 -22.55 8.97 -28.16
N GLU C 351 -22.67 10.05 -28.95
CA GLU C 351 -21.61 10.36 -29.91
C GLU C 351 -20.31 10.71 -29.21
N LEU C 352 -20.40 11.36 -28.04
CA LEU C 352 -19.19 11.66 -27.28
C LEU C 352 -18.62 10.41 -26.61
N ALA C 353 -19.48 9.50 -26.16
CA ALA C 353 -18.99 8.28 -25.55
C ALA C 353 -18.23 7.44 -26.58
N PHE C 354 -18.70 7.44 -27.82
CA PHE C 354 -17.99 6.70 -28.86
C PHE C 354 -16.65 7.34 -29.17
N PHE C 355 -16.61 8.67 -29.26
CA PHE C 355 -15.37 9.34 -29.59
C PHE C 355 -14.30 9.02 -28.55
N ALA C 356 -14.63 9.18 -27.27
CA ALA C 356 -13.68 8.87 -26.20
C ALA C 356 -13.16 7.45 -26.34
N ASN C 357 -14.07 6.48 -26.53
CA ASN C 357 -13.64 5.11 -26.76
C ASN C 357 -12.74 5.03 -27.99
N ALA C 358 -13.13 5.68 -29.08
CA ALA C 358 -12.37 5.57 -30.31
C ALA C 358 -10.97 6.13 -30.16
N LEU C 359 -10.81 7.18 -29.36
CA LEU C 359 -9.48 7.77 -29.20
C LEU C 359 -8.59 6.89 -28.33
N GLU C 360 -9.17 6.24 -27.33
CA GLU C 360 -8.38 5.32 -26.52
C GLU C 360 -7.87 4.15 -27.37
N GLU C 361 -8.70 3.65 -28.28
CA GLU C 361 -8.30 2.50 -29.07
C GLU C 361 -7.30 2.85 -30.19
N VAL C 362 -7.38 4.04 -30.81
CA VAL C 362 -6.32 4.39 -31.75
C VAL C 362 -4.98 4.46 -31.03
N SER C 363 -4.99 4.96 -29.79
CA SER C 363 -3.75 5.05 -29.03
C SER C 363 -3.18 3.66 -28.77
N ILE C 364 -4.01 2.77 -28.26
CA ILE C 364 -3.58 1.39 -28.02
C ILE C 364 -3.19 0.73 -29.34
N GLU C 365 -4.02 0.88 -30.36
CA GLU C 365 -3.79 0.17 -31.62
C GLU C 365 -2.53 0.67 -32.31
N THR C 366 -2.24 1.97 -32.22
CA THR C 366 -1.07 2.52 -32.88
C THR C 366 0.21 1.93 -32.27
N ILE C 367 0.26 1.88 -30.94
CA ILE C 367 1.37 1.22 -30.26
C ILE C 367 1.43 -0.26 -30.65
N GLU C 368 0.29 -0.95 -30.63
CA GLU C 368 0.28 -2.37 -30.94
C GLU C 368 0.68 -2.66 -32.38
N ALA C 369 0.57 -1.66 -33.26
CA ALA C 369 1.00 -1.82 -34.64
C ALA C 369 2.50 -1.62 -34.81
N GLY C 370 3.17 -1.06 -33.81
CA GLY C 370 4.62 -0.91 -33.82
C GLY C 370 5.09 0.52 -33.72
N PHE C 371 4.20 1.48 -33.56
CA PHE C 371 4.57 2.89 -33.56
C PHE C 371 4.41 3.38 -32.14
N MET C 372 5.53 3.75 -31.52
CA MET C 372 5.54 4.06 -30.10
C MET C 372 6.67 5.02 -29.82
N THR C 373 6.59 5.67 -28.67
CA THR C 373 7.64 6.56 -28.19
C THR C 373 8.78 5.75 -27.57
N LYS C 374 9.92 6.43 -27.37
CA LYS C 374 11.12 5.72 -26.96
C LYS C 374 10.90 4.92 -25.67
N ASP C 375 10.09 5.45 -24.75
CA ASP C 375 9.93 4.78 -23.46
C ASP C 375 9.30 3.41 -23.63
N LEU C 376 8.34 3.29 -24.55
CA LEU C 376 7.74 1.99 -24.81
C LEU C 376 8.65 1.08 -25.63
N ALA C 377 9.50 1.66 -26.48
CA ALA C 377 10.51 0.86 -27.16
C ALA C 377 11.48 0.24 -26.15
N ALA C 378 11.88 1.02 -25.14
CA ALA C 378 12.73 0.49 -24.09
C ALA C 378 12.01 -0.59 -23.28
N CYS C 379 10.67 -0.49 -23.17
CA CYS C 379 9.91 -1.53 -22.47
C CYS C 379 10.08 -2.89 -23.11
N ILE C 380 10.17 -2.93 -24.44
CA ILE C 380 10.26 -4.20 -25.14
C ILE C 380 11.69 -4.73 -25.13
N LYS C 381 12.66 -3.87 -25.46
CA LYS C 381 14.03 -4.31 -25.71
C LYS C 381 14.99 -3.95 -24.60
N GLY C 382 14.53 -3.26 -23.55
CA GLY C 382 15.43 -2.78 -22.52
C GLY C 382 16.04 -1.45 -22.89
N LEU C 383 16.11 -0.53 -21.94
CA LEU C 383 16.65 0.79 -22.23
C LEU C 383 18.02 0.76 -22.89
N PRO C 384 18.92 -0.16 -22.54
CA PRO C 384 20.26 -0.13 -23.17
C PRO C 384 20.28 -0.49 -24.65
N ASN C 385 19.21 -1.06 -25.20
CA ASN C 385 19.26 -1.63 -26.54
C ASN C 385 18.29 -0.95 -27.51
N VAL C 386 17.81 0.25 -27.18
CA VAL C 386 16.95 1.00 -28.08
C VAL C 386 17.80 1.69 -29.13
N GLN C 387 17.33 1.65 -30.38
CA GLN C 387 17.91 2.41 -31.49
C GLN C 387 16.90 3.47 -31.92
N ARG C 388 17.41 4.55 -32.53
CA ARG C 388 16.52 5.62 -32.96
C ARG C 388 15.40 5.09 -33.85
N SER C 389 15.68 4.06 -34.64
CA SER C 389 14.70 3.52 -35.58
C SER C 389 13.62 2.69 -34.91
N ASP C 390 13.70 2.47 -33.60
CA ASP C 390 12.70 1.65 -32.92
C ASP C 390 11.47 2.44 -32.52
N TYR C 391 11.55 3.77 -32.44
CA TYR C 391 10.46 4.57 -31.94
C TYR C 391 10.25 5.77 -32.84
N LEU C 392 9.24 6.57 -32.49
CA LEU C 392 8.97 7.86 -33.11
C LEU C 392 9.19 8.99 -32.11
N ASN C 393 9.54 10.16 -32.60
CA ASN C 393 9.69 11.31 -31.71
C ASN C 393 8.31 11.85 -31.33
N THR C 394 8.30 12.85 -30.44
CA THR C 394 7.05 13.36 -29.89
C THR C 394 6.05 13.71 -30.98
N PHE C 395 6.50 14.44 -32.00
CA PHE C 395 5.57 14.95 -33.00
C PHE C 395 5.23 13.92 -34.07
N GLU C 396 6.20 13.09 -34.46
CA GLU C 396 5.89 11.98 -35.36
C GLU C 396 4.81 11.10 -34.78
N PHE C 397 4.91 10.77 -33.49
CA PHE C 397 3.91 9.90 -32.87
C PHE C 397 2.55 10.57 -32.85
N MET C 398 2.48 11.83 -32.44
CA MET C 398 1.20 12.53 -32.44
C MET C 398 0.61 12.57 -33.84
N ASP C 399 1.45 12.79 -34.85
CA ASP C 399 0.96 12.74 -36.23
C ASP C 399 0.43 11.35 -36.58
N LYS C 400 1.12 10.31 -36.13
CA LYS C 400 0.66 8.96 -36.42
C LYS C 400 -0.69 8.71 -35.74
N LEU C 401 -0.87 9.26 -34.55
CA LEU C 401 -2.15 9.13 -33.88
C LEU C 401 -3.25 9.84 -34.66
N GLY C 402 -2.97 11.07 -35.10
CA GLY C 402 -3.97 11.83 -35.85
C GLY C 402 -4.37 11.16 -37.15
N GLU C 403 -3.39 10.61 -37.87
CA GLU C 403 -3.72 9.84 -39.07
C GLU C 403 -4.65 8.67 -38.75
N ASN C 404 -4.29 7.87 -37.73
CA ASN C 404 -5.08 6.68 -37.42
C ASN C 404 -6.47 7.04 -36.89
N LEU C 405 -6.57 8.12 -36.10
CA LEU C 405 -7.88 8.55 -35.63
C LEU C 405 -8.76 8.99 -36.78
N LYS C 406 -8.19 9.74 -37.72
CA LYS C 406 -8.94 10.18 -38.88
C LYS C 406 -9.50 8.99 -39.65
N ILE C 407 -8.69 7.95 -39.81
CA ILE C 407 -9.14 6.76 -40.52
C ILE C 407 -10.22 6.04 -39.72
N LYS C 408 -9.98 5.87 -38.41
CA LYS C 408 -10.93 5.15 -37.57
C LYS C 408 -12.29 5.82 -37.60
N LEU C 409 -12.34 7.15 -37.51
CA LEU C 409 -13.62 7.84 -37.52
C LEU C 409 -14.27 7.80 -38.89
N ALA C 410 -13.48 7.68 -39.96
CA ALA C 410 -14.06 7.55 -41.29
C ALA C 410 -14.84 6.24 -41.41
N GLN C 411 -14.16 5.12 -41.14
CA GLN C 411 -14.77 3.79 -41.18
C GLN C 411 -15.45 3.60 -39.84
N ALA C 412 -16.68 4.07 -39.78
CA ALA C 412 -17.42 4.26 -38.53
C ALA C 412 -18.66 5.06 -38.89
N LYS C 413 -18.54 5.89 -39.93
CA LYS C 413 -19.69 6.45 -40.63
C LYS C 413 -20.60 5.39 -41.21
N LEU C 414 -20.19 4.11 -41.18
CA LEU C 414 -21.02 3.00 -41.62
C LEU C 414 -21.95 2.49 -40.53
N LEU C 415 -22.41 3.36 -39.64
CA LEU C 415 -23.29 2.97 -38.55
C LEU C 415 -24.47 3.94 -38.44
N SER D 2 -25.28 13.88 -29.32
CA SER D 2 -25.62 14.92 -28.36
C SER D 2 -27.03 15.44 -28.57
N LYS D 3 -27.51 16.23 -27.60
CA LYS D 3 -28.78 16.93 -27.70
C LYS D 3 -28.59 18.43 -27.87
N LYS D 4 -27.36 18.88 -28.08
CA LYS D 4 -27.07 20.25 -28.46
C LYS D 4 -26.43 20.27 -29.84
N ILE D 5 -26.87 21.23 -30.67
CA ILE D 5 -26.34 21.43 -32.02
C ILE D 5 -24.97 22.08 -31.94
N SER D 6 -24.03 21.58 -32.73
CA SER D 6 -22.69 22.16 -32.77
C SER D 6 -22.67 23.23 -33.84
N GLY D 7 -22.47 24.48 -33.44
CA GLY D 7 -22.67 25.60 -34.33
C GLY D 7 -21.44 26.11 -35.03
N GLY D 8 -20.27 25.90 -34.43
CA GLY D 8 -19.03 26.34 -35.02
C GLY D 8 -18.56 27.69 -34.52
N SER D 9 -17.61 28.25 -35.26
CA SER D 9 -16.88 29.44 -34.81
C SER D 9 -17.73 30.68 -35.00
N VAL D 10 -17.93 31.43 -33.93
CA VAL D 10 -18.70 32.68 -33.95
C VAL D 10 -17.98 33.69 -33.07
N VAL D 11 -17.66 34.85 -33.64
CA VAL D 11 -17.06 35.94 -32.89
C VAL D 11 -18.17 36.75 -32.24
N GLU D 12 -18.06 36.97 -30.93
CA GLU D 12 -19.07 37.67 -30.15
C GLU D 12 -18.47 38.95 -29.58
N MET D 13 -19.27 40.02 -29.60
CA MET D 13 -18.85 41.32 -29.06
C MET D 13 -19.88 41.81 -28.07
N GLN D 14 -19.52 41.75 -26.79
CA GLN D 14 -20.41 42.22 -25.74
C GLN D 14 -20.47 43.75 -25.74
N GLY D 15 -21.51 44.29 -25.12
CA GLY D 15 -21.81 45.70 -25.24
C GLY D 15 -22.09 46.36 -23.90
N ASP D 16 -22.91 47.40 -23.97
CA ASP D 16 -23.10 48.34 -22.88
C ASP D 16 -24.55 48.41 -22.42
N GLU D 17 -24.71 48.81 -21.16
CA GLU D 17 -25.98 49.27 -20.58
C GLU D 17 -27.08 48.22 -20.83
N MET D 18 -28.26 48.61 -21.32
CA MET D 18 -29.40 47.72 -21.29
C MET D 18 -29.22 46.55 -22.25
N THR D 19 -28.70 46.80 -23.45
CA THR D 19 -28.47 45.72 -24.40
C THR D 19 -27.52 44.67 -23.83
N ARG D 20 -26.54 45.10 -23.03
CA ARG D 20 -25.64 44.13 -22.40
C ARG D 20 -26.41 43.16 -21.50
N ILE D 21 -27.38 43.67 -20.74
CA ILE D 21 -28.20 42.82 -19.89
C ILE D 21 -28.94 41.79 -20.74
N ILE D 22 -29.64 42.28 -21.77
CA ILE D 22 -30.37 41.42 -22.68
C ILE D 22 -29.45 40.42 -23.35
N TRP D 23 -28.22 40.84 -23.63
CA TRP D 23 -27.28 39.98 -24.35
C TRP D 23 -27.08 38.67 -23.60
N GLU D 24 -26.85 38.75 -22.28
CA GLU D 24 -26.66 37.53 -21.50
C GLU D 24 -27.96 36.73 -21.42
N LEU D 25 -29.10 37.40 -21.27
CA LEU D 25 -30.38 36.70 -21.25
C LEU D 25 -30.57 35.86 -22.51
N ILE D 26 -30.33 36.47 -23.68
CA ILE D 26 -30.49 35.75 -24.93
C ILE D 26 -29.59 34.54 -24.98
N LYS D 27 -28.34 34.70 -24.54
CA LYS D 27 -27.37 33.62 -24.64
C LYS D 27 -27.75 32.44 -23.74
N GLU D 28 -28.18 32.73 -22.52
CA GLU D 28 -28.46 31.65 -21.58
C GLU D 28 -29.87 31.08 -21.73
N LYS D 29 -30.83 31.89 -22.17
CA LYS D 29 -32.21 31.44 -22.26
C LYS D 29 -32.57 30.86 -23.61
N LEU D 30 -31.95 31.34 -24.70
CA LEU D 30 -32.37 30.97 -26.04
C LEU D 30 -31.27 30.35 -26.87
N ILE D 31 -30.00 30.56 -26.56
CA ILE D 31 -28.90 30.09 -27.39
C ILE D 31 -28.18 28.91 -26.74
N PHE D 32 -27.58 29.12 -25.57
CA PHE D 32 -26.73 28.10 -24.98
C PHE D 32 -27.45 26.78 -24.69
N PRO D 33 -28.72 26.76 -24.29
CA PRO D 33 -29.35 25.47 -24.00
C PRO D 33 -29.38 24.55 -25.20
N TYR D 34 -29.37 25.09 -26.42
CA TYR D 34 -29.59 24.29 -27.62
C TYR D 34 -28.41 24.27 -28.58
N VAL D 35 -27.43 25.15 -28.44
CA VAL D 35 -26.37 25.30 -29.42
C VAL D 35 -25.03 25.41 -28.71
N GLU D 36 -24.07 24.61 -29.17
CA GLU D 36 -22.71 24.60 -28.65
C GLU D 36 -21.79 25.24 -29.68
N LEU D 37 -21.20 26.37 -29.33
CA LEU D 37 -20.42 27.15 -30.28
C LEU D 37 -18.94 27.18 -29.89
N ASP D 38 -18.10 27.31 -30.91
CA ASP D 38 -16.71 27.76 -30.73
C ASP D 38 -16.75 29.28 -30.64
N LEU D 39 -17.04 29.78 -29.44
CA LEU D 39 -17.26 31.20 -29.26
C LEU D 39 -15.93 31.93 -29.05
N HIS D 40 -15.74 33.01 -29.78
CA HIS D 40 -14.58 33.91 -29.64
C HIS D 40 -15.12 35.25 -29.16
N SER D 41 -15.05 35.49 -27.86
CA SER D 41 -15.75 36.61 -27.22
C SER D 41 -14.81 37.78 -27.00
N TYR D 42 -15.33 38.99 -27.25
CA TYR D 42 -14.57 40.23 -27.09
C TYR D 42 -15.46 41.25 -26.40
N ASP D 43 -15.04 41.72 -25.24
CA ASP D 43 -15.82 42.71 -24.50
C ASP D 43 -15.60 44.08 -25.13
N LEU D 44 -16.67 44.65 -25.68
CA LEU D 44 -16.62 45.98 -26.29
C LEU D 44 -17.32 47.02 -25.45
N GLY D 45 -17.59 46.72 -24.18
CA GLY D 45 -18.07 47.75 -23.27
C GLY D 45 -17.08 48.89 -23.15
N ILE D 46 -17.58 50.04 -22.67
CA ILE D 46 -16.73 51.21 -22.53
C ILE D 46 -15.55 50.89 -21.63
N GLU D 47 -15.82 50.25 -20.48
CA GLU D 47 -14.77 50.02 -19.49
C GLU D 47 -13.57 49.32 -20.11
N ASN D 48 -13.80 48.29 -20.91
CA ASN D 48 -12.71 47.55 -21.52
C ASN D 48 -12.16 48.24 -22.76
N ARG D 49 -12.96 49.08 -23.43
CA ARG D 49 -12.45 49.85 -24.56
C ARG D 49 -11.50 50.94 -24.08
N ASP D 50 -11.95 51.79 -23.16
CA ASP D 50 -11.07 52.79 -22.57
C ASP D 50 -9.87 52.15 -21.91
N ALA D 51 -10.02 50.90 -21.42
CA ALA D 51 -8.94 50.24 -20.71
C ALA D 51 -7.83 49.80 -21.66
N THR D 52 -8.19 49.28 -22.83
CA THR D 52 -7.23 48.78 -23.81
C THR D 52 -6.95 49.78 -24.92
N ASN D 53 -7.18 51.07 -24.68
CA ASN D 53 -7.01 52.10 -25.70
C ASN D 53 -7.85 51.78 -26.95
N ASP D 54 -9.02 51.17 -26.74
CA ASP D 54 -9.91 50.78 -27.84
C ASP D 54 -9.24 49.80 -28.79
N GLN D 55 -8.36 48.95 -28.26
CA GLN D 55 -7.71 47.92 -29.07
C GLN D 55 -8.56 46.66 -29.19
N VAL D 56 -9.36 46.35 -28.17
CA VAL D 56 -10.25 45.19 -28.26
C VAL D 56 -11.17 45.34 -29.45
N THR D 57 -11.57 46.57 -29.78
CA THR D 57 -12.43 46.80 -30.94
C THR D 57 -11.73 46.38 -32.23
N LYS D 58 -10.45 46.71 -32.38
CA LYS D 58 -9.73 46.30 -33.58
C LYS D 58 -9.49 44.79 -33.58
N ASP D 59 -9.24 44.21 -32.41
CA ASP D 59 -9.00 42.76 -32.35
C ASP D 59 -10.27 41.99 -32.67
N ALA D 60 -11.41 42.44 -32.15
CA ALA D 60 -12.67 41.79 -32.46
C ALA D 60 -12.92 41.80 -33.96
N ALA D 61 -12.69 42.94 -34.61
CA ALA D 61 -12.87 43.04 -36.05
C ALA D 61 -11.96 42.06 -36.79
N GLU D 62 -10.71 41.94 -36.36
CA GLU D 62 -9.80 41.03 -37.04
C GLU D 62 -10.25 39.58 -36.87
N ALA D 63 -10.77 39.23 -35.69
CA ALA D 63 -11.34 37.89 -35.50
C ALA D 63 -12.53 37.66 -36.41
N ILE D 64 -13.31 38.71 -36.68
CA ILE D 64 -14.43 38.57 -37.61
C ILE D 64 -13.92 38.31 -39.03
N LYS D 65 -12.88 39.04 -39.44
CA LYS D 65 -12.32 38.82 -40.77
C LYS D 65 -11.85 37.38 -40.95
N LYS D 66 -11.42 36.73 -39.87
CA LYS D 66 -10.86 35.38 -39.93
C LYS D 66 -11.94 34.29 -39.87
N HIS D 67 -12.95 34.46 -39.02
CA HIS D 67 -13.95 33.43 -38.81
C HIS D 67 -15.25 33.69 -39.56
N ASN D 68 -15.42 34.87 -40.15
CA ASN D 68 -16.45 35.21 -41.10
C ASN D 68 -17.80 35.56 -40.45
N VAL D 69 -17.99 35.29 -39.16
CA VAL D 69 -19.28 35.52 -38.51
C VAL D 69 -19.06 36.30 -37.22
N GLY D 70 -19.75 37.43 -37.09
CA GLY D 70 -19.72 38.19 -35.85
C GLY D 70 -21.10 38.65 -35.43
N VAL D 71 -21.39 38.55 -34.14
CA VAL D 71 -22.61 39.09 -33.55
C VAL D 71 -22.18 40.12 -32.51
N LYS D 72 -22.71 41.33 -32.61
CA LYS D 72 -22.27 42.44 -31.79
C LYS D 72 -23.42 43.03 -30.99
N CYS D 73 -23.22 43.16 -29.68
CA CYS D 73 -24.11 43.91 -28.82
C CYS D 73 -23.92 45.42 -29.06
N ALA D 74 -24.96 46.19 -28.73
CA ALA D 74 -24.88 47.63 -28.91
C ALA D 74 -23.85 48.24 -27.96
N THR D 75 -23.12 49.24 -28.45
CA THR D 75 -22.11 49.95 -27.69
C THR D 75 -22.41 51.44 -27.67
N ILE D 76 -21.85 52.14 -26.69
CA ILE D 76 -21.97 53.60 -26.63
C ILE D 76 -20.88 54.23 -27.48
N THR D 77 -21.27 55.18 -28.32
CA THR D 77 -20.31 55.96 -29.09
C THR D 77 -19.93 57.19 -28.26
N PRO D 78 -18.69 57.31 -27.79
CA PRO D 78 -18.36 58.39 -26.84
C PRO D 78 -18.60 59.79 -27.41
N ASP D 79 -19.04 60.68 -26.52
CA ASP D 79 -19.20 62.10 -26.83
C ASP D 79 -18.72 62.90 -25.61
N GLU D 80 -19.05 64.19 -25.60
CA GLU D 80 -18.60 65.05 -24.50
C GLU D 80 -19.21 64.61 -23.17
N LYS D 81 -20.51 64.29 -23.16
CA LYS D 81 -21.15 63.84 -21.93
C LYS D 81 -20.59 62.49 -21.47
N ARG D 82 -20.41 61.55 -22.42
CA ARG D 82 -19.87 60.24 -22.06
C ARG D 82 -18.45 60.35 -21.53
N VAL D 83 -17.61 61.13 -22.21
CA VAL D 83 -16.25 61.34 -21.73
C VAL D 83 -16.27 61.80 -20.27
N GLU D 84 -17.26 62.62 -19.91
CA GLU D 84 -17.38 63.06 -18.53
C GLU D 84 -17.86 61.92 -17.64
N GLU D 85 -18.92 61.22 -18.07
CA GLU D 85 -19.49 60.15 -17.24
C GLU D 85 -18.43 59.15 -16.81
N PHE D 86 -17.64 58.65 -17.75
CA PHE D 86 -16.65 57.62 -17.47
C PHE D 86 -15.24 58.17 -17.30
N LYS D 87 -15.04 59.47 -17.45
CA LYS D 87 -13.70 60.07 -17.40
C LYS D 87 -12.75 59.31 -18.33
N LEU D 88 -13.16 59.21 -19.59
CA LEU D 88 -12.42 58.45 -20.58
C LEU D 88 -11.01 59.03 -20.76
N LYS D 89 -10.10 58.18 -21.27
CA LYS D 89 -8.80 58.68 -21.69
C LYS D 89 -8.91 59.50 -22.97
N GLN D 90 -9.91 59.21 -23.80
CA GLN D 90 -10.08 59.87 -25.08
C GLN D 90 -11.50 59.63 -25.58
N MET D 91 -12.02 60.59 -26.31
CA MET D 91 -13.31 60.42 -26.98
C MET D 91 -13.15 59.42 -28.12
N TRP D 92 -13.30 58.13 -27.80
CA TRP D 92 -12.98 57.09 -28.76
C TRP D 92 -13.92 57.13 -29.96
N LYS D 93 -13.39 56.73 -31.11
CA LYS D 93 -14.21 56.59 -32.30
C LYS D 93 -15.23 55.48 -32.12
N SER D 94 -16.31 55.57 -32.89
CA SER D 94 -17.39 54.60 -32.77
C SER D 94 -16.89 53.20 -33.12
N PRO D 95 -17.15 52.20 -32.27
CA PRO D 95 -16.73 50.84 -32.63
C PRO D 95 -17.28 50.38 -33.97
N ASN D 96 -18.53 50.71 -34.26
CA ASN D 96 -19.13 50.29 -35.51
C ASN D 96 -18.34 50.83 -36.70
N GLY D 97 -17.98 52.11 -36.65
CA GLY D 97 -17.15 52.68 -37.70
C GLY D 97 -15.79 52.03 -37.76
N THR D 98 -15.18 51.77 -36.61
CA THR D 98 -13.91 51.06 -36.57
C THR D 98 -14.02 49.70 -37.26
N ILE D 99 -15.01 48.90 -36.87
CA ILE D 99 -15.19 47.57 -37.46
C ILE D 99 -15.55 47.70 -38.94
N ARG D 100 -16.52 48.55 -39.25
CA ARG D 100 -16.97 48.72 -40.64
C ARG D 100 -15.84 49.21 -41.54
N ASN D 101 -14.83 49.87 -40.97
CA ASN D 101 -13.68 50.31 -41.75
C ASN D 101 -12.62 49.22 -41.92
N ILE D 102 -12.52 48.32 -40.95
CA ILE D 102 -11.58 47.21 -41.08
C ILE D 102 -12.12 46.16 -42.05
N LEU D 103 -13.42 45.88 -41.98
CA LEU D 103 -14.05 44.87 -42.81
C LEU D 103 -14.48 45.39 -44.17
N GLY D 104 -14.87 46.65 -44.24
CA GLY D 104 -15.50 47.14 -45.45
C GLY D 104 -16.90 46.57 -45.54
N GLY D 105 -17.47 46.68 -46.74
CA GLY D 105 -18.79 46.17 -46.98
C GLY D 105 -19.87 47.13 -46.53
N THR D 106 -21.11 46.65 -46.64
CA THR D 106 -22.30 47.49 -46.57
C THR D 106 -23.24 47.01 -45.48
N VAL D 107 -23.83 47.97 -44.77
CA VAL D 107 -24.82 47.67 -43.73
C VAL D 107 -26.19 47.65 -44.38
N PHE D 108 -26.97 46.63 -44.03
CA PHE D 108 -28.35 46.51 -44.50
C PHE D 108 -29.27 46.48 -43.29
N ARG D 109 -30.31 47.31 -43.31
CA ARG D 109 -31.29 47.37 -42.24
C ARG D 109 -32.58 46.70 -42.69
N GLU D 110 -33.27 46.10 -41.74
CA GLU D 110 -34.49 45.37 -42.04
C GLU D 110 -35.39 45.36 -40.81
N ALA D 111 -36.64 45.78 -41.00
CA ALA D 111 -37.63 45.68 -39.95
C ALA D 111 -38.21 44.28 -39.91
N ILE D 112 -38.55 43.84 -38.72
CA ILE D 112 -39.18 42.55 -38.51
C ILE D 112 -40.68 42.76 -38.40
N ILE D 113 -41.44 41.89 -39.05
CA ILE D 113 -42.85 42.12 -39.31
C ILE D 113 -43.67 41.22 -38.41
N CYS D 114 -44.68 41.82 -37.78
CA CYS D 114 -45.71 41.09 -37.04
C CYS D 114 -47.07 41.50 -37.59
N LYS D 115 -47.95 40.50 -37.78
CA LYS D 115 -49.25 40.78 -38.37
C LYS D 115 -50.01 41.84 -37.57
N ASN D 116 -49.74 41.95 -36.27
CA ASN D 116 -50.45 42.88 -35.40
C ASN D 116 -49.65 44.15 -35.10
N ILE D 117 -48.52 44.35 -35.76
CA ILE D 117 -47.74 45.58 -35.59
C ILE D 117 -47.78 46.34 -36.91
N PRO D 118 -48.52 47.44 -37.01
CA PRO D 118 -48.67 48.10 -38.31
C PRO D 118 -47.34 48.63 -38.81
N ARG D 119 -47.18 48.60 -40.13
CA ARG D 119 -45.95 49.02 -40.78
C ARG D 119 -46.08 50.45 -41.30
N LEU D 120 -44.94 50.99 -41.73
CA LEU D 120 -44.90 52.39 -42.16
C LEU D 120 -45.88 52.64 -43.30
N VAL D 121 -45.91 51.74 -44.28
CA VAL D 121 -46.86 51.81 -45.39
C VAL D 121 -47.74 50.56 -45.34
N SER D 122 -49.05 50.77 -45.32
CA SER D 122 -49.95 49.65 -45.05
C SER D 122 -49.99 48.64 -46.20
N GLY D 123 -49.66 49.05 -47.42
CA GLY D 123 -49.64 48.13 -48.53
C GLY D 123 -48.50 47.15 -48.52
N TRP D 124 -47.52 47.35 -47.64
CA TRP D 124 -46.36 46.47 -47.61
C TRP D 124 -46.74 45.14 -47.00
N VAL D 125 -46.37 44.04 -47.66
CA VAL D 125 -46.71 42.72 -47.16
C VAL D 125 -45.44 41.88 -47.04
N LYS D 126 -44.44 42.15 -47.87
CA LYS D 126 -43.16 41.45 -47.77
C LYS D 126 -42.11 42.36 -47.14
N PRO D 127 -41.00 41.80 -46.67
CA PRO D 127 -39.95 42.63 -46.08
C PRO D 127 -39.27 43.54 -47.10
N ILE D 128 -38.55 44.51 -46.56
CA ILE D 128 -37.76 45.43 -47.38
C ILE D 128 -36.42 45.58 -46.67
N ILE D 129 -35.34 45.48 -47.43
CA ILE D 129 -33.98 45.50 -46.90
C ILE D 129 -33.24 46.67 -47.53
N ILE D 130 -32.82 47.62 -46.70
CA ILE D 130 -32.20 48.86 -47.16
C ILE D 130 -30.71 48.81 -46.85
N GLY D 131 -29.90 49.07 -47.87
CA GLY D 131 -28.47 49.16 -47.66
C GLY D 131 -27.93 50.46 -48.21
N CYS D 132 -27.36 51.30 -47.34
CA CYS D 132 -26.86 52.59 -47.77
C CYS D 132 -25.34 52.66 -47.65
N HIS D 133 -24.74 53.43 -48.54
CA HIS D 133 -23.29 53.55 -48.65
C HIS D 133 -22.79 54.46 -47.55
N ALA D 134 -22.07 53.89 -46.57
CA ALA D 134 -21.60 54.62 -45.40
C ALA D 134 -20.12 55.01 -45.49
N TYR D 135 -19.58 55.13 -46.69
CA TYR D 135 -18.18 55.51 -46.90
C TYR D 135 -18.13 56.81 -47.69
N GLY D 136 -17.20 57.70 -47.32
CA GLY D 136 -17.06 58.98 -47.99
C GLY D 136 -18.29 59.84 -47.80
N ASP D 137 -18.60 60.63 -48.83
CA ASP D 137 -19.83 61.45 -48.90
C ASP D 137 -19.85 62.40 -47.70
N GLN D 138 -21.02 62.64 -47.08
CA GLN D 138 -21.13 63.59 -45.98
C GLN D 138 -20.34 63.12 -44.76
N TYR D 139 -20.32 61.81 -44.49
CA TYR D 139 -19.59 61.30 -43.34
C TYR D 139 -18.12 61.67 -43.42
N ARG D 140 -17.56 61.80 -44.63
CA ARG D 140 -16.17 62.16 -44.85
C ARG D 140 -16.13 63.36 -45.81
N ALA D 141 -16.57 64.51 -45.33
CA ALA D 141 -16.68 65.72 -46.14
C ALA D 141 -15.80 66.81 -45.54
N THR D 142 -15.31 67.70 -46.40
CA THR D 142 -14.45 68.81 -46.01
C THR D 142 -15.18 70.12 -46.29
N ASP D 143 -15.78 70.71 -45.26
CA ASP D 143 -16.53 71.94 -45.36
C ASP D 143 -15.83 73.06 -44.60
N PHE D 144 -15.95 74.29 -45.10
CA PHE D 144 -15.33 75.43 -44.48
C PHE D 144 -16.17 76.67 -44.72
N VAL D 145 -15.87 77.71 -43.98
CA VAL D 145 -16.60 78.97 -44.10
C VAL D 145 -15.82 79.88 -45.05
N VAL D 146 -16.54 80.51 -45.98
CA VAL D 146 -15.95 81.48 -46.90
C VAL D 146 -16.13 82.85 -46.27
N PRO D 147 -15.05 83.51 -45.82
CA PRO D 147 -15.22 84.76 -45.04
C PRO D 147 -15.65 85.95 -45.88
N GLY D 148 -15.27 86.01 -47.15
CA GLY D 148 -15.63 87.14 -47.98
C GLY D 148 -15.38 86.87 -49.45
N PRO D 149 -15.52 87.91 -50.27
CA PRO D 149 -15.40 87.73 -51.72
C PRO D 149 -14.13 86.99 -52.09
N GLY D 150 -14.23 86.16 -53.12
CA GLY D 150 -13.11 85.37 -53.55
C GLY D 150 -13.57 84.13 -54.32
N LYS D 151 -12.58 83.40 -54.79
CA LYS D 151 -12.79 82.26 -55.67
C LYS D 151 -12.55 80.97 -54.89
N VAL D 152 -13.55 80.08 -54.92
CA VAL D 152 -13.42 78.75 -54.36
C VAL D 152 -13.25 77.77 -55.51
N GLU D 153 -12.16 77.02 -55.50
CA GLU D 153 -11.83 76.08 -56.56
C GLU D 153 -11.55 74.71 -55.97
N ILE D 154 -11.75 73.69 -56.79
CA ILE D 154 -11.44 72.31 -56.44
C ILE D 154 -10.55 71.73 -57.55
N THR D 155 -9.41 71.18 -57.16
CA THR D 155 -8.38 70.76 -58.09
C THR D 155 -8.07 69.28 -57.91
N TYR D 156 -7.71 68.62 -59.00
CA TYR D 156 -7.21 67.26 -58.97
C TYR D 156 -5.80 67.23 -59.54
N THR D 157 -4.88 66.65 -58.80
CA THR D 157 -3.49 66.47 -59.24
C THR D 157 -3.16 64.99 -59.24
N PRO D 158 -2.91 64.37 -60.38
CA PRO D 158 -2.51 62.95 -60.38
C PRO D 158 -1.26 62.73 -59.54
N SER D 159 -1.06 61.46 -59.15
CA SER D 159 0.12 61.11 -58.37
C SER D 159 1.40 61.32 -59.18
N ASP D 160 1.38 61.02 -60.47
CA ASP D 160 2.54 61.30 -61.30
C ASP D 160 2.79 62.80 -61.44
N GLY D 161 1.87 63.64 -61.01
CA GLY D 161 2.06 65.07 -61.02
C GLY D 161 2.16 65.71 -62.40
N THR D 162 1.93 64.96 -63.46
CA THR D 162 2.05 65.49 -64.81
C THR D 162 0.87 66.38 -65.20
N GLN D 163 -0.12 66.50 -64.33
CA GLN D 163 -1.37 67.16 -64.69
C GLN D 163 -1.91 67.89 -63.47
N LYS D 164 -2.74 68.88 -63.72
CA LYS D 164 -3.47 69.53 -62.63
C LYS D 164 -4.73 70.13 -63.23
N VAL D 165 -5.89 69.70 -62.74
CA VAL D 165 -7.18 70.12 -63.24
C VAL D 165 -7.85 70.96 -62.17
N THR D 166 -8.21 72.18 -62.51
CA THR D 166 -8.85 73.10 -61.58
C THR D 166 -10.29 73.34 -62.02
N TYR D 167 -11.23 72.97 -61.16
CA TYR D 167 -12.65 73.25 -61.38
C TYR D 167 -13.05 74.46 -60.53
N LEU D 168 -13.88 75.33 -61.10
CA LEU D 168 -14.41 76.48 -60.37
C LEU D 168 -15.68 76.04 -59.65
N VAL D 169 -15.64 76.03 -58.33
CA VAL D 169 -16.86 75.78 -57.56
C VAL D 169 -17.76 77.01 -57.59
N HIS D 170 -17.21 78.17 -57.22
CA HIS D 170 -17.99 79.40 -57.24
C HIS D 170 -17.07 80.60 -57.06
N ASN D 171 -17.45 81.71 -57.66
CA ASN D 171 -16.79 82.98 -57.38
C ASN D 171 -17.73 83.82 -56.54
N PHE D 172 -17.34 84.08 -55.29
CA PHE D 172 -18.11 84.90 -54.38
C PHE D 172 -17.84 86.36 -54.75
N GLU D 173 -18.81 86.96 -55.45
CA GLU D 173 -18.68 88.32 -55.96
C GLU D 173 -18.91 89.35 -54.86
N GLU D 174 -19.87 89.08 -53.99
CA GLU D 174 -20.18 89.92 -52.84
C GLU D 174 -20.47 88.98 -51.68
N GLY D 175 -20.00 89.35 -50.50
CA GLY D 175 -20.28 88.55 -49.31
C GLY D 175 -19.56 87.21 -49.30
N GLY D 176 -19.60 86.53 -48.15
CA GLY D 176 -19.04 85.21 -48.00
C GLY D 176 -20.08 84.12 -48.04
N GLY D 177 -19.77 83.02 -47.36
CA GLY D 177 -20.65 81.86 -47.34
C GLY D 177 -19.95 80.62 -46.84
N VAL D 178 -20.26 79.48 -47.46
CA VAL D 178 -19.70 78.20 -47.09
C VAL D 178 -19.46 77.39 -48.36
N ALA D 179 -18.50 76.47 -48.28
CA ALA D 179 -18.29 75.51 -49.36
C ALA D 179 -17.86 74.19 -48.76
N MET D 180 -17.84 73.15 -49.60
CA MET D 180 -17.35 71.87 -49.15
C MET D 180 -16.92 71.00 -50.33
N GLY D 181 -16.09 70.02 -50.01
CA GLY D 181 -15.65 69.02 -50.98
C GLY D 181 -15.99 67.63 -50.48
N MET D 182 -16.35 66.76 -51.42
CA MET D 182 -16.71 65.38 -51.12
C MET D 182 -16.05 64.46 -52.13
N TYR D 183 -15.85 63.20 -51.71
CA TYR D 183 -15.22 62.22 -52.59
C TYR D 183 -15.83 60.85 -52.34
N ASN D 184 -15.50 59.92 -53.23
CA ASN D 184 -15.79 58.51 -53.03
C ASN D 184 -14.86 57.70 -53.93
N GLN D 185 -14.24 56.67 -53.36
CA GLN D 185 -13.30 55.86 -54.12
C GLN D 185 -14.04 54.80 -54.92
N ASP D 186 -13.49 54.48 -56.10
CA ASP D 186 -14.05 53.41 -56.91
C ASP D 186 -14.14 52.12 -56.11
N LYS D 187 -13.09 51.80 -55.35
CA LYS D 187 -13.12 50.58 -54.55
C LYS D 187 -14.39 50.51 -53.71
N SER D 188 -14.70 51.58 -52.96
CA SER D 188 -15.87 51.55 -52.08
C SER D 188 -17.15 51.34 -52.87
N ILE D 189 -17.26 51.95 -54.05
CA ILE D 189 -18.45 51.76 -54.86
C ILE D 189 -18.53 50.31 -55.33
N GLU D 190 -17.40 49.74 -55.75
CA GLU D 190 -17.39 48.35 -56.16
C GLU D 190 -17.77 47.43 -55.02
N ASP D 191 -17.15 47.61 -53.85
CA ASP D 191 -17.54 46.84 -52.67
C ASP D 191 -19.01 47.03 -52.36
N PHE D 192 -19.54 48.22 -52.61
CA PHE D 192 -20.95 48.48 -52.39
C PHE D 192 -21.80 47.69 -53.37
N ALA D 193 -21.39 47.61 -54.64
CA ALA D 193 -22.13 46.84 -55.63
C ALA D 193 -22.11 45.35 -55.29
N HIS D 194 -20.92 44.79 -55.05
CA HIS D 194 -20.82 43.37 -54.73
C HIS D 194 -21.69 43.03 -53.52
N SER D 195 -21.52 43.78 -52.43
CA SER D 195 -22.27 43.51 -51.22
C SER D 195 -23.77 43.55 -51.46
N SER D 196 -24.24 44.38 -52.39
CA SER D 196 -25.67 44.48 -52.66
C SER D 196 -26.15 43.37 -53.58
N PHE D 197 -25.31 42.96 -54.55
CA PHE D 197 -25.67 41.79 -55.36
C PHE D 197 -25.62 40.51 -54.54
N GLN D 198 -24.66 40.39 -53.62
CA GLN D 198 -24.66 39.25 -52.70
C GLN D 198 -25.98 39.20 -51.92
N MET D 199 -26.35 40.33 -51.32
CA MET D 199 -27.54 40.36 -50.48
C MET D 199 -28.78 39.94 -51.26
N ALA D 200 -28.94 40.48 -52.48
CA ALA D 200 -30.12 40.16 -53.27
C ALA D 200 -30.16 38.67 -53.61
N LEU D 201 -29.01 38.06 -53.93
CA LEU D 201 -28.98 36.63 -54.19
C LEU D 201 -29.29 35.83 -52.94
N SER D 202 -28.77 36.28 -51.79
CA SER D 202 -28.99 35.57 -50.54
C SER D 202 -30.48 35.52 -50.18
N LYS D 203 -31.18 36.65 -50.32
CA LYS D 203 -32.60 36.72 -50.01
C LYS D 203 -33.50 36.36 -51.19
N GLY D 204 -32.94 36.29 -52.39
CA GLY D 204 -33.75 36.00 -53.56
C GLY D 204 -34.78 37.06 -53.85
N TRP D 205 -34.36 38.32 -53.90
CA TRP D 205 -35.26 39.43 -54.19
C TRP D 205 -34.59 40.39 -55.16
N PRO D 206 -35.39 41.16 -55.91
CA PRO D 206 -34.80 42.13 -56.84
C PRO D 206 -34.01 43.21 -56.11
N LEU D 207 -33.06 43.79 -56.83
CA LEU D 207 -32.23 44.86 -56.31
C LEU D 207 -32.50 46.16 -57.05
N TYR D 208 -32.58 47.25 -56.30
CA TYR D 208 -32.69 48.58 -56.88
C TYR D 208 -31.60 49.46 -56.27
N LEU D 209 -30.83 50.11 -57.13
CA LEU D 209 -29.91 51.17 -56.76
C LEU D 209 -30.62 52.49 -57.02
N SER D 210 -30.73 53.33 -55.99
CA SER D 210 -31.29 54.66 -56.14
C SER D 210 -30.18 55.69 -56.03
N THR D 211 -30.14 56.63 -56.98
CA THR D 211 -29.15 57.70 -56.95
C THR D 211 -29.82 58.99 -57.41
N LYS D 212 -29.02 60.06 -57.45
CA LYS D 212 -29.47 61.35 -57.92
C LYS D 212 -28.62 61.75 -59.13
N ASN D 213 -28.53 60.86 -60.13
CA ASN D 213 -27.60 61.04 -61.22
C ASN D 213 -28.07 62.04 -62.26
N THR D 214 -29.25 62.63 -62.09
CA THR D 214 -29.67 63.73 -62.94
C THR D 214 -29.01 65.03 -62.52
N ILE D 215 -28.73 65.18 -61.22
CA ILE D 215 -28.02 66.34 -60.72
C ILE D 215 -26.52 66.09 -60.71
N LEU D 216 -26.10 65.01 -60.07
CA LEU D 216 -24.69 64.65 -60.02
C LEU D 216 -24.40 63.63 -61.11
N LYS D 217 -24.38 64.13 -62.34
CA LYS D 217 -24.23 63.24 -63.48
C LYS D 217 -22.95 62.43 -63.40
N LYS D 218 -21.85 63.06 -62.97
CA LYS D 218 -20.58 62.36 -62.86
C LYS D 218 -20.44 61.63 -61.52
N TYR D 219 -20.77 62.31 -60.42
CA TYR D 219 -20.60 61.70 -59.10
C TYR D 219 -21.50 60.48 -58.93
N ASP D 220 -22.81 60.65 -59.17
CA ASP D 220 -23.74 59.55 -58.98
C ASP D 220 -23.80 58.61 -60.17
N GLY D 221 -23.53 59.14 -61.38
CA GLY D 221 -23.42 58.28 -62.53
C GLY D 221 -22.33 57.24 -62.39
N ARG D 222 -21.33 57.51 -61.55
CA ARG D 222 -20.27 56.53 -61.33
C ARG D 222 -20.79 55.33 -60.57
N PHE D 223 -21.65 55.56 -59.57
CA PHE D 223 -22.33 54.44 -58.93
C PHE D 223 -23.12 53.63 -59.94
N LYS D 224 -23.94 54.31 -60.75
CA LYS D 224 -24.80 53.61 -61.69
C LYS D 224 -23.99 52.80 -62.69
N ASP D 225 -22.85 53.32 -63.13
CA ASP D 225 -22.05 52.61 -64.12
C ASP D 225 -21.33 51.42 -63.50
N ILE D 226 -20.75 51.58 -62.31
CA ILE D 226 -20.03 50.47 -61.68
C ILE D 226 -20.98 49.34 -61.33
N PHE D 227 -22.15 49.67 -60.78
CA PHE D 227 -23.14 48.64 -60.50
C PHE D 227 -23.49 47.86 -61.77
N GLN D 228 -23.86 48.58 -62.83
CA GLN D 228 -24.35 47.91 -64.03
C GLN D 228 -23.29 46.99 -64.63
N GLU D 229 -22.04 47.44 -64.70
CA GLU D 229 -21.00 46.62 -65.32
C GLU D 229 -20.60 45.46 -64.43
N ILE D 230 -20.60 45.65 -63.11
CA ILE D 230 -20.37 44.54 -62.20
C ILE D 230 -21.54 43.56 -62.27
N TYR D 231 -22.77 44.08 -62.26
CA TYR D 231 -23.94 43.23 -62.43
C TYR D 231 -23.84 42.42 -63.71
N ASP D 232 -23.56 43.09 -64.82
CA ASP D 232 -23.49 42.40 -66.11
C ASP D 232 -22.39 41.36 -66.12
N LYS D 233 -21.21 41.72 -65.63
CA LYS D 233 -20.05 40.85 -65.78
C LYS D 233 -19.94 39.78 -64.69
N GLN D 234 -20.76 39.84 -63.64
CA GLN D 234 -20.58 38.91 -62.53
C GLN D 234 -21.86 38.39 -61.88
N TYR D 235 -23.05 38.89 -62.22
CA TYR D 235 -24.24 38.49 -61.48
C TYR D 235 -25.49 38.31 -62.31
N LYS D 236 -25.57 38.83 -63.53
CA LYS D 236 -26.83 38.79 -64.27
C LYS D 236 -27.31 37.37 -64.49
N SER D 237 -26.37 36.44 -64.72
CA SER D 237 -26.78 35.05 -64.93
C SER D 237 -27.40 34.47 -63.66
N GLN D 238 -26.81 34.79 -62.50
CA GLN D 238 -27.32 34.23 -61.26
C GLN D 238 -28.63 34.89 -60.85
N PHE D 239 -28.80 36.18 -61.17
CA PHE D 239 -30.08 36.85 -60.88
C PHE D 239 -31.20 36.24 -61.70
N GLU D 240 -30.96 36.02 -62.99
CA GLU D 240 -31.97 35.38 -63.83
C GLU D 240 -32.21 33.94 -63.38
N ALA D 241 -31.18 33.29 -62.84
CA ALA D 241 -31.37 31.95 -62.29
C ALA D 241 -32.47 31.93 -61.24
N GLN D 242 -32.50 32.94 -60.35
CA GLN D 242 -33.50 33.04 -59.32
C GLN D 242 -34.67 33.94 -59.73
N LYS D 243 -34.86 34.14 -61.03
CA LYS D 243 -36.00 34.92 -61.55
C LYS D 243 -36.10 36.28 -60.87
N ILE D 244 -34.96 36.87 -60.50
CA ILE D 244 -34.92 38.23 -59.96
C ILE D 244 -34.18 39.13 -60.94
N TRP D 245 -33.97 40.39 -60.56
CA TRP D 245 -33.41 41.38 -61.47
C TRP D 245 -32.79 42.51 -60.68
N TYR D 246 -32.07 43.38 -61.39
CA TYR D 246 -31.49 44.59 -60.83
C TYR D 246 -31.80 45.76 -61.73
N GLU D 247 -32.25 46.87 -61.13
CA GLU D 247 -32.52 48.08 -61.88
C GLU D 247 -32.11 49.30 -61.07
N HIS D 248 -31.47 50.26 -61.74
CA HIS D 248 -31.21 51.56 -61.16
C HIS D 248 -32.48 52.41 -61.19
N ARG D 249 -32.62 53.29 -60.19
CA ARG D 249 -33.76 54.19 -60.12
C ARG D 249 -33.29 55.58 -59.69
N LEU D 250 -33.92 56.60 -60.24
CA LEU D 250 -33.73 57.94 -59.69
C LEU D 250 -34.43 57.97 -58.34
N ILE D 251 -33.74 58.54 -57.33
CA ILE D 251 -34.28 58.56 -55.97
C ILE D 251 -35.70 59.10 -55.96
N ASP D 252 -35.98 60.09 -56.82
CA ASP D 252 -37.31 60.68 -56.91
C ASP D 252 -38.35 59.59 -57.15
N ASP D 253 -38.09 58.71 -58.10
CA ASP D 253 -39.05 57.67 -58.47
C ASP D 253 -39.04 56.51 -57.48
N MET D 254 -37.85 56.12 -57.03
CA MET D 254 -37.73 54.94 -56.17
C MET D 254 -38.53 55.08 -54.89
N VAL D 255 -38.51 56.27 -54.28
CA VAL D 255 -39.29 56.48 -53.07
C VAL D 255 -40.76 56.20 -53.31
N ALA D 256 -41.29 56.67 -54.45
CA ALA D 256 -42.70 56.48 -54.74
C ALA D 256 -42.99 55.05 -55.15
N GLN D 257 -42.09 54.43 -55.92
CA GLN D 257 -42.26 53.03 -56.27
C GLN D 257 -42.26 52.15 -55.01
N ALA D 258 -41.32 52.41 -54.11
CA ALA D 258 -41.24 51.62 -52.89
C ALA D 258 -42.54 51.71 -52.10
N MET D 259 -43.10 52.92 -51.99
CA MET D 259 -44.32 53.10 -51.21
C MET D 259 -45.53 52.49 -51.89
N LYS D 260 -45.47 52.26 -53.20
CA LYS D 260 -46.59 51.71 -53.94
C LYS D 260 -46.43 50.22 -54.23
N SER D 261 -45.39 49.58 -53.69
CA SER D 261 -45.14 48.17 -53.95
C SER D 261 -45.54 47.33 -52.74
N GLU D 262 -45.60 46.02 -52.95
CA GLU D 262 -45.90 45.07 -51.90
C GLU D 262 -44.70 44.75 -51.01
N GLY D 263 -43.51 45.26 -51.36
CA GLY D 263 -42.30 44.92 -50.66
C GLY D 263 -41.54 43.80 -51.33
N GLY D 264 -40.63 43.20 -50.56
CA GLY D 264 -39.82 42.11 -51.06
C GLY D 264 -38.78 42.53 -52.07
N PHE D 265 -37.99 43.56 -51.74
CA PHE D 265 -36.91 43.99 -52.61
C PHE D 265 -35.76 44.50 -51.76
N ILE D 266 -34.57 44.49 -52.34
CA ILE D 266 -33.39 45.07 -51.73
C ILE D 266 -33.23 46.46 -52.31
N TRP D 267 -32.91 47.42 -51.45
CA TRP D 267 -32.85 48.83 -51.82
C TRP D 267 -31.45 49.32 -51.48
N ALA D 268 -30.59 49.37 -52.50
CA ALA D 268 -29.26 49.96 -52.34
C ALA D 268 -29.39 51.47 -52.50
N CYS D 269 -28.97 52.21 -51.48
CA CYS D 269 -29.23 53.63 -51.38
C CYS D 269 -27.91 54.38 -51.22
N LYS D 270 -27.83 55.57 -51.79
CA LYS D 270 -26.66 56.43 -51.66
C LYS D 270 -27.04 57.68 -50.85
N ASN D 271 -27.32 57.47 -49.57
CA ASN D 271 -27.72 58.56 -48.69
C ASN D 271 -27.68 58.14 -47.22
N TYR D 272 -26.57 58.44 -46.54
CA TYR D 272 -26.41 58.10 -45.13
C TYR D 272 -26.11 59.34 -44.29
N ASP D 273 -25.01 60.05 -44.58
CA ASP D 273 -24.62 61.25 -43.83
C ASP D 273 -24.62 60.98 -42.33
N SER D 278 -30.30 57.33 -42.13
CA SER D 278 -31.43 58.21 -42.37
C SER D 278 -32.77 57.53 -42.04
N ASP D 279 -32.73 56.22 -41.85
CA ASP D 279 -33.93 55.46 -41.48
C ASP D 279 -34.16 55.53 -39.97
N PHE D 280 -34.37 56.74 -39.48
CA PHE D 280 -34.77 56.97 -38.09
C PHE D 280 -36.16 57.59 -38.02
N VAL D 281 -37.01 57.30 -38.99
CA VAL D 281 -38.44 57.53 -38.80
C VAL D 281 -39.05 56.40 -37.99
N ALA D 282 -38.39 55.23 -37.94
CA ALA D 282 -38.87 54.14 -37.09
C ALA D 282 -38.88 54.54 -35.63
N GLN D 283 -37.98 55.45 -35.24
CA GLN D 283 -38.03 56.01 -33.88
C GLN D 283 -39.37 56.69 -33.63
N GLY D 284 -39.74 57.64 -34.50
CA GLY D 284 -40.98 58.37 -34.30
C GLY D 284 -42.22 57.55 -34.60
N TYR D 285 -42.11 56.60 -35.52
CA TYR D 285 -43.27 55.82 -35.96
C TYR D 285 -43.60 54.69 -34.97
N GLY D 286 -42.70 53.73 -34.88
CA GLY D 286 -42.92 52.57 -34.02
C GLY D 286 -41.74 52.34 -33.10
N SER D 287 -41.08 51.20 -33.22
CA SER D 287 -39.95 50.88 -32.37
C SER D 287 -38.74 50.51 -33.20
N LEU D 288 -37.58 50.97 -32.74
CA LEU D 288 -36.30 50.48 -33.22
C LEU D 288 -35.98 49.10 -32.68
N GLY D 289 -36.70 48.65 -31.65
CA GLY D 289 -36.52 47.31 -31.14
C GLY D 289 -36.81 46.23 -32.15
N MET D 290 -37.42 46.56 -33.28
CA MET D 290 -37.71 45.61 -34.34
C MET D 290 -36.82 45.79 -35.56
N MET D 291 -35.82 46.65 -35.48
CA MET D 291 -34.99 47.01 -36.62
C MET D 291 -33.62 46.34 -36.48
N THR D 292 -33.32 45.42 -37.39
CA THR D 292 -32.05 44.72 -37.39
C THR D 292 -31.12 45.27 -38.47
N SER D 293 -29.84 44.94 -38.33
CA SER D 293 -28.86 45.31 -39.35
C SER D 293 -27.79 44.23 -39.43
N VAL D 294 -27.24 44.07 -40.63
CA VAL D 294 -26.17 43.13 -40.90
C VAL D 294 -25.15 43.82 -41.78
N LEU D 295 -23.90 43.88 -41.34
CA LEU D 295 -22.81 44.31 -42.20
C LEU D 295 -22.40 43.16 -43.11
N VAL D 296 -22.47 43.36 -44.41
CA VAL D 296 -22.22 42.31 -45.39
C VAL D 296 -20.99 42.69 -46.19
N CYS D 297 -19.96 41.88 -46.11
CA CYS D 297 -18.72 42.19 -46.79
C CYS D 297 -18.84 41.86 -48.28
N PRO D 298 -18.02 42.51 -49.11
CA PRO D 298 -18.10 42.25 -50.56
C PRO D 298 -17.69 40.83 -50.93
N ASP D 299 -16.91 40.13 -50.09
CA ASP D 299 -16.56 38.75 -50.39
C ASP D 299 -17.74 37.79 -50.28
N GLY D 300 -18.89 38.26 -49.78
CA GLY D 300 -20.04 37.42 -49.58
C GLY D 300 -19.86 36.32 -48.56
N LYS D 301 -18.69 36.20 -47.93
CA LYS D 301 -18.44 35.17 -46.93
C LYS D 301 -18.53 35.68 -45.50
N THR D 302 -18.27 36.96 -45.26
CA THR D 302 -18.15 37.51 -43.91
C THR D 302 -19.28 38.47 -43.63
N VAL D 303 -19.88 38.36 -42.43
CA VAL D 303 -20.95 39.24 -42.00
C VAL D 303 -20.78 39.59 -40.53
N GLU D 304 -21.43 40.70 -40.13
CA GLU D 304 -21.55 41.10 -38.74
C GLU D 304 -23.00 41.51 -38.49
N ALA D 305 -23.67 40.80 -37.60
CA ALA D 305 -25.06 41.09 -37.28
C ALA D 305 -25.17 41.81 -35.95
N GLU D 306 -26.01 42.84 -35.91
CA GLU D 306 -26.25 43.60 -34.69
C GLU D 306 -27.63 44.24 -34.75
N ALA D 307 -28.14 44.62 -33.58
CA ALA D 307 -29.34 45.42 -33.52
C ALA D 307 -29.05 46.82 -34.09
N ALA D 308 -30.00 47.33 -34.86
CA ALA D 308 -29.82 48.66 -35.41
C ALA D 308 -30.00 49.74 -34.35
N HIS D 309 -30.66 49.41 -33.25
CA HIS D 309 -30.88 50.36 -32.18
C HIS D 309 -29.65 50.44 -31.27
N GLY D 310 -29.69 51.37 -30.32
CA GLY D 310 -28.57 51.63 -29.45
C GLY D 310 -28.63 50.83 -28.17
N THR D 311 -27.94 51.34 -27.15
CA THR D 311 -27.86 50.67 -25.87
C THR D 311 -29.09 50.89 -24.99
N VAL D 312 -29.98 51.80 -25.38
CA VAL D 312 -31.19 52.09 -24.62
C VAL D 312 -30.80 52.46 -23.20
N THR D 313 -30.03 53.53 -23.07
CA THR D 313 -29.55 53.95 -21.75
C THR D 313 -30.70 54.38 -20.86
N ARG D 314 -31.80 54.85 -21.44
CA ARG D 314 -32.95 55.25 -20.63
C ARG D 314 -33.44 54.10 -19.77
N HIS D 315 -33.49 52.89 -20.34
CA HIS D 315 -33.95 51.73 -19.59
C HIS D 315 -32.89 51.25 -18.60
N TYR D 316 -31.61 51.48 -18.91
CA TYR D 316 -30.56 51.08 -17.97
C TYR D 316 -30.57 51.94 -16.72
N ARG D 317 -30.96 53.21 -16.84
CA ARG D 317 -31.10 54.05 -15.66
C ARG D 317 -32.16 53.49 -14.73
N MET D 318 -33.29 53.06 -15.28
CA MET D 318 -34.35 52.46 -14.47
C MET D 318 -33.92 51.12 -13.90
N TYR D 319 -33.10 50.38 -14.65
CA TYR D 319 -32.67 49.05 -14.20
C TYR D 319 -31.75 49.15 -12.99
N GLN D 320 -30.73 50.01 -13.06
CA GLN D 320 -29.79 50.12 -11.94
C GLN D 320 -30.50 50.50 -10.64
N LYS D 321 -31.55 51.32 -10.74
CA LYS D 321 -32.33 51.66 -9.55
C LYS D 321 -33.00 50.43 -8.97
N GLY D 322 -33.74 49.69 -9.80
CA GLY D 322 -34.43 48.50 -9.36
C GLY D 322 -35.88 48.46 -9.78
N GLN D 323 -36.34 49.49 -10.47
CA GLN D 323 -37.71 49.56 -10.96
C GLN D 323 -37.81 48.87 -12.31
N GLU D 324 -38.90 48.13 -12.51
CA GLU D 324 -39.03 47.24 -13.65
C GLU D 324 -38.84 47.99 -14.97
N THR D 325 -38.50 47.22 -16.00
CA THR D 325 -38.32 47.70 -17.36
C THR D 325 -39.04 46.77 -18.32
N SER D 326 -39.21 47.21 -19.57
CA SER D 326 -39.79 46.38 -20.63
C SER D 326 -39.07 46.70 -21.94
N THR D 327 -37.87 46.15 -22.08
CA THR D 327 -37.00 46.42 -23.21
C THR D 327 -37.13 45.33 -24.25
N ASN D 328 -37.21 45.73 -25.52
CA ASN D 328 -37.46 44.79 -26.60
C ASN D 328 -36.17 44.05 -26.97
N PRO D 329 -36.14 42.72 -26.90
CA PRO D 329 -34.92 41.99 -27.29
C PRO D 329 -34.91 41.47 -28.72
N ILE D 330 -35.91 41.80 -29.52
CA ILE D 330 -36.07 41.17 -30.82
C ILE D 330 -34.87 41.49 -31.73
N ALA D 331 -34.52 42.77 -31.83
CA ALA D 331 -33.44 43.14 -32.73
C ALA D 331 -32.12 42.51 -32.30
N SER D 332 -31.96 42.27 -30.99
CA SER D 332 -30.75 41.61 -30.49
C SER D 332 -30.78 40.11 -30.77
N ILE D 333 -31.94 39.48 -30.56
CA ILE D 333 -32.12 38.08 -30.92
C ILE D 333 -31.82 37.87 -32.41
N PHE D 334 -32.38 38.72 -33.26
CA PHE D 334 -32.15 38.55 -34.69
C PHE D 334 -30.70 38.82 -35.07
N ALA D 335 -29.93 39.47 -34.21
CA ALA D 335 -28.49 39.56 -34.46
C ALA D 335 -27.85 38.19 -34.32
N TRP D 336 -28.31 37.41 -33.35
CA TRP D 336 -27.81 36.05 -33.20
C TRP D 336 -28.34 35.15 -34.32
N THR D 337 -29.64 35.21 -34.59
CA THR D 337 -30.21 34.28 -35.56
C THR D 337 -29.64 34.52 -36.96
N ARG D 338 -29.37 35.79 -37.30
CA ARG D 338 -28.84 36.09 -38.62
C ARG D 338 -27.38 35.66 -38.73
N GLY D 339 -26.59 35.86 -37.67
CA GLY D 339 -25.23 35.37 -37.68
C GLY D 339 -25.17 33.86 -37.70
N LEU D 340 -26.07 33.20 -36.97
CA LEU D 340 -26.07 31.75 -36.94
C LEU D 340 -26.58 31.17 -38.26
N ALA D 341 -27.60 31.80 -38.84
CA ALA D 341 -28.03 31.40 -40.18
C ALA D 341 -26.88 31.47 -41.17
N HIS D 342 -25.99 32.46 -41.01
CA HIS D 342 -24.89 32.61 -41.96
C HIS D 342 -23.78 31.62 -41.67
N ARG D 343 -23.50 31.37 -40.39
CA ARG D 343 -22.62 30.27 -40.03
C ARG D 343 -23.14 28.96 -40.60
N ALA D 344 -24.45 28.73 -40.46
CA ALA D 344 -25.03 27.50 -40.99
C ALA D 344 -24.82 27.40 -42.49
N LYS D 345 -24.89 28.53 -43.18
CA LYS D 345 -24.72 28.52 -44.63
C LYS D 345 -23.28 28.20 -45.01
N LEU D 346 -22.31 28.73 -44.27
CA LEU D 346 -20.91 28.48 -44.59
C LEU D 346 -20.51 27.04 -44.30
N ASP D 347 -21.18 26.40 -43.34
CA ASP D 347 -20.80 25.07 -42.90
C ASP D 347 -21.75 23.99 -43.38
N ASN D 348 -22.73 24.33 -44.22
CA ASN D 348 -23.76 23.38 -44.60
C ASN D 348 -24.33 22.68 -43.37
N ASN D 349 -24.56 23.47 -42.31
CA ASN D 349 -25.06 22.97 -41.04
C ASN D 349 -26.58 23.11 -41.06
N LYS D 350 -27.25 22.03 -41.49
CA LYS D 350 -28.70 22.08 -41.66
C LYS D 350 -29.42 22.23 -40.33
N GLU D 351 -28.89 21.63 -39.26
CA GLU D 351 -29.57 21.71 -37.97
C GLU D 351 -29.47 23.11 -37.39
N LEU D 352 -28.28 23.71 -37.45
CA LEU D 352 -28.14 25.09 -36.97
C LEU D 352 -29.05 26.03 -37.76
N ALA D 353 -29.13 25.85 -39.07
CA ALA D 353 -30.01 26.67 -39.89
C ALA D 353 -31.46 26.57 -39.41
N PHE D 354 -31.93 25.35 -39.19
CA PHE D 354 -33.27 25.17 -38.65
C PHE D 354 -33.43 25.87 -37.31
N PHE D 355 -32.41 25.79 -36.45
CA PHE D 355 -32.50 26.49 -35.17
C PHE D 355 -32.66 27.98 -35.39
N ALA D 356 -31.85 28.56 -36.27
CA ALA D 356 -31.92 30.00 -36.48
C ALA D 356 -33.31 30.40 -36.90
N ASN D 357 -33.86 29.72 -37.92
CA ASN D 357 -35.18 30.09 -38.42
C ASN D 357 -36.24 29.88 -37.36
N ALA D 358 -36.08 28.85 -36.52
CA ALA D 358 -37.12 28.53 -35.56
C ALA D 358 -37.18 29.58 -34.46
N LEU D 359 -36.02 30.11 -34.06
CA LEU D 359 -36.00 31.17 -33.05
C LEU D 359 -36.61 32.45 -33.58
N GLU D 360 -36.44 32.73 -34.88
CA GLU D 360 -37.09 33.88 -35.49
C GLU D 360 -38.61 33.69 -35.54
N GLU D 361 -39.07 32.51 -35.96
CA GLU D 361 -40.51 32.25 -36.01
C GLU D 361 -41.14 32.38 -34.62
N VAL D 362 -40.48 31.83 -33.61
CA VAL D 362 -41.04 31.87 -32.26
C VAL D 362 -41.13 33.30 -31.74
N SER D 363 -40.12 34.12 -32.05
CA SER D 363 -40.16 35.51 -31.66
C SER D 363 -41.37 36.20 -32.29
N ILE D 364 -41.52 36.07 -33.61
CA ILE D 364 -42.64 36.68 -34.31
C ILE D 364 -43.98 36.12 -33.81
N GLU D 365 -44.08 34.80 -33.71
CA GLU D 365 -45.35 34.20 -33.29
C GLU D 365 -45.71 34.59 -31.86
N THR D 366 -44.71 34.73 -30.99
CA THR D 366 -44.98 35.14 -29.62
C THR D 366 -45.64 36.51 -29.56
N ILE D 367 -45.12 37.46 -30.35
CA ILE D 367 -45.69 38.80 -30.37
C ILE D 367 -47.08 38.78 -30.99
N GLU D 368 -47.20 38.16 -32.17
CA GLU D 368 -48.49 38.11 -32.86
C GLU D 368 -49.58 37.48 -31.99
N ALA D 369 -49.19 36.65 -31.02
CA ALA D 369 -50.14 36.01 -30.13
C ALA D 369 -50.46 36.84 -28.90
N GLY D 370 -49.94 38.06 -28.81
CA GLY D 370 -50.36 39.02 -27.81
C GLY D 370 -49.36 39.29 -26.71
N PHE D 371 -48.25 38.57 -26.66
CA PHE D 371 -47.23 38.76 -25.64
C PHE D 371 -46.10 39.60 -26.23
N MET D 372 -45.84 40.76 -25.62
CA MET D 372 -44.93 41.74 -26.20
C MET D 372 -44.45 42.70 -25.13
N THR D 373 -43.41 43.46 -25.47
CA THR D 373 -42.86 44.47 -24.57
C THR D 373 -43.60 45.80 -24.76
N LYS D 374 -43.38 46.72 -23.82
CA LYS D 374 -44.21 47.92 -23.76
C LYS D 374 -44.10 48.75 -25.02
N ASP D 375 -42.96 48.71 -25.70
CA ASP D 375 -42.83 49.50 -26.91
C ASP D 375 -43.82 49.03 -27.98
N LEU D 376 -43.98 47.72 -28.13
CA LEU D 376 -44.91 47.23 -29.14
C LEU D 376 -46.36 47.41 -28.69
N ALA D 377 -46.62 47.25 -27.39
CA ALA D 377 -47.95 47.53 -26.87
C ALA D 377 -48.34 48.98 -27.16
N ALA D 378 -47.38 49.89 -27.09
CA ALA D 378 -47.65 51.28 -27.44
C ALA D 378 -47.87 51.44 -28.93
N CYS D 379 -47.15 50.68 -29.76
CA CYS D 379 -47.39 50.73 -31.19
C CYS D 379 -48.84 50.40 -31.52
N ILE D 380 -49.47 49.57 -30.73
CA ILE D 380 -50.82 49.11 -31.04
C ILE D 380 -51.84 50.08 -30.46
N LYS D 381 -51.83 50.23 -29.14
CA LYS D 381 -52.85 51.00 -28.43
C LYS D 381 -52.52 52.47 -28.29
N GLY D 382 -51.35 52.90 -28.74
CA GLY D 382 -50.90 54.26 -28.44
C GLY D 382 -50.35 54.32 -27.03
N LEU D 383 -49.20 54.97 -26.85
CA LEU D 383 -48.53 54.92 -25.55
C LEU D 383 -49.41 55.37 -24.38
N PRO D 384 -50.20 56.44 -24.47
CA PRO D 384 -51.02 56.84 -23.31
C PRO D 384 -52.05 55.80 -22.89
N ASN D 385 -52.24 54.75 -23.67
CA ASN D 385 -53.28 53.76 -23.40
C ASN D 385 -52.71 52.44 -22.93
N VAL D 386 -51.41 52.35 -22.72
CA VAL D 386 -50.77 51.09 -22.32
C VAL D 386 -51.02 50.89 -20.83
N GLN D 387 -51.77 49.85 -20.48
CA GLN D 387 -51.87 49.39 -19.11
C GLN D 387 -50.76 48.37 -18.85
N ARG D 388 -50.42 48.21 -17.57
CA ARG D 388 -49.36 47.26 -17.21
C ARG D 388 -49.69 45.85 -17.71
N SER D 389 -50.97 45.52 -17.86
CA SER D 389 -51.39 44.21 -18.32
C SER D 389 -51.26 44.03 -19.82
N ASP D 390 -50.98 45.09 -20.58
CA ASP D 390 -50.88 45.00 -22.03
C ASP D 390 -49.53 44.49 -22.50
N TYR D 391 -48.54 44.34 -21.62
CA TYR D 391 -47.21 44.00 -22.05
C TYR D 391 -46.50 43.19 -20.98
N LEU D 392 -45.40 42.57 -21.38
CA LEU D 392 -44.54 41.79 -20.51
C LEU D 392 -43.25 42.56 -20.25
N ASN D 393 -42.73 42.47 -19.03
CA ASN D 393 -41.47 43.13 -18.75
C ASN D 393 -40.30 42.35 -19.37
N THR D 394 -39.11 42.94 -19.29
CA THR D 394 -37.96 42.40 -20.01
C THR D 394 -37.78 40.90 -19.74
N PHE D 395 -37.82 40.51 -18.47
CA PHE D 395 -37.51 39.12 -18.14
C PHE D 395 -38.70 38.21 -18.37
N GLU D 396 -39.91 38.71 -18.17
CA GLU D 396 -41.10 37.94 -18.52
C GLU D 396 -41.08 37.56 -20.00
N PHE D 397 -40.75 38.53 -20.85
CA PHE D 397 -40.81 38.27 -22.28
C PHE D 397 -39.74 37.29 -22.70
N MET D 398 -38.54 37.37 -22.12
CA MET D 398 -37.54 36.36 -22.38
C MET D 398 -38.02 34.98 -21.91
N ASP D 399 -38.72 34.94 -20.77
CA ASP D 399 -39.31 33.69 -20.31
C ASP D 399 -40.32 33.14 -21.32
N LYS D 400 -41.13 34.03 -21.90
CA LYS D 400 -42.18 33.59 -22.82
C LYS D 400 -41.56 33.00 -24.08
N LEU D 401 -40.58 33.70 -24.65
CA LEU D 401 -39.91 33.18 -25.84
C LEU D 401 -39.26 31.83 -25.55
N GLY D 402 -38.64 31.69 -24.38
CA GLY D 402 -38.01 30.42 -24.05
C GLY D 402 -39.02 29.29 -23.98
N GLU D 403 -40.14 29.53 -23.31
CA GLU D 403 -41.19 28.52 -23.24
C GLU D 403 -41.63 28.11 -24.64
N ASN D 404 -41.92 29.10 -25.50
CA ASN D 404 -42.34 28.80 -26.86
C ASN D 404 -41.20 28.21 -27.68
N LEU D 405 -39.96 28.60 -27.38
CA LEU D 405 -38.83 28.03 -28.11
C LEU D 405 -38.66 26.55 -27.80
N LYS D 406 -38.73 26.18 -26.52
CA LYS D 406 -38.65 24.76 -26.17
C LYS D 406 -39.74 23.97 -26.88
N ILE D 407 -40.95 24.53 -26.95
CA ILE D 407 -42.05 23.84 -27.62
C ILE D 407 -41.77 23.71 -29.12
N LYS D 408 -41.26 24.79 -29.73
CA LYS D 408 -41.04 24.77 -31.17
C LYS D 408 -40.01 23.71 -31.55
N LEU D 409 -38.90 23.63 -30.81
CA LEU D 409 -37.84 22.70 -31.16
C LEU D 409 -38.27 21.26 -30.93
N ALA D 410 -39.18 21.02 -29.99
CA ALA D 410 -39.64 19.66 -29.73
C ALA D 410 -40.25 19.04 -30.97
N GLN D 411 -41.13 19.78 -31.65
CA GLN D 411 -42.00 19.19 -32.66
C GLN D 411 -41.29 18.89 -33.98
N ALA D 412 -39.98 19.11 -34.08
CA ALA D 412 -39.25 18.85 -35.32
C ALA D 412 -38.00 17.99 -35.17
N LYS D 413 -37.43 17.87 -33.97
CA LYS D 413 -36.24 17.03 -33.77
C LYS D 413 -35.74 17.14 -32.34
#